data_5W7C
#
_entry.id   5W7C
#
_cell.length_a   88.170
_cell.length_b   104.080
_cell.length_c   145.280
_cell.angle_alpha   90.00
_cell.angle_beta   90.00
_cell.angle_gamma   90.00
#
_symmetry.space_group_name_H-M   'P 21 21 21'
#
loop_
_entity.id
_entity.type
_entity.pdbx_description
1 polymer 'Acyloxyacyl hydrolase'
2 polymer 'Acyloxyacyl hydrolase'
3 branched 2-acetamido-2-deoxy-beta-D-glucopyranose-(1-4)-2-acetamido-2-deoxy-beta-D-glucopyranose
4 non-polymer 2-acetamido-2-deoxy-beta-D-glucopyranose
5 non-polymer '3-HYDROXY-TETRADECANOIC ACID'
6 non-polymer 'CALCIUM ION'
7 non-polymer 'LAURIC ACID'
8 water water
#
loop_
_entity_poly.entity_id
_entity_poly.type
_entity_poly.pdbx_seq_one_letter_code
_entity_poly.pdbx_strand_id
1 'polypeptide(L)'
;DRHHHHHHKLSPANDDQSRPSLSNGHTCVGCVLVVSVIEQLAQVHNSTVQASMERLCSYLPEKLFLKTTCYLVIDKFGSD
IIKLLSADMNADVVCHTLEFCKQNTGQPLCHLYPLPKETWKFTLQKARQIVKKSPILKY
;
A,B
2 'polypeptide(L)'
;SRSGSDICSLPVLAKICQKIKLAMEQSVPFKDVDSDKYSVFPTLRGYHWRGRDCNDSDESVYPGRRPNNWDVHQDSNCNG
IWGVDPKDGVPYEKKFCEGSQPRGIILLGDAAGAHFHISPEWITASQMSLNSFINLPTALTNELDWPQLSGATGFLDSTV
GIKEKSIYLRLWKRNHCNHRDYQNISRNGASSRNLKKFIESLSRNKVLDYPAIVIYAMIGNDVCSGKSDPVPAMTTPEKL
YSNVMQTLKHLNSHLPNGSHVILYGLPDGTFLWDNLHNRYHPLGQLNKDMTYAQLYSFLNCLQVSPCHGWMSSNKTLRTL
TSERAEQLSNTLKKIAASEKFTNFNLFYMDFAFHEIIQEWQKRGGQPWQLIEPVDGFHPNEVALLLLADHFWKKVQLQWP
QILGKENPFNPQIKQVFGDQGGH
;
C,D
#
loop_
_chem_comp.id
_chem_comp.type
_chem_comp.name
_chem_comp.formula
CA non-polymer 'CALCIUM ION' 'Ca 2'
DAO non-polymer 'LAURIC ACID' 'C12 H24 O2'
FTT non-polymer '3-HYDROXY-TETRADECANOIC ACID' 'C14 H28 O3'
NAG D-saccharide, beta linking 2-acetamido-2-deoxy-beta-D-glucopyranose 'C8 H15 N O6'
#
# COMPACT_ATOMS: atom_id res chain seq x y z
N LEU A 22 7.42 40.61 -24.21
CA LEU A 22 6.21 41.20 -24.78
C LEU A 22 5.04 40.25 -24.61
N SER A 23 5.06 39.13 -25.34
CA SER A 23 3.99 38.15 -25.31
C SER A 23 4.57 36.76 -25.22
N ASN A 24 4.12 35.99 -24.23
CA ASN A 24 4.52 34.60 -24.07
C ASN A 24 3.27 33.81 -23.66
N GLY A 25 3.48 32.55 -23.29
CA GLY A 25 2.38 31.70 -22.88
C GLY A 25 1.71 32.12 -21.58
N HIS A 26 2.44 32.82 -20.72
CA HIS A 26 1.87 33.24 -19.45
C HIS A 26 0.98 34.48 -19.60
N THR A 27 1.42 35.46 -20.39
CA THR A 27 0.57 36.62 -20.63
C THR A 27 -0.70 36.21 -21.38
N CYS A 28 -0.62 35.16 -22.20
CA CYS A 28 -1.81 34.68 -22.90
C CYS A 28 -2.80 34.05 -21.93
N VAL A 29 -2.32 33.16 -21.06
CA VAL A 29 -3.19 32.60 -20.01
C VAL A 29 -3.79 33.73 -19.19
N GLY A 30 -2.94 34.64 -18.70
CA GLY A 30 -3.43 35.72 -17.85
C GLY A 30 -4.51 36.53 -18.53
N CYS A 31 -4.26 36.98 -19.75
CA CYS A 31 -5.24 37.78 -20.47
C CYS A 31 -6.56 37.02 -20.61
N VAL A 32 -6.49 35.75 -21.03
CA VAL A 32 -7.70 34.96 -21.22
C VAL A 32 -8.45 34.83 -19.91
N LEU A 33 -7.73 34.65 -18.81
CA LEU A 33 -8.36 34.57 -17.49
C LEU A 33 -9.06 35.87 -17.14
N VAL A 34 -8.32 36.98 -17.23
CA VAL A 34 -8.86 38.29 -16.81
C VAL A 34 -10.06 38.65 -17.67
N VAL A 35 -9.91 38.58 -18.99
CA VAL A 35 -11.01 38.94 -19.88
C VAL A 35 -12.21 38.01 -19.65
N SER A 36 -11.94 36.73 -19.36
CA SER A 36 -13.03 35.80 -19.09
C SER A 36 -13.82 36.23 -17.86
N VAL A 37 -13.13 36.58 -16.79
CA VAL A 37 -13.80 37.04 -15.58
C VAL A 37 -14.58 38.32 -15.87
N ILE A 38 -13.97 39.25 -16.60
CA ILE A 38 -14.65 40.50 -16.95
C ILE A 38 -15.94 40.20 -17.70
N GLU A 39 -15.86 39.35 -18.73
CA GLU A 39 -17.03 39.03 -19.53
C GLU A 39 -18.11 38.37 -18.68
N GLN A 40 -17.71 37.44 -17.82
CA GLN A 40 -18.69 36.69 -17.04
C GLN A 40 -19.28 37.53 -15.90
N LEU A 41 -18.53 38.51 -15.39
CA LEU A 41 -19.09 39.41 -14.38
C LEU A 41 -20.20 40.26 -14.99
N ALA A 42 -19.96 40.82 -16.18
CA ALA A 42 -20.97 41.63 -16.84
C ALA A 42 -22.23 40.82 -17.10
N GLN A 43 -22.06 39.55 -17.45
CA GLN A 43 -23.22 38.67 -17.68
C GLN A 43 -23.95 38.38 -16.38
N VAL A 44 -23.21 37.96 -15.35
CA VAL A 44 -23.82 37.64 -14.06
C VAL A 44 -24.64 38.81 -13.56
N HIS A 45 -24.02 39.99 -13.50
CA HIS A 45 -24.69 41.19 -13.03
C HIS A 45 -25.43 41.94 -14.12
N ASN A 46 -25.56 41.33 -15.30
CA ASN A 46 -26.22 41.94 -16.46
C ASN A 46 -25.90 43.43 -16.53
N SER A 47 -24.62 43.73 -16.67
CA SER A 47 -24.12 45.09 -16.68
C SER A 47 -23.30 45.33 -17.93
N THR A 48 -22.82 46.56 -18.07
CA THR A 48 -21.89 46.89 -19.14
C THR A 48 -20.49 46.36 -18.80
N VAL A 49 -19.64 46.32 -19.81
CA VAL A 49 -18.27 45.87 -19.60
C VAL A 49 -17.51 46.87 -18.73
N GLN A 50 -17.72 48.17 -18.98
CA GLN A 50 -17.08 49.18 -18.15
C GLN A 50 -17.44 49.00 -16.69
N ALA A 51 -18.72 48.73 -16.40
CA ALA A 51 -19.14 48.52 -15.02
C ALA A 51 -18.58 47.23 -14.44
N SER A 52 -18.39 46.21 -15.28
CA SER A 52 -17.82 44.96 -14.80
C SER A 52 -16.36 45.13 -14.40
N MET A 53 -15.60 45.91 -15.17
CA MET A 53 -14.20 46.14 -14.84
C MET A 53 -14.09 47.00 -13.59
N GLU A 54 -14.98 47.98 -13.43
CA GLU A 54 -15.01 48.77 -12.20
C GLU A 54 -15.44 47.93 -11.01
N ARG A 55 -16.34 46.97 -11.24
CA ARG A 55 -16.74 46.05 -10.16
C ARG A 55 -15.55 45.20 -9.73
N LEU A 56 -14.85 44.61 -10.68
CA LEU A 56 -13.71 43.74 -10.36
C LEU A 56 -12.68 44.49 -9.52
N CYS A 57 -12.25 45.66 -9.99
CA CYS A 57 -11.25 46.42 -9.24
C CYS A 57 -11.75 46.80 -7.85
N SER A 58 -13.04 47.15 -7.74
CA SER A 58 -13.59 47.52 -6.45
C SER A 58 -13.56 46.36 -5.46
N TYR A 59 -13.54 45.12 -5.96
CA TYR A 59 -13.43 43.95 -5.09
C TYR A 59 -12.01 43.72 -4.59
N LEU A 60 -11.00 44.23 -5.28
CA LEU A 60 -9.63 43.91 -4.94
C LEU A 60 -9.13 44.82 -3.82
N PRO A 61 -8.38 44.29 -2.86
CA PRO A 61 -7.92 45.13 -1.74
C PRO A 61 -6.99 46.24 -2.20
N GLU A 62 -6.85 47.26 -1.34
CA GLU A 62 -5.82 48.26 -1.54
C GLU A 62 -4.43 47.69 -1.32
N LYS A 63 -4.33 46.64 -0.49
CA LYS A 63 -3.04 46.08 -0.14
C LYS A 63 -2.29 45.60 -1.39
N LEU A 64 -0.96 45.69 -1.33
CA LEU A 64 -0.08 45.23 -2.39
C LEU A 64 -0.36 45.91 -3.72
N PHE A 65 -1.03 47.06 -3.72
CA PHE A 65 -1.27 47.83 -4.93
C PHE A 65 -2.21 47.10 -5.89
N LEU A 66 -2.95 46.10 -5.40
CA LEU A 66 -3.77 45.28 -6.28
C LEU A 66 -4.92 46.10 -6.89
N LYS A 67 -5.62 46.87 -6.05
CA LYS A 67 -6.72 47.68 -6.57
C LYS A 67 -6.22 48.73 -7.55
N THR A 68 -5.17 49.45 -7.18
CA THR A 68 -4.62 50.48 -8.06
C THR A 68 -4.16 49.88 -9.38
N THR A 69 -3.40 48.79 -9.31
CA THR A 69 -2.95 48.11 -10.53
C THR A 69 -4.15 47.73 -11.40
N CYS A 70 -5.23 47.28 -10.78
CA CYS A 70 -6.42 46.92 -11.55
C CYS A 70 -6.97 48.11 -12.31
N TYR A 71 -7.02 49.28 -11.66
CA TYR A 71 -7.53 50.47 -12.33
C TYR A 71 -6.58 50.94 -13.43
N LEU A 72 -5.28 50.71 -13.27
CA LEU A 72 -4.32 51.11 -14.31
C LEU A 72 -4.45 50.23 -15.54
N VAL A 73 -4.78 48.95 -15.37
CA VAL A 73 -5.02 48.08 -16.52
C VAL A 73 -6.22 48.60 -17.32
N ILE A 74 -7.28 49.01 -16.62
CA ILE A 74 -8.42 49.61 -17.29
C ILE A 74 -7.99 50.85 -18.06
N ASP A 75 -7.18 51.70 -17.43
CA ASP A 75 -6.73 52.93 -18.09
C ASP A 75 -6.01 52.63 -19.40
N LYS A 76 -5.21 51.55 -19.43
CA LYS A 76 -4.45 51.23 -20.62
C LYS A 76 -5.26 50.41 -21.63
N PHE A 77 -5.93 49.36 -21.16
CA PHE A 77 -6.60 48.40 -22.05
C PHE A 77 -8.12 48.44 -21.98
N GLY A 78 -8.70 49.22 -21.06
CA GLY A 78 -10.14 49.15 -20.86
C GLY A 78 -10.94 49.48 -22.11
N SER A 79 -10.57 50.55 -22.80
CA SER A 79 -11.38 51.00 -23.93
C SER A 79 -11.40 49.98 -25.05
N ASP A 80 -10.26 49.33 -25.31
CA ASP A 80 -10.22 48.28 -26.33
C ASP A 80 -11.01 47.06 -25.90
N ILE A 81 -10.91 46.68 -24.62
CA ILE A 81 -11.68 45.55 -24.11
C ILE A 81 -13.18 45.82 -24.25
N ILE A 82 -13.61 47.03 -23.91
CA ILE A 82 -15.02 47.38 -24.04
C ILE A 82 -15.48 47.19 -25.47
N LYS A 83 -14.74 47.75 -26.44
CA LYS A 83 -15.17 47.70 -27.83
C LYS A 83 -15.28 46.26 -28.32
N LEU A 84 -14.30 45.41 -27.98
CA LEU A 84 -14.31 44.04 -28.46
C LEU A 84 -15.37 43.21 -27.74
N LEU A 85 -15.47 43.33 -26.42
CA LEU A 85 -16.44 42.51 -25.69
C LEU A 85 -17.87 42.96 -25.96
N SER A 86 -18.08 44.25 -26.26
CA SER A 86 -19.42 44.71 -26.62
C SER A 86 -19.81 44.29 -28.04
N ALA A 87 -18.86 43.82 -28.85
CA ALA A 87 -19.15 43.25 -30.15
C ALA A 87 -19.30 41.73 -30.08
N ASP A 88 -19.41 41.16 -28.88
CA ASP A 88 -19.62 39.73 -28.69
C ASP A 88 -18.49 38.91 -29.31
N MET A 89 -17.27 39.25 -28.94
CA MET A 89 -16.10 38.44 -29.23
C MET A 89 -15.55 37.89 -27.91
N ASN A 90 -15.18 36.61 -27.92
CA ASN A 90 -14.82 35.94 -26.68
C ASN A 90 -13.38 36.29 -26.27
N ALA A 91 -12.98 35.80 -25.10
CA ALA A 91 -11.68 36.15 -24.54
C ALA A 91 -10.54 35.75 -25.49
N ASP A 92 -10.70 34.67 -26.24
CA ASP A 92 -9.67 34.27 -27.19
C ASP A 92 -9.43 35.35 -28.23
N VAL A 93 -10.51 35.85 -28.84
CA VAL A 93 -10.36 36.87 -29.88
C VAL A 93 -9.77 38.15 -29.29
N VAL A 94 -10.22 38.53 -28.09
CA VAL A 94 -9.72 39.73 -27.45
C VAL A 94 -8.22 39.65 -27.26
N CYS A 95 -7.74 38.56 -26.65
CA CYS A 95 -6.34 38.47 -26.28
C CYS A 95 -5.43 38.31 -27.48
N HIS A 96 -5.92 37.69 -28.56
CA HIS A 96 -5.14 37.66 -29.80
C HIS A 96 -5.13 39.04 -30.45
N THR A 97 -6.29 39.70 -30.50
CA THR A 97 -6.36 41.03 -31.08
C THR A 97 -5.42 42.00 -30.38
N LEU A 98 -5.39 41.96 -29.04
CA LEU A 98 -4.56 42.86 -28.26
C LEU A 98 -3.12 42.38 -28.14
N GLU A 99 -2.77 41.28 -28.81
CA GLU A 99 -1.40 40.77 -28.89
C GLU A 99 -0.91 40.15 -27.57
N PHE A 100 -1.82 39.80 -26.67
CA PHE A 100 -1.43 39.02 -25.50
C PHE A 100 -1.15 37.57 -25.89
N CYS A 101 -1.88 37.04 -26.88
CA CYS A 101 -1.59 35.76 -27.48
C CYS A 101 -1.20 35.98 -28.93
N LYS A 102 -0.30 35.15 -29.45
CA LYS A 102 0.22 35.32 -30.80
C LYS A 102 0.38 33.95 -31.44
N GLN A 103 -0.30 33.73 -32.56
CA GLN A 103 -0.14 32.51 -33.34
C GLN A 103 1.00 32.72 -34.32
N ASN A 104 2.12 32.06 -34.08
CA ASN A 104 3.28 32.19 -34.95
C ASN A 104 3.09 31.37 -36.22
N THR A 105 3.86 31.71 -37.24
CA THR A 105 3.72 31.07 -38.55
C THR A 105 3.85 29.56 -38.43
N GLY A 106 2.87 28.84 -38.96
CA GLY A 106 2.87 27.39 -38.95
C GLY A 106 2.54 26.74 -37.64
N GLN A 107 2.68 27.46 -36.52
CA GLN A 107 2.40 26.89 -35.21
C GLN A 107 0.89 26.77 -34.99
N PRO A 108 0.46 25.81 -34.18
CA PRO A 108 -0.98 25.63 -33.98
C PRO A 108 -1.62 26.83 -33.28
N LEU A 109 -2.94 26.90 -33.40
CA LEU A 109 -3.72 27.99 -32.82
C LEU A 109 -4.07 27.64 -31.38
N CYS A 110 -3.63 28.47 -30.44
CA CYS A 110 -3.90 28.25 -29.02
C CYS A 110 -5.15 28.99 -28.61
N HIS A 111 -6.11 28.27 -28.04
CA HIS A 111 -7.41 28.83 -27.68
C HIS A 111 -7.99 28.03 -26.52
N LEU A 112 -8.79 28.70 -25.70
CA LEU A 112 -9.38 28.07 -24.53
C LEU A 112 -10.84 27.70 -24.70
N TYR A 113 -11.58 28.39 -25.56
CA TYR A 113 -12.98 28.09 -25.79
C TYR A 113 -13.18 27.51 -27.19
N PRO A 114 -14.28 26.80 -27.42
CA PRO A 114 -14.52 26.21 -28.75
C PRO A 114 -14.34 27.24 -29.85
N LEU A 115 -13.61 26.85 -30.90
CA LEU A 115 -13.14 27.77 -31.92
C LEU A 115 -13.53 27.26 -33.29
N PRO A 116 -14.37 27.96 -34.05
CA PRO A 116 -14.65 27.55 -35.43
C PRO A 116 -13.53 27.97 -36.36
N LYS A 117 -12.79 26.99 -36.88
CA LYS A 117 -11.60 27.29 -37.66
C LYS A 117 -11.91 27.96 -38.99
N GLU A 118 -13.07 27.65 -39.57
CA GLU A 118 -13.41 28.23 -40.88
C GLU A 118 -13.50 29.74 -40.83
N THR A 119 -13.94 30.31 -39.71
CA THR A 119 -14.20 31.73 -39.59
C THR A 119 -13.25 32.46 -38.64
N TRP A 120 -12.26 31.77 -38.08
CA TRP A 120 -11.40 32.40 -37.08
C TRP A 120 -10.69 33.62 -37.67
N LYS A 121 -10.09 33.47 -38.85
CA LYS A 121 -9.33 34.58 -39.43
C LYS A 121 -10.25 35.74 -39.79
N PHE A 122 -11.46 35.46 -40.25
CA PHE A 122 -12.41 36.53 -40.51
C PHE A 122 -12.80 37.23 -39.22
N THR A 123 -13.02 36.48 -38.15
CA THR A 123 -13.31 37.08 -36.85
C THR A 123 -12.15 37.95 -36.39
N LEU A 124 -10.93 37.44 -36.51
CA LEU A 124 -9.76 38.22 -36.11
C LEU A 124 -9.62 39.47 -36.98
N GLN A 125 -9.90 39.35 -38.27
CA GLN A 125 -9.89 40.52 -39.15
C GLN A 125 -10.88 41.58 -38.65
N LYS A 126 -12.10 41.16 -38.32
CA LYS A 126 -13.08 42.11 -37.80
C LYS A 126 -12.63 42.72 -36.49
N ALA A 127 -12.04 41.90 -35.61
CA ALA A 127 -11.60 42.40 -34.31
C ALA A 127 -10.55 43.48 -34.45
N ARG A 128 -9.61 43.31 -35.40
CA ARG A 128 -8.58 44.33 -35.61
C ARG A 128 -9.19 45.63 -36.11
N GLN A 129 -10.21 45.53 -36.97
CA GLN A 129 -10.87 46.74 -37.47
C GLN A 129 -11.58 47.50 -36.35
N ILE A 130 -12.08 46.78 -35.35
CA ILE A 130 -12.81 47.44 -34.26
C ILE A 130 -11.87 48.32 -33.45
N VAL A 131 -10.67 47.83 -33.14
CA VAL A 131 -9.71 48.57 -32.32
C VAL A 131 -8.75 49.39 -33.17
N LYS A 132 -8.98 49.45 -34.48
CA LYS A 132 -8.11 50.21 -35.37
C LYS A 132 -8.35 51.70 -35.19
N GLY B 4 14.72 53.53 -13.92
CA GLY B 4 14.60 54.88 -13.41
C GLY B 4 13.39 55.06 -12.51
N SER B 5 12.35 54.25 -12.76
CA SER B 5 11.10 54.36 -12.00
C SER B 5 11.12 53.56 -10.71
N ASP B 6 11.81 52.41 -10.70
CA ASP B 6 11.63 51.44 -9.63
C ASP B 6 11.97 52.05 -8.27
N ILE B 7 11.09 51.81 -7.31
CA ILE B 7 11.33 52.21 -5.93
C ILE B 7 12.62 51.59 -5.39
N CYS B 8 12.99 50.41 -5.88
CA CYS B 8 14.06 49.66 -5.25
C CYS B 8 15.42 50.34 -5.37
N SER B 9 15.50 51.49 -6.06
CA SER B 9 16.69 52.32 -6.06
C SER B 9 16.51 53.56 -5.19
N LEU B 10 15.43 53.64 -4.42
CA LEU B 10 15.18 54.76 -3.53
C LEU B 10 16.08 54.67 -2.30
N PRO B 11 16.24 55.77 -1.57
CA PRO B 11 17.19 55.77 -0.43
C PRO B 11 16.92 54.69 0.60
N VAL B 12 15.74 54.71 1.22
CA VAL B 12 15.47 53.79 2.33
C VAL B 12 14.95 52.44 1.83
N LEU B 13 14.14 52.44 0.77
CA LEU B 13 13.52 51.22 0.29
C LEU B 13 14.49 50.30 -0.44
N ALA B 14 15.69 50.78 -0.81
CA ALA B 14 16.63 49.96 -1.55
C ALA B 14 17.08 48.76 -0.72
N LYS B 15 17.42 48.99 0.56
CA LYS B 15 17.85 47.90 1.41
C LYS B 15 16.69 46.98 1.79
N ILE B 16 15.48 47.53 1.93
CA ILE B 16 14.31 46.70 2.16
C ILE B 16 14.05 45.81 0.95
N CYS B 17 14.15 46.39 -0.26
CA CYS B 17 13.97 45.61 -1.47
C CYS B 17 14.92 44.41 -1.51
N GLN B 18 16.22 44.68 -1.40
CA GLN B 18 17.20 43.60 -1.49
C GLN B 18 16.98 42.55 -0.41
N LYS B 19 16.61 42.98 0.80
CA LYS B 19 16.37 42.03 1.88
C LYS B 19 15.21 41.09 1.53
N ILE B 20 14.14 41.63 0.94
CA ILE B 20 13.01 40.80 0.54
C ILE B 20 13.43 39.81 -0.54
N LYS B 21 14.10 40.30 -1.59
CA LYS B 21 14.50 39.42 -2.68
C LYS B 21 15.44 38.33 -2.18
N LEU B 22 16.44 38.70 -1.38
CA LEU B 22 17.34 37.71 -0.82
C LEU B 22 16.57 36.65 -0.02
N ALA B 23 15.61 37.09 0.79
CA ALA B 23 14.82 36.14 1.58
C ALA B 23 14.09 35.15 0.68
N MET B 24 13.48 35.65 -0.40
CA MET B 24 12.74 34.76 -1.29
C MET B 24 13.68 33.86 -2.07
N GLU B 25 14.82 34.39 -2.52
CA GLU B 25 15.82 33.56 -3.18
C GLU B 25 16.21 32.38 -2.31
N GLN B 26 16.43 32.62 -1.01
CA GLN B 26 16.87 31.59 -0.09
C GLN B 26 15.73 30.87 0.62
N SER B 27 14.49 31.32 0.44
CA SER B 27 13.33 30.72 1.10
C SER B 27 13.49 30.76 2.63
N VAL B 28 13.85 31.94 3.13
CA VAL B 28 13.94 32.18 4.56
C VAL B 28 13.08 33.40 4.89
N PRO B 29 12.63 33.54 6.13
CA PRO B 29 11.75 34.66 6.47
C PRO B 29 12.39 36.01 6.19
N PHE B 30 11.60 36.92 5.63
CA PHE B 30 12.04 38.30 5.46
C PHE B 30 12.14 39.00 6.80
N LYS B 31 11.17 38.77 7.69
CA LYS B 31 11.17 39.36 9.03
C LYS B 31 11.80 38.36 9.99
N ASP B 32 13.06 38.61 10.35
CA ASP B 32 13.88 37.67 11.08
C ASP B 32 15.08 38.40 11.66
N VAL B 33 14.88 39.09 12.78
CA VAL B 33 15.89 40.01 13.29
C VAL B 33 17.13 39.23 13.73
N ASP B 34 16.95 38.17 14.50
CA ASP B 34 18.08 37.37 14.98
C ASP B 34 18.58 36.38 13.94
N SER B 35 17.93 36.28 12.77
CA SER B 35 18.44 35.49 11.64
C SER B 35 18.56 34.01 12.01
N ASP B 36 17.58 33.48 12.73
CA ASP B 36 17.51 32.05 13.01
C ASP B 36 16.50 31.34 12.12
N LYS B 37 15.94 32.03 11.13
CA LYS B 37 15.03 31.49 10.12
C LYS B 37 13.63 31.27 10.67
N TYR B 38 13.32 31.76 11.87
CA TYR B 38 11.96 31.75 12.39
C TYR B 38 11.50 33.20 12.56
N SER B 39 10.22 33.44 12.30
CA SER B 39 9.72 34.79 12.14
C SER B 39 8.55 35.06 13.09
N VAL B 40 8.29 36.35 13.32
CA VAL B 40 7.10 36.79 14.03
C VAL B 40 5.98 37.18 13.08
N PHE B 41 6.28 37.35 11.77
CA PHE B 41 5.37 37.69 10.68
C PHE B 41 4.89 36.41 10.00
N PRO B 42 3.62 36.33 9.55
CA PRO B 42 3.13 35.06 9.00
C PRO B 42 3.68 34.70 7.62
N THR B 43 3.57 35.61 6.66
CA THR B 43 3.89 35.29 5.28
C THR B 43 5.36 35.64 5.00
N LEU B 44 5.72 35.65 3.72
CA LEU B 44 7.11 35.85 3.31
C LEU B 44 8.02 34.88 4.04
N ARG B 45 7.66 33.59 3.95
CA ARG B 45 8.41 32.51 4.57
C ARG B 45 8.39 32.59 6.10
N GLY B 46 7.39 33.28 6.66
CA GLY B 46 7.27 33.45 8.09
C GLY B 46 6.62 32.28 8.78
N TYR B 47 5.92 32.58 9.88
CA TYR B 47 5.46 31.51 10.77
C TYR B 47 4.29 30.70 10.19
N HIS B 48 3.75 31.11 9.04
CA HIS B 48 2.88 30.22 8.29
C HIS B 48 3.64 29.00 7.81
N TRP B 49 4.95 29.14 7.62
CA TRP B 49 5.80 28.07 7.13
C TRP B 49 6.53 27.33 8.25
N ARG B 50 6.89 28.01 9.33
CA ARG B 50 7.60 27.40 10.45
C ARG B 50 7.01 27.90 11.75
N GLY B 51 7.47 27.31 12.85
CA GLY B 51 7.01 27.75 14.15
C GLY B 51 7.30 29.23 14.37
N ARG B 52 6.37 29.91 15.01
CA ARG B 52 6.54 31.33 15.33
C ARG B 52 7.70 31.50 16.31
N ASP B 53 8.58 32.44 16.00
CA ASP B 53 9.70 32.74 16.89
C ASP B 53 9.20 33.46 18.13
N CYS B 54 9.36 32.83 19.30
CA CYS B 54 8.92 33.44 20.54
C CYS B 54 9.86 34.55 21.01
N ASN B 55 11.07 34.63 20.46
CA ASN B 55 11.99 35.72 20.78
C ASN B 55 12.82 36.00 19.53
N ASP B 56 12.37 36.96 18.73
CA ASP B 56 13.06 37.33 17.51
C ASP B 56 14.32 38.13 17.76
N SER B 57 14.70 38.34 19.03
CA SER B 57 15.94 39.02 19.38
C SER B 57 16.93 38.09 20.08
N ASP B 58 16.79 36.78 19.88
CA ASP B 58 17.70 35.81 20.47
C ASP B 58 17.82 34.63 19.50
N GLU B 59 18.94 34.59 18.77
CA GLU B 59 19.17 33.50 17.83
C GLU B 59 19.21 32.14 18.51
N SER B 60 19.45 32.11 19.82
CA SER B 60 19.48 30.86 20.57
C SER B 60 18.10 30.44 21.05
N VAL B 61 17.04 31.13 20.63
CA VAL B 61 15.67 30.80 20.99
C VAL B 61 14.88 30.61 19.70
N TYR B 62 14.36 29.41 19.50
CA TYR B 62 13.58 29.09 18.32
C TYR B 62 12.95 27.71 18.51
N PRO B 63 11.90 27.40 17.76
CA PRO B 63 11.28 26.07 17.89
C PRO B 63 12.26 24.96 17.56
N GLY B 64 12.15 23.85 18.31
CA GLY B 64 12.95 22.68 18.06
C GLY B 64 14.24 22.58 18.85
N ARG B 65 14.65 23.65 19.53
CA ARG B 65 15.89 23.64 20.27
C ARG B 65 15.72 22.85 21.57
N ARG B 66 16.80 22.20 22.00
CA ARG B 66 16.79 21.57 23.30
C ARG B 66 16.76 22.64 24.39
N PRO B 67 16.04 22.41 25.49
CA PRO B 67 15.88 23.48 26.49
C PRO B 67 17.23 23.99 26.99
N ASN B 68 17.31 25.31 27.17
CA ASN B 68 18.50 25.95 27.71
C ASN B 68 18.40 25.91 29.23
N ASN B 69 19.04 24.91 29.84
CA ASN B 69 19.01 24.74 31.29
C ASN B 69 17.57 24.60 31.78
N TRP B 70 16.77 23.85 31.03
CA TRP B 70 15.38 23.52 31.38
C TRP B 70 14.47 24.74 31.39
N ASP B 71 14.82 25.78 30.63
CA ASP B 71 13.96 26.95 30.44
C ASP B 71 13.51 27.53 31.79
N VAL B 72 14.48 27.73 32.68
CA VAL B 72 14.18 28.34 33.98
C VAL B 72 13.70 29.77 33.79
N HIS B 73 14.46 30.58 33.04
CA HIS B 73 14.17 32.00 32.89
C HIS B 73 13.60 32.36 31.53
N GLN B 74 13.69 31.48 30.53
CA GLN B 74 13.16 31.77 29.21
C GLN B 74 12.68 30.48 28.56
N ASP B 75 11.62 30.60 27.77
CA ASP B 75 11.16 29.51 26.92
C ASP B 75 12.04 29.49 25.68
N SER B 76 13.07 28.65 25.70
CA SER B 76 14.09 28.67 24.66
C SER B 76 13.68 27.93 23.40
N ASN B 77 12.60 27.14 23.42
CA ASN B 77 12.14 26.41 22.24
C ASN B 77 10.71 26.75 21.85
N CYS B 78 10.17 27.86 22.37
CA CYS B 78 8.91 28.41 21.91
C CYS B 78 7.75 27.43 22.02
N ASN B 79 7.86 26.40 22.87
CA ASN B 79 6.76 25.46 23.06
C ASN B 79 5.82 25.89 24.18
N GLY B 80 6.01 27.08 24.74
CA GLY B 80 5.14 27.58 25.79
C GLY B 80 5.40 27.00 27.15
N ILE B 81 6.32 26.05 27.28
CA ILE B 81 6.61 25.40 28.55
C ILE B 81 7.92 26.00 29.08
N TRP B 82 7.87 26.59 30.26
CA TRP B 82 9.06 27.14 30.90
C TRP B 82 8.72 27.44 32.35
N GLY B 83 9.63 28.12 33.04
CA GLY B 83 9.42 28.46 34.44
C GLY B 83 9.67 27.29 35.37
N VAL B 84 9.36 27.52 36.63
CA VAL B 84 9.58 26.55 37.69
C VAL B 84 8.28 26.34 38.45
N ASP B 85 8.00 25.10 38.82
CA ASP B 85 6.84 24.80 39.65
C ASP B 85 7.13 25.18 41.09
N PRO B 86 6.42 26.16 41.68
CA PRO B 86 6.70 26.52 43.07
C PRO B 86 6.42 25.42 44.06
N LYS B 87 5.57 24.45 43.69
CA LYS B 87 5.23 23.36 44.59
C LYS B 87 6.48 22.62 45.05
N ASP B 88 7.42 22.38 44.13
CA ASP B 88 8.66 21.67 44.47
C ASP B 88 9.91 22.28 43.86
N GLY B 89 9.80 23.42 43.17
CA GLY B 89 10.98 24.05 42.58
C GLY B 89 11.53 23.36 41.35
N VAL B 90 10.82 22.39 40.79
CA VAL B 90 11.30 21.66 39.62
C VAL B 90 10.94 22.45 38.36
N PRO B 91 11.87 22.58 37.40
CA PRO B 91 11.52 23.24 36.14
C PRO B 91 10.40 22.49 35.42
N TYR B 92 9.44 23.25 34.89
CA TYR B 92 8.29 22.64 34.23
C TYR B 92 8.72 21.82 33.01
N GLU B 93 9.69 22.33 32.24
CA GLU B 93 10.12 21.59 31.07
C GLU B 93 10.79 20.27 31.46
N LYS B 94 11.47 20.24 32.61
CA LYS B 94 12.12 19.01 33.05
C LYS B 94 11.09 17.94 33.39
N LYS B 95 10.09 18.28 34.20
CA LYS B 95 9.15 17.27 34.66
C LYS B 95 8.11 16.92 33.61
N PHE B 96 7.80 17.84 32.70
CA PHE B 96 6.78 17.60 31.69
C PHE B 96 7.33 17.12 30.35
N CYS B 97 8.59 17.41 30.02
CA CYS B 97 9.14 17.08 28.72
C CYS B 97 10.34 16.14 28.76
N GLU B 98 11.15 16.18 29.82
CA GLU B 98 12.29 15.28 29.89
C GLU B 98 11.83 13.82 29.83
N GLY B 99 12.49 13.03 28.99
CA GLY B 99 12.14 11.65 28.81
C GLY B 99 11.00 11.39 27.85
N SER B 100 10.30 12.44 27.41
CA SER B 100 9.25 12.29 26.41
C SER B 100 9.80 12.21 24.99
N GLN B 101 11.07 12.57 24.79
CA GLN B 101 11.70 12.55 23.48
C GLN B 101 10.93 13.41 22.48
N PRO B 102 10.93 14.73 22.65
CA PRO B 102 10.29 15.60 21.66
C PRO B 102 10.97 15.49 20.31
N ARG B 103 10.23 15.89 19.28
CA ARG B 103 10.77 15.88 17.92
C ARG B 103 9.96 16.84 17.07
N GLY B 104 10.62 17.40 16.07
CA GLY B 104 9.97 18.26 15.10
C GLY B 104 9.56 17.50 13.85
N ILE B 105 8.70 18.14 13.08
CA ILE B 105 8.31 17.64 11.75
C ILE B 105 8.87 18.60 10.73
N ILE B 106 9.56 18.05 9.73
CA ILE B 106 10.13 18.82 8.63
C ILE B 106 9.63 18.22 7.33
N LEU B 107 9.12 19.07 6.45
CA LEU B 107 8.69 18.65 5.12
C LEU B 107 9.66 19.22 4.09
N LEU B 108 10.27 18.33 3.31
CA LEU B 108 11.03 18.71 2.13
C LEU B 108 10.13 18.37 0.95
N GLY B 109 9.43 19.38 0.43
CA GLY B 109 8.35 19.12 -0.49
C GLY B 109 8.21 20.09 -1.65
N ASP B 110 7.11 19.97 -2.37
CA ASP B 110 6.85 20.76 -3.57
C ASP B 110 5.55 21.54 -3.44
N ALA B 111 4.94 21.89 -4.57
CA ALA B 111 3.72 22.69 -4.53
C ALA B 111 2.62 22.00 -3.73
N ALA B 112 2.56 20.68 -3.76
CA ALA B 112 1.53 19.96 -3.02
C ALA B 112 1.81 20.00 -1.52
N GLY B 113 3.08 19.83 -1.13
CA GLY B 113 3.41 19.86 0.28
C GLY B 113 3.20 21.23 0.89
N ALA B 114 3.52 22.30 0.15
CA ALA B 114 3.21 23.65 0.58
C ALA B 114 1.74 24.00 0.39
N HIS B 115 0.96 23.12 -0.24
CA HIS B 115 -0.47 23.33 -0.48
C HIS B 115 -0.70 24.56 -1.38
N PHE B 116 -0.25 24.40 -2.63
CA PHE B 116 -0.52 25.40 -3.65
C PHE B 116 -2.02 25.41 -3.95
N HIS B 117 -2.64 26.60 -3.87
CA HIS B 117 -4.08 26.69 -4.00
C HIS B 117 -4.44 28.08 -4.53
N ILE B 118 -4.97 28.13 -5.75
CA ILE B 118 -5.63 29.31 -6.26
C ILE B 118 -7.12 29.16 -5.93
N SER B 119 -7.66 30.11 -5.20
CA SER B 119 -9.04 30.00 -4.76
C SER B 119 -9.98 30.15 -5.95
N PRO B 120 -10.92 29.21 -6.15
CA PRO B 120 -11.91 29.41 -7.21
C PRO B 120 -12.75 30.65 -7.01
N GLU B 121 -12.86 31.15 -5.78
CA GLU B 121 -13.58 32.38 -5.53
C GLU B 121 -12.98 33.57 -6.26
N TRP B 122 -11.68 33.51 -6.59
CA TRP B 122 -11.02 34.61 -7.27
C TRP B 122 -11.39 34.72 -8.75
N ILE B 123 -11.92 33.66 -9.35
CA ILE B 123 -12.13 33.61 -10.79
C ILE B 123 -13.52 33.13 -11.18
N THR B 124 -14.40 32.86 -10.22
CA THR B 124 -15.76 32.39 -10.50
C THR B 124 -16.70 33.58 -10.32
N ALA B 125 -17.14 34.16 -11.45
CA ALA B 125 -17.90 35.40 -11.40
C ALA B 125 -19.23 35.25 -10.68
N SER B 126 -19.86 34.07 -10.79
CA SER B 126 -21.20 33.89 -10.22
C SER B 126 -21.22 34.19 -8.73
N GLN B 127 -20.16 33.83 -8.01
CA GLN B 127 -20.11 34.02 -6.57
C GLN B 127 -19.16 35.12 -6.13
N MET B 128 -18.50 35.79 -7.06
CA MET B 128 -17.47 36.77 -6.70
C MET B 128 -18.10 37.93 -5.94
N SER B 129 -17.37 38.42 -4.95
CA SER B 129 -17.81 39.55 -4.13
C SER B 129 -16.58 40.21 -3.52
N LEU B 130 -16.82 41.17 -2.63
CA LEU B 130 -15.72 41.81 -1.92
C LEU B 130 -14.98 40.81 -1.02
N ASN B 131 -15.72 39.87 -0.43
CA ASN B 131 -15.10 38.89 0.45
C ASN B 131 -14.18 37.94 -0.30
N SER B 132 -14.33 37.83 -1.62
CA SER B 132 -13.61 36.81 -2.36
C SER B 132 -12.11 37.01 -2.30
N PHE B 133 -11.65 38.26 -2.24
CA PHE B 133 -10.24 38.58 -2.41
C PHE B 133 -9.57 39.05 -1.12
N ILE B 134 -10.25 38.90 0.02
CA ILE B 134 -9.64 39.32 1.28
C ILE B 134 -8.40 38.49 1.59
N ASN B 135 -8.40 37.22 1.18
CA ASN B 135 -7.27 36.33 1.42
C ASN B 135 -6.19 36.44 0.35
N LEU B 136 -6.38 37.26 -0.67
CA LEU B 136 -5.47 37.29 -1.80
C LEU B 136 -4.10 37.85 -1.42
N PRO B 137 -4.03 38.95 -0.65
CA PRO B 137 -2.70 39.44 -0.25
C PRO B 137 -1.88 38.43 0.53
N THR B 138 -2.50 37.69 1.45
CA THR B 138 -1.78 36.65 2.18
C THR B 138 -1.25 35.58 1.23
N ALA B 139 -2.09 35.14 0.29
CA ALA B 139 -1.69 34.06 -0.62
C ALA B 139 -0.54 34.49 -1.52
N LEU B 140 -0.58 35.73 -2.03
CA LEU B 140 0.47 36.19 -2.92
C LEU B 140 1.81 36.26 -2.18
N THR B 141 1.82 36.82 -0.97
CA THR B 141 3.05 36.90 -0.20
C THR B 141 3.48 35.54 0.34
N ASN B 142 2.62 34.52 0.23
CA ASN B 142 2.98 33.14 0.50
C ASN B 142 3.28 32.36 -0.78
N GLU B 143 3.50 33.06 -1.90
CA GLU B 143 3.83 32.40 -3.16
C GLU B 143 2.67 31.51 -3.63
N LEU B 144 1.45 31.89 -3.26
CA LEU B 144 0.23 31.15 -3.56
C LEU B 144 0.18 29.79 -2.87
N ASP B 145 0.99 29.60 -1.85
CA ASP B 145 0.96 28.41 -1.02
C ASP B 145 0.22 28.69 0.28
N TRP B 146 -0.33 27.63 0.87
CA TRP B 146 -1.08 27.71 2.12
C TRP B 146 -0.53 26.69 3.10
N PRO B 147 0.76 26.81 3.46
CA PRO B 147 1.36 25.83 4.38
C PRO B 147 0.68 25.81 5.73
N GLN B 148 0.14 26.95 6.18
CA GLN B 148 -0.57 26.97 7.46
C GLN B 148 -1.83 26.12 7.44
N LEU B 149 -2.22 25.58 6.28
CA LEU B 149 -3.34 24.66 6.16
C LEU B 149 -2.93 23.34 5.51
N SER B 150 -1.63 23.11 5.32
CA SER B 150 -1.18 21.94 4.59
C SER B 150 -1.36 20.68 5.43
N GLY B 151 -1.26 19.53 4.76
CA GLY B 151 -1.43 18.25 5.43
C GLY B 151 -0.28 17.87 6.33
N ALA B 152 0.90 18.43 6.11
CA ALA B 152 2.06 18.13 6.93
C ALA B 152 2.25 19.12 8.08
N THR B 153 2.11 20.42 7.82
CA THR B 153 2.48 21.45 8.78
C THR B 153 1.34 22.42 9.07
N GLY B 154 0.10 22.07 8.70
CA GLY B 154 -1.01 22.97 8.95
C GLY B 154 -1.29 23.10 10.44
N PHE B 155 -1.64 24.32 10.85
CA PHE B 155 -1.97 24.58 12.25
C PHE B 155 -3.20 25.46 12.44
N LEU B 156 -3.75 26.07 11.39
CA LEU B 156 -4.99 26.83 11.52
C LEU B 156 -6.18 25.88 11.43
N ASP B 157 -7.35 26.41 11.81
CA ASP B 157 -8.58 25.64 11.70
C ASP B 157 -8.96 25.49 10.23
N SER B 158 -9.34 24.27 9.85
CA SER B 158 -9.53 23.94 8.45
C SER B 158 -10.75 24.63 7.86
N THR B 159 -10.67 24.95 6.57
CA THR B 159 -11.82 25.48 5.85
C THR B 159 -12.82 24.37 5.56
N VAL B 160 -12.32 23.21 5.12
CA VAL B 160 -13.19 22.09 4.74
C VAL B 160 -13.81 21.46 5.98
N GLY B 161 -14.90 20.73 5.76
CA GLY B 161 -15.57 20.00 6.82
C GLY B 161 -15.13 18.56 6.94
N ILE B 162 -13.88 18.32 7.30
CA ILE B 162 -13.42 17.01 7.75
C ILE B 162 -12.51 17.22 8.95
N LYS B 163 -12.56 16.28 9.89
CA LYS B 163 -11.94 16.47 11.20
C LYS B 163 -10.44 16.23 11.19
N GLU B 164 -9.91 15.52 10.20
CA GLU B 164 -8.51 15.12 10.23
C GLU B 164 -7.59 16.33 10.38
N LYS B 165 -6.50 16.13 11.10
CA LYS B 165 -5.52 17.17 11.38
C LYS B 165 -4.23 16.90 10.61
N SER B 166 -3.38 17.93 10.56
CA SER B 166 -2.08 17.80 9.92
C SER B 166 -1.16 16.92 10.74
N ILE B 167 -0.07 16.47 10.12
CA ILE B 167 0.91 15.66 10.83
C ILE B 167 1.45 16.41 12.03
N TYR B 168 1.73 17.71 11.86
CA TYR B 168 2.27 18.49 12.97
C TYR B 168 1.32 18.47 14.16
N LEU B 169 0.04 18.77 13.94
CA LEU B 169 -0.90 18.86 15.05
C LEU B 169 -1.16 17.50 15.68
N ARG B 170 -1.01 16.42 14.91
CA ARG B 170 -1.09 15.09 15.51
C ARG B 170 0.16 14.80 16.32
N LEU B 171 1.29 15.39 15.95
CA LEU B 171 2.53 15.21 16.71
C LEU B 171 2.50 16.06 17.98
N TRP B 172 1.94 17.27 17.92
CA TRP B 172 1.75 18.04 19.14
C TRP B 172 0.77 17.35 20.08
N LYS B 173 -0.33 16.82 19.53
CA LYS B 173 -1.32 16.15 20.37
C LYS B 173 -0.70 14.97 21.10
N ARG B 174 0.14 14.19 20.42
CA ARG B 174 0.80 13.06 21.07
C ARG B 174 1.71 13.53 22.19
N ASN B 175 2.49 14.59 21.94
CA ASN B 175 3.43 15.13 22.92
C ASN B 175 3.37 16.64 22.80
N HIS B 176 2.71 17.29 23.76
CA HIS B 176 2.50 18.73 23.70
C HIS B 176 3.79 19.52 23.74
N CYS B 177 4.92 18.90 24.12
CA CYS B 177 6.19 19.59 24.11
C CYS B 177 6.65 19.96 22.70
N ASN B 178 6.05 19.35 21.67
CA ASN B 178 6.39 19.63 20.29
C ASN B 178 5.70 20.88 19.74
N HIS B 179 4.97 21.61 20.57
CA HIS B 179 4.27 22.82 20.15
C HIS B 179 5.18 23.73 19.35
N ARG B 180 4.75 24.08 18.13
CA ARG B 180 5.39 25.01 17.21
C ARG B 180 6.58 24.41 16.46
N ASP B 181 6.93 23.15 16.70
CA ASP B 181 8.13 22.57 16.07
C ASP B 181 7.74 21.96 14.71
N TYR B 182 7.47 22.86 13.76
CA TYR B 182 7.18 22.47 12.40
C TYR B 182 8.00 23.34 11.44
N GLN B 183 8.29 22.78 10.27
CA GLN B 183 8.97 23.50 9.19
C GLN B 183 8.47 22.94 7.87
N ASN B 184 7.94 23.81 7.01
CA ASN B 184 7.55 23.42 5.66
C ASN B 184 8.61 23.99 4.71
N ILE B 185 9.60 23.15 4.39
CA ILE B 185 10.68 23.53 3.49
C ILE B 185 10.32 23.05 2.10
N SER B 186 9.42 23.78 1.42
CA SER B 186 8.92 23.38 0.12
C SER B 186 8.91 24.58 -0.83
N ARG B 187 9.06 24.27 -2.11
CA ARG B 187 8.93 25.25 -3.18
C ARG B 187 8.02 24.68 -4.26
N ASN B 188 7.30 25.57 -4.95
CA ASN B 188 6.32 25.11 -5.93
C ASN B 188 6.96 24.23 -6.99
N GLY B 189 8.17 24.58 -7.44
CA GLY B 189 8.83 23.83 -8.50
C GLY B 189 9.90 22.88 -7.99
N ALA B 190 9.84 22.53 -6.71
CA ALA B 190 10.89 21.71 -6.11
C ALA B 190 10.87 20.30 -6.67
N SER B 191 12.06 19.77 -6.94
CA SER B 191 12.24 18.41 -7.42
C SER B 191 13.49 17.84 -6.78
N SER B 192 13.79 16.58 -7.11
CA SER B 192 15.05 16.00 -6.67
C SER B 192 16.23 16.76 -7.26
N ARG B 193 16.04 17.40 -8.42
CA ARG B 193 17.14 18.07 -9.10
C ARG B 193 17.50 19.40 -8.43
N ASN B 194 16.51 20.16 -7.98
CA ASN B 194 16.74 21.52 -7.49
C ASN B 194 16.58 21.67 -5.98
N LEU B 195 16.34 20.59 -5.25
CA LEU B 195 16.25 20.69 -3.79
C LEU B 195 17.56 21.20 -3.20
N LYS B 196 18.69 20.94 -3.87
CA LYS B 196 19.97 21.44 -3.39
C LYS B 196 20.01 22.96 -3.31
N LYS B 197 19.16 23.65 -4.08
CA LYS B 197 19.20 25.11 -4.12
C LYS B 197 18.55 25.76 -2.92
N PHE B 198 17.76 25.02 -2.14
CA PHE B 198 17.19 25.59 -0.91
C PHE B 198 17.20 24.59 0.25
N ILE B 199 17.95 23.50 0.17
CA ILE B 199 18.09 22.59 1.32
C ILE B 199 18.70 23.33 2.50
N GLU B 200 19.54 24.33 2.24
CA GLU B 200 20.17 25.08 3.33
C GLU B 200 19.16 25.88 4.13
N SER B 201 17.98 26.18 3.56
CA SER B 201 16.96 26.90 4.31
C SER B 201 16.46 26.08 5.49
N LEU B 202 16.66 24.77 5.47
CA LEU B 202 16.36 23.93 6.62
C LEU B 202 17.06 24.48 7.85
N SER B 203 16.35 24.46 8.99
CA SER B 203 16.90 24.88 10.26
C SER B 203 16.95 23.68 11.20
N ARG B 204 18.16 23.20 11.49
CA ARG B 204 18.33 22.18 12.52
C ARG B 204 19.80 22.01 12.86
N ASN B 205 20.15 22.22 14.13
CA ASN B 205 21.52 22.10 14.59
C ASN B 205 21.73 20.69 15.14
N LYS B 206 22.71 19.98 14.58
CA LYS B 206 22.92 18.57 14.91
C LYS B 206 23.07 18.36 16.41
N VAL B 207 23.64 19.33 17.12
CA VAL B 207 24.04 19.16 18.51
C VAL B 207 23.11 19.87 19.49
N LEU B 208 22.45 20.95 19.08
CA LEU B 208 21.71 21.79 20.00
C LEU B 208 20.20 21.63 19.91
N ASP B 209 19.68 20.95 18.89
CA ASP B 209 18.24 20.83 18.68
C ASP B 209 17.79 19.39 18.89
N TYR B 210 16.46 19.24 18.98
CA TYR B 210 15.86 17.93 19.07
C TYR B 210 15.92 17.21 17.73
N PRO B 211 15.78 15.88 17.72
CA PRO B 211 15.67 15.17 16.44
C PRO B 211 14.43 15.61 15.70
N ALA B 212 14.36 15.19 14.43
CA ALA B 212 13.27 15.62 13.56
C ALA B 212 12.79 14.45 12.71
N ILE B 213 11.50 14.44 12.45
CA ILE B 213 10.91 13.62 11.39
C ILE B 213 10.97 14.44 10.12
N VAL B 214 11.59 13.89 9.08
CA VAL B 214 11.74 14.57 7.80
C VAL B 214 10.97 13.78 6.75
N ILE B 215 10.02 14.43 6.10
CA ILE B 215 9.27 13.85 5.00
C ILE B 215 9.86 14.41 3.71
N TYR B 216 10.47 13.53 2.92
CA TYR B 216 10.94 13.87 1.59
C TYR B 216 9.84 13.54 0.60
N ALA B 217 9.21 14.58 0.02
CA ALA B 217 8.01 14.41 -0.80
C ALA B 217 8.14 15.25 -2.08
N MET B 218 9.06 14.85 -2.95
CA MET B 218 9.13 15.38 -4.32
C MET B 218 8.25 14.47 -5.17
N ILE B 219 6.98 14.84 -5.28
CA ILE B 219 5.95 13.94 -5.77
C ILE B 219 5.36 14.41 -7.09
N GLY B 220 6.19 14.91 -8.00
CA GLY B 220 5.68 15.31 -9.30
C GLY B 220 6.66 15.97 -10.23
N ASN B 221 7.41 16.96 -9.74
CA ASN B 221 8.20 17.80 -10.62
C ASN B 221 9.29 17.02 -11.35
N ASP B 222 9.68 15.84 -10.87
CA ASP B 222 10.67 15.04 -11.58
C ASP B 222 10.13 14.41 -12.85
N VAL B 223 8.80 14.29 -12.97
CA VAL B 223 8.17 13.76 -14.17
C VAL B 223 7.19 14.74 -14.79
N CYS B 224 7.08 15.95 -14.26
CA CYS B 224 6.14 16.95 -14.73
C CYS B 224 6.88 18.10 -15.41
N SER B 225 6.34 18.56 -16.54
CA SER B 225 6.98 19.58 -17.33
C SER B 225 5.96 20.18 -18.28
N GLY B 226 6.27 21.37 -18.79
CA GLY B 226 5.44 22.04 -19.76
C GLY B 226 5.91 21.94 -21.19
N LYS B 227 6.98 21.19 -21.44
CA LYS B 227 7.56 21.13 -22.78
C LYS B 227 6.69 20.26 -23.70
N SER B 228 6.82 20.52 -25.00
CA SER B 228 6.03 19.79 -25.99
C SER B 228 6.27 18.29 -25.88
N ASP B 229 7.54 17.87 -25.82
CA ASP B 229 7.91 16.48 -25.59
C ASP B 229 8.48 16.37 -24.19
N PRO B 230 7.66 16.07 -23.18
CA PRO B 230 8.15 16.12 -21.79
C PRO B 230 8.90 14.87 -21.34
N VAL B 231 8.91 13.81 -22.15
CA VAL B 231 9.57 12.57 -21.73
C VAL B 231 11.06 12.77 -21.47
N PRO B 232 11.85 13.29 -22.41
CA PRO B 232 13.29 13.44 -22.14
C PRO B 232 13.61 14.34 -20.96
N ALA B 233 12.68 15.19 -20.54
CA ALA B 233 12.93 16.09 -19.42
C ALA B 233 12.73 15.43 -18.06
N MET B 234 12.08 14.27 -18.01
CA MET B 234 11.83 13.61 -16.73
C MET B 234 13.13 13.05 -16.15
N THR B 235 13.24 13.09 -14.83
CA THR B 235 14.41 12.56 -14.16
C THR B 235 14.53 11.06 -14.40
N THR B 236 15.76 10.61 -14.66
CA THR B 236 16.01 9.18 -14.78
C THR B 236 16.17 8.56 -13.39
N PRO B 237 15.88 7.27 -13.25
CA PRO B 237 16.12 6.61 -11.95
C PRO B 237 17.56 6.74 -11.50
N GLU B 238 18.52 6.72 -12.42
CA GLU B 238 19.92 6.89 -12.04
C GLU B 238 20.16 8.27 -11.45
N LYS B 239 19.59 9.32 -12.06
CA LYS B 239 19.83 10.67 -11.59
C LYS B 239 19.08 10.97 -10.30
N LEU B 240 17.86 10.44 -10.16
CA LEU B 240 17.13 10.60 -8.91
C LEU B 240 17.91 10.01 -7.75
N TYR B 241 18.36 8.77 -7.90
CA TYR B 241 19.18 8.14 -6.86
C TYR B 241 20.36 9.04 -6.50
N SER B 242 21.06 9.57 -7.50
CA SER B 242 22.18 10.45 -7.23
C SER B 242 21.74 11.71 -6.51
N ASN B 243 20.63 12.31 -6.94
CA ASN B 243 20.13 13.52 -6.29
C ASN B 243 19.72 13.24 -4.85
N VAL B 244 18.97 12.16 -4.63
CA VAL B 244 18.48 11.86 -3.29
C VAL B 244 19.64 11.57 -2.34
N MET B 245 20.65 10.84 -2.82
CA MET B 245 21.78 10.50 -1.95
C MET B 245 22.53 11.75 -1.49
N GLN B 246 22.70 12.72 -2.39
CA GLN B 246 23.29 13.99 -1.97
C GLN B 246 22.45 14.66 -0.89
N THR B 247 21.13 14.63 -1.06
CA THR B 247 20.23 15.20 -0.05
C THR B 247 20.38 14.46 1.28
N LEU B 248 20.28 13.13 1.24
CA LEU B 248 20.39 12.36 2.48
C LEU B 248 21.74 12.55 3.14
N LYS B 249 22.81 12.60 2.34
CA LYS B 249 24.13 12.88 2.91
C LYS B 249 24.15 14.24 3.58
N HIS B 250 23.50 15.24 2.97
CA HIS B 250 23.43 16.56 3.58
C HIS B 250 22.63 16.52 4.88
N LEU B 251 21.51 15.80 4.88
CA LEU B 251 20.69 15.71 6.09
C LEU B 251 21.47 15.02 7.22
N ASN B 252 22.32 14.05 6.89
CA ASN B 252 23.03 13.33 7.93
C ASN B 252 23.93 14.24 8.75
N SER B 253 24.50 15.26 8.12
CA SER B 253 25.39 16.20 8.81
C SER B 253 24.63 17.39 9.39
N HIS B 254 23.30 17.34 9.46
CA HIS B 254 22.52 18.43 10.01
C HIS B 254 21.49 17.91 11.02
N LEU B 255 21.01 16.69 10.83
CA LEU B 255 19.98 16.17 11.70
C LEU B 255 20.59 15.55 12.97
N PRO B 256 20.04 15.86 14.14
CA PRO B 256 20.52 15.23 15.38
C PRO B 256 20.24 13.74 15.36
N ASN B 257 20.99 12.98 16.16
CA ASN B 257 20.72 11.55 16.09
C ASN B 257 19.36 11.26 16.71
N GLY B 258 18.73 10.20 16.21
CA GLY B 258 17.37 9.86 16.55
C GLY B 258 16.35 10.39 15.56
N SER B 259 16.80 11.01 14.47
CA SER B 259 15.91 11.54 13.45
C SER B 259 15.39 10.42 12.56
N HIS B 260 14.39 10.75 11.75
CA HIS B 260 13.77 9.80 10.83
C HIS B 260 13.49 10.49 9.51
N VAL B 261 13.83 9.84 8.41
CA VAL B 261 13.59 10.35 7.07
C VAL B 261 12.67 9.39 6.35
N ILE B 262 11.57 9.91 5.80
CA ILE B 262 10.56 9.12 5.13
C ILE B 262 10.47 9.61 3.69
N LEU B 263 10.70 8.71 2.74
CA LEU B 263 10.66 9.03 1.32
C LEU B 263 9.29 8.67 0.76
N TYR B 264 8.62 9.66 0.15
CA TYR B 264 7.31 9.46 -0.44
C TYR B 264 7.45 9.09 -1.91
N GLY B 265 6.79 8.02 -2.32
CA GLY B 265 6.75 7.68 -3.73
C GLY B 265 5.92 8.66 -4.53
N LEU B 266 6.10 8.59 -5.85
CA LEU B 266 5.36 9.50 -6.73
C LEU B 266 3.99 8.94 -7.07
N PRO B 267 3.02 9.79 -7.37
CA PRO B 267 1.66 9.31 -7.64
C PRO B 267 1.53 8.71 -9.03
N ASP B 268 0.40 8.04 -9.23
CA ASP B 268 -0.03 7.57 -10.55
C ASP B 268 -1.08 8.57 -11.02
N GLY B 269 -0.62 9.62 -11.70
CA GLY B 269 -1.45 10.75 -12.03
C GLY B 269 -2.50 10.52 -13.08
N THR B 270 -2.63 9.30 -13.61
CA THR B 270 -3.67 9.03 -14.60
C THR B 270 -5.07 9.31 -14.07
N PHE B 271 -5.26 9.30 -12.75
CA PHE B 271 -6.58 9.56 -12.20
C PHE B 271 -7.04 10.98 -12.47
N LEU B 272 -6.13 11.90 -12.78
CA LEU B 272 -6.52 13.28 -13.06
C LEU B 272 -7.37 13.36 -14.33
N TRP B 273 -6.79 13.01 -15.47
CA TRP B 273 -7.55 13.02 -16.72
C TRP B 273 -8.81 12.18 -16.59
N ASP B 274 -8.69 10.98 -16.02
CA ASP B 274 -9.83 10.08 -15.95
C ASP B 274 -11.02 10.72 -15.24
N ASN B 275 -10.76 11.49 -14.18
CA ASN B 275 -11.82 12.01 -13.35
C ASN B 275 -12.23 13.44 -13.68
N LEU B 276 -11.44 14.17 -14.47
CA LEU B 276 -11.67 15.59 -14.68
C LEU B 276 -11.91 16.00 -16.13
N HIS B 277 -11.46 15.22 -17.12
CA HIS B 277 -11.47 15.71 -18.49
C HIS B 277 -12.87 16.05 -18.97
N ASN B 278 -13.90 15.42 -18.41
CA ASN B 278 -15.28 15.71 -18.77
C ASN B 278 -15.90 16.83 -17.94
N ARG B 279 -15.29 17.18 -16.81
CA ARG B 279 -15.90 18.15 -15.90
C ARG B 279 -15.55 19.57 -16.31
N TYR B 280 -16.39 20.51 -15.85
CA TYR B 280 -16.25 21.91 -16.23
C TYR B 280 -15.30 22.63 -15.26
N HIS B 281 -14.40 23.41 -15.83
CA HIS B 281 -13.53 24.25 -15.03
C HIS B 281 -14.34 25.41 -14.41
N PRO B 282 -13.92 25.91 -13.23
CA PRO B 282 -14.60 27.08 -12.66
C PRO B 282 -14.92 28.17 -13.68
N LEU B 283 -13.97 28.50 -14.56
CA LEU B 283 -14.20 29.49 -15.59
C LEU B 283 -15.27 29.05 -16.59
N GLY B 284 -15.51 27.74 -16.70
CA GLY B 284 -16.50 27.22 -17.60
C GLY B 284 -17.79 26.75 -16.95
N GLN B 285 -18.04 27.13 -15.70
CA GLN B 285 -19.24 26.68 -15.00
C GLN B 285 -20.44 27.59 -15.25
N LEU B 286 -20.21 28.88 -15.50
CA LEU B 286 -21.33 29.79 -15.75
C LEU B 286 -22.06 29.41 -17.03
N ASN B 287 -21.33 29.17 -18.11
CA ASN B 287 -21.91 28.87 -19.41
C ASN B 287 -21.63 27.46 -19.88
N LYS B 288 -21.09 26.60 -19.00
CA LYS B 288 -20.80 25.20 -19.34
C LYS B 288 -20.12 25.10 -20.70
N ASP B 289 -19.03 25.86 -20.87
CA ASP B 289 -18.35 25.93 -22.15
C ASP B 289 -16.84 25.75 -22.03
N MET B 290 -16.35 25.20 -20.91
CA MET B 290 -14.93 24.90 -20.78
C MET B 290 -14.75 23.74 -19.81
N THR B 291 -14.10 22.69 -20.27
CA THR B 291 -13.77 21.54 -19.45
C THR B 291 -12.28 21.53 -19.14
N TYR B 292 -11.89 20.65 -18.21
CA TYR B 292 -10.47 20.48 -17.93
C TYR B 292 -9.73 19.96 -19.14
N ALA B 293 -10.41 19.18 -19.99
CA ALA B 293 -9.82 18.78 -21.27
C ALA B 293 -9.47 20.00 -22.11
N GLN B 294 -10.41 20.94 -22.22
CA GLN B 294 -10.16 22.16 -22.97
C GLN B 294 -9.04 22.98 -22.32
N LEU B 295 -9.00 23.00 -20.99
CA LEU B 295 -7.94 23.72 -20.30
C LEU B 295 -6.59 23.08 -20.55
N TYR B 296 -6.48 21.76 -20.34
CA TYR B 296 -5.22 21.07 -20.56
C TYR B 296 -4.67 21.36 -21.96
N SER B 297 -5.53 21.25 -22.97
CA SER B 297 -5.09 21.48 -24.35
C SER B 297 -4.60 22.92 -24.52
N PHE B 298 -5.30 23.88 -23.93
CA PHE B 298 -4.88 25.27 -24.00
C PHE B 298 -3.48 25.45 -23.42
N LEU B 299 -3.26 24.91 -22.22
CA LEU B 299 -1.98 25.10 -21.55
C LEU B 299 -0.85 24.40 -22.32
N ASN B 300 -1.14 23.24 -22.90
CA ASN B 300 -0.09 22.50 -23.62
C ASN B 300 0.24 23.19 -24.94
N CYS B 301 -0.77 23.71 -25.65
CA CYS B 301 -0.50 24.53 -26.82
C CYS B 301 0.47 25.65 -26.49
N LEU B 302 0.29 26.29 -25.34
CA LEU B 302 1.17 27.36 -24.89
C LEU B 302 2.44 26.85 -24.24
N GLN B 303 2.51 25.55 -23.91
CA GLN B 303 3.67 24.98 -23.22
C GLN B 303 3.88 25.63 -21.85
N VAL B 304 2.79 25.82 -21.11
CA VAL B 304 2.86 26.41 -19.77
C VAL B 304 2.11 25.53 -18.78
N SER B 305 1.82 24.29 -19.17
CA SER B 305 1.14 23.38 -18.27
C SER B 305 2.07 23.00 -17.12
N PRO B 306 1.56 22.92 -15.88
CA PRO B 306 2.41 22.44 -14.79
C PRO B 306 2.81 20.98 -14.94
N CYS B 307 2.09 20.20 -15.73
CA CYS B 307 2.44 18.78 -15.93
C CYS B 307 1.81 18.30 -17.24
N HIS B 308 2.51 18.52 -18.34
CA HIS B 308 2.05 18.02 -19.64
C HIS B 308 1.82 16.52 -19.60
N GLY B 309 2.78 15.78 -19.02
CA GLY B 309 2.71 14.32 -19.03
C GLY B 309 1.36 13.79 -18.61
N TRP B 310 0.82 14.31 -17.50
CA TRP B 310 -0.43 13.80 -16.95
C TRP B 310 -1.65 14.61 -17.35
N MET B 311 -1.50 15.92 -17.57
CA MET B 311 -2.62 16.77 -17.97
C MET B 311 -2.68 16.82 -19.50
N SER B 312 -3.08 15.69 -20.07
CA SER B 312 -3.04 15.51 -21.52
C SER B 312 -4.13 14.54 -21.96
N SER B 313 -4.71 14.82 -23.13
CA SER B 313 -5.63 13.89 -23.78
C SER B 313 -4.92 12.71 -24.41
N ASN B 314 -3.59 12.70 -24.36
CA ASN B 314 -2.74 11.74 -25.07
C ASN B 314 -2.44 10.58 -24.13
N LYS B 315 -3.30 9.55 -24.16
CA LYS B 315 -3.16 8.43 -23.23
C LYS B 315 -1.77 7.82 -23.28
N THR B 316 -1.18 7.75 -24.47
CA THR B 316 0.19 7.24 -24.58
C THR B 316 1.13 8.02 -23.66
N LEU B 317 1.02 9.35 -23.69
CA LEU B 317 1.89 10.17 -22.85
C LEU B 317 1.56 9.98 -21.37
N ARG B 318 0.27 9.95 -21.02
CA ARG B 318 -0.12 9.71 -19.64
C ARG B 318 0.43 8.38 -19.14
N THR B 319 0.45 7.36 -20.00
CA THR B 319 0.96 6.06 -19.62
C THR B 319 2.47 6.11 -19.41
N LEU B 320 3.19 6.83 -20.27
CA LEU B 320 4.64 6.94 -20.12
C LEU B 320 5.00 7.66 -18.83
N THR B 321 4.23 8.69 -18.47
CA THR B 321 4.53 9.46 -17.26
C THR B 321 4.39 8.59 -16.02
N SER B 322 3.28 7.88 -15.88
CA SER B 322 3.08 7.01 -14.73
C SER B 322 4.13 5.92 -14.69
N GLU B 323 4.53 5.40 -15.85
CA GLU B 323 5.57 4.38 -15.90
C GLU B 323 6.87 4.90 -15.30
N ARG B 324 7.30 6.08 -15.71
CA ARG B 324 8.51 6.68 -15.13
C ARG B 324 8.32 6.98 -13.64
N ALA B 325 7.14 7.50 -13.27
CA ALA B 325 6.87 7.76 -11.87
C ALA B 325 6.94 6.48 -11.04
N GLU B 326 6.51 5.36 -11.63
CA GLU B 326 6.63 4.07 -10.95
C GLU B 326 8.09 3.69 -10.75
N GLN B 327 8.93 3.95 -11.76
CA GLN B 327 10.35 3.61 -11.66
C GLN B 327 11.04 4.49 -10.64
N LEU B 328 10.69 5.78 -10.59
CA LEU B 328 11.31 6.67 -9.61
C LEU B 328 10.86 6.31 -8.20
N SER B 329 9.61 5.90 -8.03
CA SER B 329 9.15 5.45 -6.72
C SER B 329 9.91 4.21 -6.27
N ASN B 330 10.04 3.23 -7.17
CA ASN B 330 10.81 2.02 -6.85
C ASN B 330 12.25 2.36 -6.51
N THR B 331 12.82 3.37 -7.15
CA THR B 331 14.17 3.81 -6.80
C THR B 331 14.21 4.33 -5.37
N LEU B 332 13.21 5.12 -4.97
CA LEU B 332 13.14 5.58 -3.59
C LEU B 332 12.97 4.41 -2.63
N LYS B 333 12.18 3.41 -3.03
CA LYS B 333 11.99 2.23 -2.19
C LYS B 333 13.31 1.51 -1.95
N LYS B 334 14.17 1.48 -2.96
CA LYS B 334 15.44 0.77 -2.83
C LYS B 334 16.47 1.57 -2.04
N ILE B 335 16.37 2.89 -2.06
CA ILE B 335 17.25 3.72 -1.23
C ILE B 335 16.94 3.51 0.25
N ALA B 336 15.65 3.58 0.61
CA ALA B 336 15.28 3.42 2.01
C ALA B 336 15.60 2.03 2.52
N ALA B 337 15.46 1.01 1.67
CA ALA B 337 15.64 -0.36 2.11
C ALA B 337 17.10 -0.71 2.33
N SER B 338 18.03 -0.03 1.64
CA SER B 338 19.41 -0.46 1.60
C SER B 338 20.42 0.58 2.10
N GLU B 339 20.07 1.86 2.11
CA GLU B 339 21.02 2.89 2.49
C GLU B 339 20.94 3.18 3.99
N LYS B 340 22.10 3.33 4.62
CA LYS B 340 22.19 3.49 6.06
C LYS B 340 22.95 4.76 6.40
N PHE B 341 22.47 5.48 7.41
CA PHE B 341 23.08 6.73 7.85
C PHE B 341 23.13 6.74 9.37
N THR B 342 24.19 7.34 9.90
CA THR B 342 24.42 7.28 11.34
C THR B 342 23.33 7.98 12.12
N ASN B 343 22.82 9.10 11.62
CA ASN B 343 22.00 10.00 12.42
C ASN B 343 20.51 9.87 12.17
N PHE B 344 20.08 9.02 11.24
CA PHE B 344 18.65 8.83 11.04
C PHE B 344 18.41 7.49 10.35
N ASN B 345 17.21 6.96 10.57
CA ASN B 345 16.74 5.77 9.88
C ASN B 345 15.86 6.17 8.70
N LEU B 346 15.83 5.31 7.68
CA LEU B 346 15.13 5.59 6.44
C LEU B 346 13.90 4.70 6.29
N PHE B 347 12.88 5.25 5.65
CA PHE B 347 11.64 4.53 5.40
C PHE B 347 11.07 5.00 4.07
N TYR B 348 10.26 4.15 3.45
CA TYR B 348 9.59 4.47 2.20
C TYR B 348 8.09 4.30 2.35
N MET B 349 7.34 5.10 1.60
CA MET B 349 5.88 5.02 1.61
C MET B 349 5.36 5.35 0.22
N ASP B 350 4.55 4.46 -0.34
CA ASP B 350 3.88 4.74 -1.60
C ASP B 350 2.93 5.91 -1.43
N PHE B 351 2.81 6.72 -2.49
CA PHE B 351 1.85 7.80 -2.47
C PHE B 351 0.44 7.27 -2.25
N ALA B 352 0.07 6.22 -2.99
CA ALA B 352 -1.15 5.48 -2.74
C ALA B 352 -2.38 6.40 -2.71
N PHE B 353 -2.61 7.09 -3.83
CA PHE B 353 -3.79 7.94 -3.94
C PHE B 353 -5.06 7.12 -4.14
N HIS B 354 -4.94 5.89 -4.63
CA HIS B 354 -6.11 5.03 -4.76
C HIS B 354 -6.71 4.72 -3.39
N GLU B 355 -5.87 4.53 -2.37
CA GLU B 355 -6.38 4.33 -1.02
C GLU B 355 -7.07 5.59 -0.50
N ILE B 356 -6.55 6.76 -0.87
CA ILE B 356 -7.18 8.01 -0.48
C ILE B 356 -8.57 8.13 -1.09
N ILE B 357 -8.68 7.80 -2.38
CA ILE B 357 -9.98 7.88 -3.06
C ILE B 357 -10.98 6.97 -2.38
N GLN B 358 -10.58 5.74 -2.07
CA GLN B 358 -11.49 4.80 -1.42
C GLN B 358 -11.97 5.35 -0.09
N GLU B 359 -11.05 5.87 0.72
CA GLU B 359 -11.46 6.51 1.97
C GLU B 359 -12.42 7.65 1.70
N TRP B 360 -12.10 8.49 0.71
CA TRP B 360 -12.99 9.61 0.37
C TRP B 360 -14.34 9.10 -0.09
N GLN B 361 -14.36 7.97 -0.80
CA GLN B 361 -15.63 7.39 -1.24
C GLN B 361 -16.42 6.81 -0.08
N LYS B 362 -15.74 6.25 0.93
CA LYS B 362 -16.43 5.80 2.14
C LYS B 362 -17.24 6.93 2.76
N ARG B 363 -16.70 8.14 2.75
CA ARG B 363 -17.34 9.30 3.37
C ARG B 363 -18.34 9.97 2.44
N GLY B 364 -18.69 9.34 1.33
CA GLY B 364 -19.66 9.90 0.41
C GLY B 364 -19.09 10.86 -0.61
N GLY B 365 -17.80 10.80 -0.90
CA GLY B 365 -17.18 11.73 -1.81
C GLY B 365 -16.75 11.09 -3.12
N GLN B 366 -16.55 11.92 -4.15
CA GLN B 366 -16.11 11.45 -5.45
C GLN B 366 -14.70 11.95 -5.75
N PRO B 367 -13.92 11.20 -6.55
CA PRO B 367 -12.51 11.57 -6.76
C PRO B 367 -12.28 13.01 -7.18
N TRP B 368 -13.09 13.54 -8.11
CA TRP B 368 -12.84 14.88 -8.63
C TRP B 368 -12.85 15.93 -7.53
N GLN B 369 -13.49 15.66 -6.40
CA GLN B 369 -13.52 16.61 -5.29
C GLN B 369 -12.21 16.67 -4.51
N LEU B 370 -11.20 15.90 -4.92
CA LEU B 370 -9.91 15.87 -4.25
C LEU B 370 -8.84 16.68 -4.96
N ILE B 371 -9.17 17.32 -6.09
CA ILE B 371 -8.21 18.05 -6.90
C ILE B 371 -8.53 19.53 -6.86
N GLU B 372 -7.49 20.35 -6.86
CA GLU B 372 -7.65 21.79 -6.90
C GLU B 372 -8.48 22.20 -8.12
N PRO B 373 -9.61 22.89 -7.93
CA PRO B 373 -10.46 23.20 -9.10
C PRO B 373 -9.78 24.09 -10.13
N VAL B 374 -8.93 25.01 -9.71
CA VAL B 374 -8.38 26.00 -10.64
C VAL B 374 -7.34 25.35 -11.55
N ASP B 375 -6.31 24.73 -10.96
CA ASP B 375 -5.24 24.16 -11.76
C ASP B 375 -5.53 22.73 -12.21
N GLY B 376 -6.52 22.07 -11.61
CA GLY B 376 -6.89 20.73 -12.04
C GLY B 376 -5.74 19.74 -12.00
N PHE B 377 -4.86 19.88 -11.01
CA PHE B 377 -3.67 19.02 -10.94
C PHE B 377 -3.30 18.69 -9.50
N HIS B 378 -3.14 19.71 -8.66
CA HIS B 378 -2.68 19.47 -7.30
C HIS B 378 -3.79 18.86 -6.44
N PRO B 379 -3.44 18.08 -5.42
CA PRO B 379 -4.43 17.71 -4.41
C PRO B 379 -4.82 18.92 -3.59
N ASN B 380 -6.08 18.98 -3.21
CA ASN B 380 -6.59 20.12 -2.46
C ASN B 380 -6.45 19.83 -0.96
N GLU B 381 -7.04 20.70 -0.14
CA GLU B 381 -6.92 20.54 1.31
C GLU B 381 -7.45 19.19 1.76
N VAL B 382 -8.58 18.75 1.20
CA VAL B 382 -9.16 17.46 1.56
C VAL B 382 -8.13 16.35 1.35
N ALA B 383 -7.60 16.28 0.13
CA ALA B 383 -6.68 15.20 -0.23
C ALA B 383 -5.43 15.24 0.64
N LEU B 384 -4.94 16.44 0.96
CA LEU B 384 -3.72 16.54 1.75
C LEU B 384 -3.95 16.07 3.19
N LEU B 385 -5.11 16.41 3.77
CA LEU B 385 -5.41 15.93 5.11
C LEU B 385 -5.66 14.43 5.10
N LEU B 386 -6.30 13.91 4.06
CA LEU B 386 -6.49 12.47 3.96
C LEU B 386 -5.16 11.76 3.76
N LEU B 387 -4.23 12.39 3.04
CA LEU B 387 -2.89 11.82 2.90
C LEU B 387 -2.15 11.86 4.24
N ALA B 388 -2.36 12.90 5.04
CA ALA B 388 -1.74 12.95 6.36
C ALA B 388 -2.32 11.89 7.29
N ASP B 389 -3.64 11.71 7.24
CA ASP B 389 -4.27 10.64 8.00
C ASP B 389 -3.70 9.28 7.61
N HIS B 390 -3.66 8.99 6.30
CA HIS B 390 -3.07 7.74 5.84
C HIS B 390 -1.62 7.63 6.28
N PHE B 391 -0.87 8.74 6.23
CA PHE B 391 0.51 8.74 6.69
C PHE B 391 0.59 8.34 8.16
N TRP B 392 -0.19 9.01 9.00
CA TRP B 392 -0.12 8.78 10.44
C TRP B 392 -0.43 7.32 10.78
N LYS B 393 -1.53 6.79 10.24
CA LYS B 393 -1.92 5.43 10.59
C LYS B 393 -0.89 4.41 10.13
N LYS B 394 -0.32 4.61 8.94
CA LYS B 394 0.69 3.69 8.45
C LYS B 394 1.92 3.69 9.33
N VAL B 395 2.42 4.89 9.69
CA VAL B 395 3.58 4.98 10.56
C VAL B 395 3.28 4.38 11.92
N GLN B 396 2.08 4.66 12.47
CA GLN B 396 1.66 4.02 13.70
C GLN B 396 1.76 2.51 13.59
N LEU B 397 1.24 1.95 12.50
CA LEU B 397 1.19 0.50 12.35
C LEU B 397 2.58 -0.08 12.11
N GLN B 398 3.33 0.49 11.18
CA GLN B 398 4.57 -0.13 10.71
C GLN B 398 5.81 0.34 11.48
N TRP B 399 5.88 1.61 11.86
CA TRP B 399 7.06 2.17 12.52
C TRP B 399 6.64 3.07 13.66
N PRO B 400 6.07 2.49 14.72
CA PRO B 400 5.62 3.33 15.86
C PRO B 400 6.72 4.18 16.46
N GLN B 401 7.99 3.78 16.32
CA GLN B 401 9.07 4.53 16.94
C GLN B 401 9.22 5.93 16.35
N ILE B 402 8.82 6.11 15.08
CA ILE B 402 8.99 7.42 14.44
C ILE B 402 8.20 8.49 15.18
N LEU B 403 7.00 8.16 15.62
CA LEU B 403 6.12 9.13 16.24
C LEU B 403 6.34 9.26 17.74
N GLY B 404 7.19 8.42 18.33
CA GLY B 404 7.43 8.50 19.76
C GLY B 404 6.23 8.03 20.57
N LYS B 405 6.30 8.31 21.86
CA LYS B 405 5.29 7.88 22.81
C LYS B 405 4.36 9.03 23.17
N GLU B 406 3.14 8.67 23.57
CA GLU B 406 2.23 9.65 24.14
C GLU B 406 2.79 10.19 25.44
N ASN B 407 2.87 11.51 25.55
CA ASN B 407 3.43 12.14 26.74
C ASN B 407 2.41 12.08 27.87
N PRO B 408 2.70 11.38 28.98
CA PRO B 408 1.71 11.31 30.07
C PRO B 408 1.36 12.66 30.66
N PHE B 409 2.23 13.66 30.54
CA PHE B 409 2.01 14.97 31.15
C PHE B 409 1.23 15.94 30.27
N ASN B 410 0.69 15.47 29.14
CA ASN B 410 -0.11 16.35 28.28
C ASN B 410 -1.23 17.04 29.04
N PRO B 411 -2.03 16.35 29.87
CA PRO B 411 -3.07 17.08 30.62
C PRO B 411 -2.51 18.17 31.52
N GLN B 412 -1.38 17.91 32.18
CA GLN B 412 -0.80 18.94 33.05
C GLN B 412 -0.26 20.12 32.25
N ILE B 413 0.36 19.83 31.09
CA ILE B 413 0.81 20.91 30.22
C ILE B 413 -0.35 21.82 29.85
N LYS B 414 -1.50 21.22 29.49
CA LYS B 414 -2.67 22.01 29.15
C LYS B 414 -3.15 22.82 30.35
N GLN B 415 -3.10 22.24 31.55
CA GLN B 415 -3.64 22.92 32.73
C GLN B 415 -2.75 24.09 33.15
N VAL B 416 -1.43 23.90 33.16
CA VAL B 416 -0.54 24.98 33.58
C VAL B 416 -0.39 26.02 32.48
N PHE B 417 -0.22 25.58 31.23
CA PHE B 417 0.14 26.49 30.15
C PHE B 417 -0.97 26.73 29.13
N GLY B 418 -2.07 25.99 29.20
CA GLY B 418 -3.18 26.24 28.31
C GLY B 418 -2.80 26.03 26.86
N ASP B 419 -3.05 27.06 26.04
CA ASP B 419 -2.74 27.00 24.62
C ASP B 419 -1.24 27.06 24.33
N GLN B 420 -0.40 27.15 25.36
CA GLN B 420 1.05 27.15 25.19
C GLN B 420 1.54 28.31 24.33
N GLY B 421 0.77 29.39 24.27
CA GLY B 421 1.15 30.57 23.52
C GLY B 421 0.55 30.67 22.13
N GLY B 422 -0.20 29.66 21.69
CA GLY B 422 -0.74 29.67 20.35
C GLY B 422 0.36 29.58 19.30
N HIS B 423 -0.05 29.78 18.05
CA HIS B 423 0.86 29.72 16.91
C HIS B 423 1.12 31.11 16.35
N LEU C 22 7.19 -34.09 -24.95
CA LEU C 22 7.41 -33.47 -23.65
C LEU C 22 6.15 -32.74 -23.18
N SER C 23 4.99 -33.32 -23.50
CA SER C 23 3.70 -32.72 -23.17
C SER C 23 2.93 -33.67 -22.28
N ASN C 24 2.51 -33.18 -21.11
CA ASN C 24 1.74 -33.97 -20.17
C ASN C 24 0.53 -33.19 -19.67
N GLY C 25 -0.15 -33.71 -18.64
CA GLY C 25 -1.33 -33.04 -18.13
C GLY C 25 -1.04 -31.66 -17.56
N HIS C 26 0.14 -31.47 -16.98
CA HIS C 26 0.45 -30.19 -16.35
C HIS C 26 0.75 -29.12 -17.39
N THR C 27 1.41 -29.50 -18.50
CA THR C 27 1.61 -28.53 -19.57
C THR C 27 0.30 -28.21 -20.29
N CYS C 28 -0.64 -29.16 -20.30
CA CYS C 28 -1.95 -28.88 -20.89
C CYS C 28 -2.77 -27.96 -19.99
N VAL C 29 -2.85 -28.29 -18.69
CA VAL C 29 -3.48 -27.38 -17.73
C VAL C 29 -2.84 -26.00 -17.82
N GLY C 30 -1.51 -25.96 -17.85
CA GLY C 30 -0.82 -24.68 -17.84
C GLY C 30 -1.10 -23.86 -19.09
N CYS C 31 -1.09 -24.50 -20.26
CA CYS C 31 -1.36 -23.78 -21.49
C CYS C 31 -2.78 -23.21 -21.51
N VAL C 32 -3.77 -24.07 -21.27
CA VAL C 32 -5.16 -23.62 -21.28
C VAL C 32 -5.34 -22.42 -20.36
N LEU C 33 -4.71 -22.47 -19.18
CA LEU C 33 -4.82 -21.38 -18.23
C LEU C 33 -4.23 -20.10 -18.80
N VAL C 34 -3.02 -20.19 -19.38
CA VAL C 34 -2.36 -19.00 -19.88
C VAL C 34 -3.12 -18.40 -21.06
N VAL C 35 -3.53 -19.26 -22.00
CA VAL C 35 -4.23 -18.78 -23.18
C VAL C 35 -5.56 -18.14 -22.79
N SER C 36 -6.25 -18.73 -21.81
CA SER C 36 -7.52 -18.16 -21.35
C SER C 36 -7.31 -16.78 -20.76
N VAL C 37 -6.29 -16.62 -19.91
CA VAL C 37 -6.03 -15.31 -19.30
C VAL C 37 -5.73 -14.28 -20.37
N ILE C 38 -4.84 -14.62 -21.31
CA ILE C 38 -4.54 -13.71 -22.41
C ILE C 38 -5.81 -13.33 -23.14
N GLU C 39 -6.56 -14.34 -23.59
CA GLU C 39 -7.81 -14.08 -24.30
C GLU C 39 -8.71 -13.13 -23.52
N GLN C 40 -8.99 -13.47 -22.26
CA GLN C 40 -9.89 -12.66 -21.46
C GLN C 40 -9.31 -11.29 -21.16
N LEU C 41 -7.99 -11.16 -21.11
CA LEU C 41 -7.40 -9.83 -20.94
C LEU C 41 -7.62 -8.97 -22.17
N ALA C 42 -7.55 -9.58 -23.36
CA ALA C 42 -7.83 -8.83 -24.59
C ALA C 42 -9.29 -8.38 -24.63
N GLN C 43 -10.20 -9.19 -24.07
CA GLN C 43 -11.61 -8.84 -24.06
C GLN C 43 -11.91 -7.75 -23.03
N VAL C 44 -11.40 -7.92 -21.81
CA VAL C 44 -11.66 -6.94 -20.75
C VAL C 44 -11.20 -5.56 -21.16
N HIS C 45 -10.11 -5.47 -21.92
CA HIS C 45 -9.56 -4.18 -22.35
C HIS C 45 -9.92 -3.84 -23.78
N ASN C 46 -10.67 -4.69 -24.47
CA ASN C 46 -10.96 -4.53 -25.90
C ASN C 46 -9.71 -4.09 -26.65
N SER C 47 -8.65 -4.89 -26.49
CA SER C 47 -7.35 -4.61 -27.08
C SER C 47 -6.92 -5.78 -27.94
N THR C 48 -5.83 -5.58 -28.69
CA THR C 48 -5.24 -6.66 -29.44
C THR C 48 -4.73 -7.74 -28.49
N VAL C 49 -4.52 -8.94 -29.04
CA VAL C 49 -3.91 -10.00 -28.25
C VAL C 49 -2.47 -9.66 -27.92
N GLN C 50 -1.74 -9.07 -28.88
CA GLN C 50 -0.38 -8.64 -28.62
C GLN C 50 -0.31 -7.72 -27.41
N ALA C 51 -1.25 -6.78 -27.31
CA ALA C 51 -1.26 -5.86 -26.18
C ALA C 51 -1.56 -6.59 -24.88
N SER C 52 -2.50 -7.55 -24.91
CA SER C 52 -2.84 -8.28 -23.70
C SER C 52 -1.67 -9.13 -23.21
N MET C 53 -0.93 -9.74 -24.15
CA MET C 53 0.22 -10.53 -23.75
C MET C 53 1.29 -9.66 -23.11
N GLU C 54 1.63 -8.54 -23.77
CA GLU C 54 2.57 -7.60 -23.18
C GLU C 54 2.05 -7.04 -21.85
N ARG C 55 0.73 -6.86 -21.74
CA ARG C 55 0.15 -6.40 -20.49
C ARG C 55 0.38 -7.40 -19.37
N LEU C 56 0.23 -8.69 -19.66
CA LEU C 56 0.39 -9.71 -18.63
C LEU C 56 1.81 -9.73 -18.11
N CYS C 57 2.79 -9.73 -19.01
CA CYS C 57 4.19 -9.76 -18.58
C CYS C 57 4.54 -8.51 -17.79
N SER C 58 3.97 -7.36 -18.16
CA SER C 58 4.21 -6.15 -17.38
C SER C 58 3.66 -6.28 -15.97
N TYR C 59 2.64 -7.11 -15.78
CA TYR C 59 2.05 -7.29 -14.45
C TYR C 59 2.87 -8.22 -13.57
N LEU C 60 3.64 -9.13 -14.17
CA LEU C 60 4.38 -10.10 -13.38
C LEU C 60 5.66 -9.47 -12.82
N PRO C 61 6.07 -9.86 -11.61
CA PRO C 61 7.26 -9.25 -11.01
C PRO C 61 8.55 -9.81 -11.59
N GLU C 62 9.60 -8.99 -11.51
CA GLU C 62 10.91 -9.45 -11.97
C GLU C 62 11.42 -10.61 -11.13
N LYS C 63 10.95 -10.73 -9.88
CA LYS C 63 11.43 -11.78 -8.99
C LYS C 63 11.17 -13.16 -9.58
N LEU C 64 12.09 -14.09 -9.31
CA LEU C 64 11.91 -15.50 -9.64
C LEU C 64 11.77 -15.74 -11.14
N PHE C 65 12.37 -14.87 -11.96
CA PHE C 65 12.35 -15.00 -13.41
C PHE C 65 10.93 -14.99 -13.97
N LEU C 66 9.95 -14.54 -13.20
CA LEU C 66 8.56 -14.60 -13.67
C LEU C 66 8.35 -13.69 -14.87
N LYS C 67 8.71 -12.41 -14.75
CA LYS C 67 8.55 -11.50 -15.88
C LYS C 67 9.36 -11.97 -17.09
N THR C 68 10.60 -12.40 -16.85
CA THR C 68 11.45 -12.85 -17.95
C THR C 68 10.86 -14.08 -18.62
N THR C 69 10.44 -15.08 -17.83
CA THR C 69 9.80 -16.25 -18.41
C THR C 69 8.60 -15.85 -19.26
N CYS C 70 7.78 -14.92 -18.76
CA CYS C 70 6.61 -14.48 -19.51
C CYS C 70 7.03 -13.97 -20.89
N TYR C 71 8.01 -13.07 -20.94
CA TYR C 71 8.44 -12.51 -22.23
C TYR C 71 8.99 -13.58 -23.16
N LEU C 72 9.66 -14.59 -22.61
CA LEU C 72 10.17 -15.68 -23.45
C LEU C 72 9.03 -16.54 -23.97
N VAL C 73 7.98 -16.73 -23.16
CA VAL C 73 6.83 -17.52 -23.59
C VAL C 73 6.12 -16.82 -24.75
N ILE C 74 5.80 -15.53 -24.57
CA ILE C 74 5.07 -14.81 -25.62
C ILE C 74 5.96 -14.62 -26.84
N ASP C 75 7.28 -14.59 -26.65
CA ASP C 75 8.19 -14.54 -27.79
C ASP C 75 8.09 -15.82 -28.61
N LYS C 76 8.08 -16.97 -27.94
CA LYS C 76 8.08 -18.25 -28.64
C LYS C 76 6.72 -18.54 -29.26
N PHE C 77 5.64 -18.19 -28.58
CA PHE C 77 4.30 -18.63 -28.96
C PHE C 77 3.33 -17.48 -29.24
N GLY C 78 3.74 -16.23 -29.05
CA GLY C 78 2.81 -15.13 -29.25
C GLY C 78 2.22 -15.09 -30.65
N SER C 79 3.08 -15.23 -31.66
CA SER C 79 2.62 -15.11 -33.04
C SER C 79 1.50 -16.10 -33.34
N ASP C 80 1.65 -17.35 -32.88
CA ASP C 80 0.63 -18.36 -33.16
C ASP C 80 -0.62 -18.15 -32.32
N ILE C 81 -0.46 -17.71 -31.07
CA ILE C 81 -1.62 -17.41 -30.24
C ILE C 81 -2.47 -16.32 -30.87
N ILE C 82 -1.83 -15.30 -31.45
CA ILE C 82 -2.56 -14.21 -32.08
C ILE C 82 -3.36 -14.73 -33.27
N LYS C 83 -2.74 -15.56 -34.11
CA LYS C 83 -3.45 -16.10 -35.27
C LYS C 83 -4.67 -16.90 -34.84
N LEU C 84 -4.49 -17.81 -33.88
CA LEU C 84 -5.57 -18.72 -33.53
C LEU C 84 -6.70 -18.00 -32.79
N LEU C 85 -6.36 -17.02 -31.94
CA LEU C 85 -7.40 -16.26 -31.26
C LEU C 85 -8.07 -15.27 -32.21
N SER C 86 -7.35 -14.80 -33.22
CA SER C 86 -7.98 -13.97 -34.25
C SER C 86 -9.00 -14.77 -35.05
N ALA C 87 -8.81 -16.08 -35.17
CA ALA C 87 -9.77 -16.96 -35.81
C ALA C 87 -10.84 -17.46 -34.85
N ASP C 88 -10.91 -16.88 -33.66
CA ASP C 88 -11.91 -17.26 -32.66
C ASP C 88 -11.78 -18.73 -32.25
N MET C 89 -10.55 -19.24 -32.22
CA MET C 89 -10.29 -20.56 -31.66
C MET C 89 -10.21 -20.45 -30.15
N ASN C 90 -10.90 -21.34 -29.44
CA ASN C 90 -10.88 -21.28 -27.99
C ASN C 90 -9.58 -21.89 -27.46
N ALA C 91 -9.39 -21.76 -26.14
CA ALA C 91 -8.11 -22.13 -25.54
C ALA C 91 -7.77 -23.61 -25.78
N ASP C 92 -8.78 -24.49 -25.79
CA ASP C 92 -8.51 -25.90 -26.03
C ASP C 92 -7.86 -26.12 -27.39
N VAL C 93 -8.44 -25.53 -28.45
CA VAL C 93 -7.89 -25.71 -29.79
C VAL C 93 -6.48 -25.16 -29.86
N VAL C 94 -6.26 -23.97 -29.27
CA VAL C 94 -4.94 -23.37 -29.29
C VAL C 94 -3.91 -24.33 -28.69
N CYS C 95 -4.22 -24.88 -27.51
CA CYS C 95 -3.23 -25.67 -26.78
C CYS C 95 -3.01 -27.03 -27.43
N HIS C 96 -4.04 -27.60 -28.07
CA HIS C 96 -3.83 -28.82 -28.83
C HIS C 96 -3.02 -28.54 -30.10
N THR C 97 -3.26 -27.39 -30.73
CA THR C 97 -2.52 -27.05 -31.95
C THR C 97 -1.05 -26.80 -31.64
N LEU C 98 -0.75 -26.16 -30.51
CA LEU C 98 0.63 -25.95 -30.09
C LEU C 98 1.22 -27.17 -29.41
N GLU C 99 0.47 -28.27 -29.30
CA GLU C 99 0.95 -29.55 -28.80
C GLU C 99 1.27 -29.53 -27.32
N PHE C 100 0.82 -28.52 -26.57
CA PHE C 100 0.86 -28.62 -25.12
C PHE C 100 -0.13 -29.66 -24.62
N CYS C 101 -1.26 -29.79 -25.31
CA CYS C 101 -2.19 -30.90 -25.11
C CYS C 101 -2.11 -31.83 -26.31
N LYS C 102 -2.35 -33.12 -26.09
CA LYS C 102 -2.20 -34.10 -27.16
C LYS C 102 -3.09 -35.30 -26.86
N GLN C 103 -4.06 -35.54 -27.73
CA GLN C 103 -4.93 -36.71 -27.62
C GLN C 103 -4.21 -37.89 -28.28
N ASN C 104 -3.67 -38.79 -27.46
CA ASN C 104 -3.07 -40.00 -28.00
C ASN C 104 -4.15 -40.89 -28.62
N THR C 105 -3.75 -41.67 -29.61
CA THR C 105 -4.71 -42.49 -30.35
C THR C 105 -5.46 -43.41 -29.40
N GLY C 106 -6.79 -43.39 -29.49
CA GLY C 106 -7.64 -44.24 -28.68
C GLY C 106 -7.99 -43.68 -27.33
N GLN C 107 -7.24 -42.69 -26.82
CA GLN C 107 -7.50 -42.13 -25.51
C GLN C 107 -8.53 -41.01 -25.60
N PRO C 108 -9.25 -40.75 -24.49
CA PRO C 108 -10.26 -39.68 -24.52
C PRO C 108 -9.65 -38.34 -24.87
N LEU C 109 -10.52 -37.42 -25.27
CA LEU C 109 -10.11 -36.06 -25.59
C LEU C 109 -10.28 -35.18 -24.36
N CYS C 110 -9.20 -34.53 -23.93
CA CYS C 110 -9.24 -33.65 -22.79
C CYS C 110 -9.48 -32.21 -23.25
N HIS C 111 -10.41 -31.54 -22.60
CA HIS C 111 -10.85 -30.22 -23.02
C HIS C 111 -11.57 -29.55 -21.85
N LEU C 112 -11.44 -28.23 -21.76
CA LEU C 112 -12.04 -27.48 -20.67
C LEU C 112 -13.34 -26.80 -21.08
N TYR C 113 -13.46 -26.37 -22.32
CA TYR C 113 -14.65 -25.68 -22.79
C TYR C 113 -15.54 -26.62 -23.61
N PRO C 114 -16.83 -26.30 -23.72
CA PRO C 114 -17.75 -27.21 -24.42
C PRO C 114 -17.26 -27.54 -25.82
N LEU C 115 -17.62 -28.74 -26.30
CA LEU C 115 -17.02 -29.30 -27.49
C LEU C 115 -18.03 -30.02 -28.37
N PRO C 116 -18.06 -29.73 -29.68
CA PRO C 116 -18.83 -30.58 -30.61
C PRO C 116 -17.97 -31.71 -31.16
N LYS C 117 -18.24 -32.94 -30.73
CA LYS C 117 -17.42 -34.09 -31.12
C LYS C 117 -17.28 -34.19 -32.64
N GLU C 118 -18.40 -34.06 -33.36
CA GLU C 118 -18.39 -34.36 -34.78
C GLU C 118 -17.42 -33.48 -35.56
N THR C 119 -17.22 -32.25 -35.13
CA THR C 119 -16.40 -31.29 -35.88
C THR C 119 -15.06 -31.00 -35.21
N TRP C 120 -14.70 -31.72 -34.14
CA TRP C 120 -13.46 -31.45 -33.44
C TRP C 120 -12.26 -31.63 -34.37
N LYS C 121 -12.12 -32.83 -34.95
CA LYS C 121 -10.99 -33.10 -35.83
C LYS C 121 -10.87 -32.04 -36.91
N PHE C 122 -12.00 -31.58 -37.44
CA PHE C 122 -11.97 -30.62 -38.53
C PHE C 122 -11.60 -29.22 -38.05
N THR C 123 -12.04 -28.84 -36.85
CA THR C 123 -11.57 -27.59 -36.26
C THR C 123 -10.06 -27.66 -36.01
N LEU C 124 -9.61 -28.76 -35.39
CA LEU C 124 -8.18 -28.96 -35.20
C LEU C 124 -7.43 -28.88 -36.52
N GLN C 125 -8.02 -29.45 -37.58
CA GLN C 125 -7.43 -29.38 -38.91
C GLN C 125 -7.30 -27.93 -39.38
N LYS C 126 -8.37 -27.14 -39.21
CA LYS C 126 -8.31 -25.74 -39.58
C LYS C 126 -7.24 -25.01 -38.78
N ALA C 127 -7.12 -25.33 -37.48
CA ALA C 127 -6.13 -24.67 -36.64
C ALA C 127 -4.71 -24.96 -37.12
N ARG C 128 -4.41 -26.24 -37.39
CA ARG C 128 -3.08 -26.60 -37.86
C ARG C 128 -2.75 -25.91 -39.18
N GLN C 129 -3.76 -25.71 -40.04
CA GLN C 129 -3.51 -24.98 -41.27
C GLN C 129 -3.25 -23.50 -41.02
N ILE C 130 -3.86 -22.94 -39.98
CA ILE C 130 -3.65 -21.53 -39.67
C ILE C 130 -2.21 -21.28 -39.25
N VAL C 131 -1.63 -22.20 -38.48
CA VAL C 131 -0.24 -22.10 -38.06
C VAL C 131 0.58 -23.02 -38.96
N LYS C 132 1.37 -22.42 -39.85
CA LYS C 132 2.18 -23.15 -40.82
C LYS C 132 2.77 -24.44 -40.26
N SER D 5 22.04 -28.31 -19.28
CA SER D 5 23.01 -28.65 -18.23
C SER D 5 22.54 -28.11 -16.88
N ASP D 6 23.30 -28.41 -15.83
CA ASP D 6 22.88 -28.14 -14.46
C ASP D 6 23.77 -27.06 -13.85
N ILE D 7 23.13 -25.97 -13.38
CA ILE D 7 23.86 -24.95 -12.63
C ILE D 7 24.54 -25.59 -11.41
N CYS D 8 23.87 -26.55 -10.78
CA CYS D 8 24.34 -27.13 -9.53
C CYS D 8 25.60 -27.96 -9.68
N SER D 9 26.16 -28.07 -10.88
CA SER D 9 27.43 -28.76 -11.09
C SER D 9 28.62 -27.80 -11.10
N LEU D 10 28.37 -26.50 -11.15
CA LEU D 10 29.44 -25.51 -11.19
C LEU D 10 30.08 -25.37 -9.81
N PRO D 11 31.34 -24.94 -9.75
CA PRO D 11 31.96 -24.70 -8.45
C PRO D 11 31.23 -23.62 -7.67
N VAL D 12 31.29 -23.73 -6.35
CA VAL D 12 30.69 -22.75 -5.43
C VAL D 12 29.18 -22.89 -5.46
N LEU D 13 28.57 -22.69 -6.63
CA LEU D 13 27.13 -22.88 -6.75
C LEU D 13 26.72 -24.29 -6.35
N ALA D 14 27.62 -25.26 -6.51
CA ALA D 14 27.31 -26.63 -6.11
C ALA D 14 27.10 -26.74 -4.60
N LYS D 15 27.94 -26.05 -3.83
CA LYS D 15 27.78 -26.05 -2.38
C LYS D 15 26.48 -25.38 -1.97
N ILE D 16 26.07 -24.33 -2.70
CA ILE D 16 24.80 -23.67 -2.40
C ILE D 16 23.63 -24.56 -2.74
N CYS D 17 23.73 -25.29 -3.87
CA CYS D 17 22.65 -26.18 -4.26
C CYS D 17 22.45 -27.29 -3.25
N GLN D 18 23.53 -27.93 -2.81
CA GLN D 18 23.41 -29.01 -1.83
C GLN D 18 22.72 -28.54 -0.56
N LYS D 19 23.01 -27.31 -0.13
CA LYS D 19 22.40 -26.79 1.09
C LYS D 19 20.91 -26.55 0.89
N ILE D 20 20.53 -25.95 -0.24
CA ILE D 20 19.12 -25.67 -0.51
C ILE D 20 18.34 -26.97 -0.64
N LYS D 21 18.84 -27.90 -1.48
CA LYS D 21 18.09 -29.12 -1.75
C LYS D 21 17.88 -29.94 -0.50
N LEU D 22 18.89 -30.01 0.37
CA LEU D 22 18.75 -30.76 1.61
C LEU D 22 17.67 -30.15 2.50
N ALA D 23 17.70 -28.83 2.67
CA ALA D 23 16.69 -28.16 3.48
C ALA D 23 15.30 -28.39 2.89
N MET D 24 15.16 -28.24 1.57
CA MET D 24 13.89 -28.50 0.91
C MET D 24 13.47 -29.95 1.08
N GLU D 25 14.42 -30.88 0.91
CA GLU D 25 14.13 -32.29 1.14
C GLU D 25 13.59 -32.53 2.55
N GLN D 26 14.10 -31.78 3.52
CA GLN D 26 13.71 -31.95 4.92
C GLN D 26 12.57 -31.03 5.34
N SER D 27 12.14 -30.12 4.48
CA SER D 27 11.12 -29.13 4.84
C SER D 27 11.56 -28.29 6.04
N VAL D 28 12.81 -27.86 6.02
CA VAL D 28 13.33 -26.92 7.02
C VAL D 28 13.88 -25.73 6.25
N PRO D 29 14.01 -24.58 6.90
CA PRO D 29 14.57 -23.41 6.21
C PRO D 29 16.07 -23.53 6.07
N PHE D 30 16.58 -23.13 4.91
CA PHE D 30 18.02 -23.00 4.72
C PHE D 30 18.52 -21.61 5.09
N LYS D 31 17.62 -20.65 5.27
CA LYS D 31 17.97 -19.36 5.88
C LYS D 31 17.77 -19.55 7.37
N ASP D 32 18.82 -19.98 8.05
CA ASP D 32 18.74 -20.46 9.42
C ASP D 32 20.16 -20.68 9.95
N VAL D 33 20.80 -19.60 10.39
CA VAL D 33 22.25 -19.62 10.64
C VAL D 33 22.59 -20.64 11.73
N ASP D 34 21.87 -20.61 12.84
CA ASP D 34 22.19 -21.46 13.99
C ASP D 34 21.58 -22.85 13.88
N SER D 35 20.93 -23.18 12.77
CA SER D 35 20.44 -24.53 12.50
C SER D 35 19.58 -25.05 13.65
N ASP D 36 18.57 -24.26 14.04
CA ASP D 36 17.56 -24.71 15.00
C ASP D 36 16.18 -24.80 14.38
N LYS D 37 16.07 -24.66 13.06
CA LYS D 37 14.85 -24.80 12.28
C LYS D 37 13.93 -23.60 12.40
N TYR D 38 14.33 -22.53 13.09
CA TYR D 38 13.57 -21.29 13.15
C TYR D 38 14.36 -20.20 12.43
N SER D 39 13.64 -19.30 11.76
CA SER D 39 14.25 -18.40 10.79
C SER D 39 13.88 -16.96 11.10
N VAL D 40 14.69 -16.04 10.57
CA VAL D 40 14.35 -14.61 10.56
C VAL D 40 13.74 -14.18 9.24
N PHE D 41 13.71 -15.07 8.22
CA PHE D 41 13.12 -14.85 6.90
C PHE D 41 11.75 -15.49 6.82
N PRO D 42 10.75 -14.85 6.18
CA PRO D 42 9.39 -15.39 6.24
C PRO D 42 9.18 -16.70 5.49
N THR D 43 9.49 -16.71 4.19
CA THR D 43 9.13 -17.84 3.34
C THR D 43 10.23 -18.90 3.39
N LEU D 44 10.17 -19.85 2.45
CA LEU D 44 11.14 -20.93 2.38
C LEU D 44 11.22 -21.67 3.72
N ARG D 45 10.04 -22.04 4.23
CA ARG D 45 9.92 -22.74 5.51
C ARG D 45 10.38 -21.87 6.68
N GLY D 46 10.33 -20.55 6.51
CA GLY D 46 10.71 -19.62 7.55
C GLY D 46 9.60 -19.33 8.54
N TYR D 47 9.60 -18.11 9.08
CA TYR D 47 8.71 -17.80 10.19
C TYR D 47 7.26 -17.63 9.77
N HIS D 48 6.94 -17.68 8.47
CA HIS D 48 5.55 -17.89 8.08
C HIS D 48 5.06 -19.26 8.52
N TRP D 49 5.98 -20.19 8.78
CA TRP D 49 5.65 -21.55 9.17
C TRP D 49 5.82 -21.82 10.66
N ARG D 50 6.76 -21.13 11.31
CA ARG D 50 6.99 -21.29 12.74
C ARG D 50 7.34 -19.93 13.34
N GLY D 51 7.49 -19.90 14.66
CA GLY D 51 7.86 -18.67 15.33
C GLY D 51 9.15 -18.10 14.78
N ARG D 52 9.17 -16.79 14.58
CA ARG D 52 10.39 -16.10 14.18
C ARG D 52 11.48 -16.29 15.22
N ASP D 53 12.66 -16.70 14.78
CA ASP D 53 13.80 -16.90 15.68
C ASP D 53 14.28 -15.55 16.19
N CYS D 54 14.07 -15.27 17.48
CA CYS D 54 14.50 -14.01 18.04
C CYS D 54 16.02 -13.89 18.08
N ASN D 55 16.75 -14.99 17.92
CA ASN D 55 18.22 -14.94 17.92
C ASN D 55 18.71 -16.07 17.00
N ASP D 56 18.93 -15.74 15.74
CA ASP D 56 19.35 -16.72 14.74
C ASP D 56 20.83 -17.07 14.86
N SER D 57 21.54 -16.54 15.86
CA SER D 57 22.94 -16.88 16.11
C SER D 57 23.11 -17.64 17.42
N ASP D 58 22.05 -18.29 17.90
CA ASP D 58 22.14 -19.11 19.10
C ASP D 58 21.14 -20.26 18.94
N GLU D 59 21.66 -21.46 18.71
CA GLU D 59 20.79 -22.62 18.49
C GLU D 59 19.96 -22.97 19.72
N SER D 60 20.33 -22.46 20.90
CA SER D 60 19.57 -22.71 22.11
C SER D 60 18.54 -21.61 22.38
N VAL D 61 18.29 -20.73 21.42
CA VAL D 61 17.27 -19.70 21.52
C VAL D 61 16.26 -19.94 20.39
N TYR D 62 15.04 -20.30 20.76
CA TYR D 62 14.01 -20.58 19.78
C TYR D 62 12.65 -20.64 20.48
N PRO D 63 11.55 -20.37 19.78
CA PRO D 63 10.24 -20.44 20.42
C PRO D 63 9.96 -21.83 20.99
N GLY D 64 9.21 -21.84 22.09
CA GLY D 64 8.79 -23.08 22.72
C GLY D 64 9.76 -23.63 23.74
N ARG D 65 10.95 -23.05 23.87
CA ARG D 65 11.93 -23.53 24.84
C ARG D 65 11.53 -23.10 26.24
N ARG D 66 11.81 -23.97 27.22
CA ARG D 66 11.73 -23.54 28.61
C ARG D 66 12.80 -22.50 28.87
N PRO D 67 12.53 -21.48 29.68
CA PRO D 67 13.46 -20.36 29.79
C PRO D 67 14.81 -20.79 30.34
N ASN D 68 15.87 -20.28 29.71
CA ASN D 68 17.23 -20.52 30.19
C ASN D 68 17.50 -19.56 31.34
N ASN D 69 17.63 -20.10 32.54
CA ASN D 69 17.85 -19.28 33.74
C ASN D 69 16.74 -18.23 33.87
N TRP D 70 15.51 -18.64 33.57
CA TRP D 70 14.34 -17.78 33.71
C TRP D 70 14.50 -16.48 32.92
N ASP D 71 15.30 -16.52 31.86
CA ASP D 71 15.44 -15.40 30.94
C ASP D 71 15.81 -14.12 31.68
N VAL D 72 16.72 -14.25 32.64
CA VAL D 72 17.21 -13.07 33.35
C VAL D 72 17.97 -12.15 32.40
N HIS D 73 18.77 -12.73 31.50
CA HIS D 73 19.63 -11.95 30.62
C HIS D 73 19.21 -11.99 29.16
N GLN D 74 18.51 -13.04 28.73
CA GLN D 74 18.14 -13.20 27.33
C GLN D 74 16.74 -13.80 27.25
N ASP D 75 16.02 -13.41 26.20
CA ASP D 75 14.73 -14.04 25.88
C ASP D 75 15.03 -15.32 25.10
N SER D 76 15.28 -16.39 25.85
CA SER D 76 15.73 -17.64 25.23
C SER D 76 14.61 -18.40 24.53
N ASN D 77 13.35 -17.99 24.68
CA ASN D 77 12.23 -18.67 24.02
C ASN D 77 11.39 -17.72 23.18
N CYS D 78 11.90 -16.53 22.88
CA CYS D 78 11.35 -15.62 21.87
C CYS D 78 9.92 -15.18 22.15
N ASN D 79 9.41 -15.38 23.36
CA ASN D 79 8.07 -14.92 23.70
C ASN D 79 8.05 -13.49 24.20
N GLY D 80 9.14 -12.75 24.03
CA GLY D 80 9.19 -11.36 24.42
C GLY D 80 9.25 -11.09 25.92
N ILE D 81 9.14 -12.12 26.76
CA ILE D 81 9.15 -11.97 28.21
C ILE D 81 10.55 -12.32 28.70
N TRP D 82 11.22 -11.35 29.31
CA TRP D 82 12.57 -11.57 29.81
C TRP D 82 12.90 -10.47 30.81
N GLY D 83 14.10 -10.53 31.38
CA GLY D 83 14.55 -9.54 32.32
C GLY D 83 14.03 -9.80 33.73
N VAL D 84 14.37 -8.86 34.62
CA VAL D 84 14.06 -8.96 36.04
C VAL D 84 13.25 -7.75 36.46
N ASP D 85 12.29 -7.97 37.36
CA ASP D 85 11.48 -6.88 37.89
C ASP D 85 12.29 -6.12 38.93
N PRO D 86 12.51 -4.81 38.77
CA PRO D 86 13.32 -4.09 39.76
C PRO D 86 12.67 -3.97 41.12
N LYS D 87 11.34 -3.97 41.19
CA LYS D 87 10.67 -3.80 42.48
C LYS D 87 11.04 -4.93 43.45
N ASP D 88 10.84 -6.18 43.03
CA ASP D 88 11.07 -7.33 43.89
C ASP D 88 12.22 -8.21 43.42
N GLY D 89 12.84 -7.88 42.29
CA GLY D 89 13.99 -8.63 41.80
C GLY D 89 13.68 -9.99 41.21
N VAL D 90 12.41 -10.36 41.08
CA VAL D 90 12.04 -11.66 40.53
C VAL D 90 12.13 -11.59 39.01
N PRO D 91 12.55 -12.65 38.32
CA PRO D 91 12.53 -12.62 36.85
C PRO D 91 11.11 -12.60 36.32
N TYR D 92 10.90 -11.79 35.28
CA TYR D 92 9.54 -11.61 34.76
C TYR D 92 8.94 -12.93 34.31
N GLU D 93 9.71 -13.76 33.61
CA GLU D 93 9.16 -15.03 33.12
C GLU D 93 8.84 -15.97 34.27
N LYS D 94 9.54 -15.85 35.40
CA LYS D 94 9.16 -16.61 36.58
C LYS D 94 7.83 -16.11 37.14
N LYS D 95 7.72 -14.79 37.35
CA LYS D 95 6.51 -14.23 37.91
C LYS D 95 5.32 -14.43 36.98
N PHE D 96 5.50 -14.18 35.68
CA PHE D 96 4.38 -14.13 34.76
C PHE D 96 4.05 -15.46 34.11
N CYS D 97 5.04 -16.32 33.85
CA CYS D 97 4.82 -17.55 33.10
C CYS D 97 4.89 -18.82 33.92
N GLU D 98 5.82 -18.90 34.88
CA GLU D 98 5.90 -20.11 35.70
C GLU D 98 4.56 -20.37 36.38
N GLY D 99 4.08 -21.61 36.27
CA GLY D 99 2.79 -21.97 36.80
C GLY D 99 1.63 -21.76 35.84
N SER D 100 1.81 -20.92 34.82
CA SER D 100 0.80 -20.75 33.79
C SER D 100 0.72 -21.94 32.85
N GLN D 101 1.72 -22.81 32.86
CA GLN D 101 1.78 -23.98 31.97
C GLN D 101 1.67 -23.55 30.52
N PRO D 102 2.69 -22.87 29.99
CA PRO D 102 2.68 -22.54 28.56
C PRO D 102 2.71 -23.80 27.70
N ARG D 103 2.39 -23.61 26.42
CA ARG D 103 2.38 -24.71 25.47
C ARG D 103 2.31 -24.14 24.07
N GLY D 104 2.86 -24.90 23.11
CA GLY D 104 2.83 -24.52 21.71
C GLY D 104 1.81 -25.34 20.93
N ILE D 105 1.52 -24.86 19.73
CA ILE D 105 0.64 -25.53 18.79
C ILE D 105 1.49 -26.04 17.64
N ILE D 106 1.35 -27.33 17.33
CA ILE D 106 2.03 -27.97 16.22
C ILE D 106 0.99 -28.60 15.32
N LEU D 107 1.03 -28.28 14.04
CA LEU D 107 0.14 -28.86 13.05
C LEU D 107 0.91 -29.86 12.21
N LEU D 108 0.42 -31.09 12.16
CA LEU D 108 0.92 -32.13 11.25
C LEU D 108 -0.17 -32.31 10.21
N GLY D 109 -0.12 -31.51 9.14
CA GLY D 109 -1.23 -31.46 8.21
C GLY D 109 -0.85 -31.50 6.74
N ASP D 110 -1.83 -31.19 5.89
CA ASP D 110 -1.69 -31.29 4.44
C ASP D 110 -1.92 -29.92 3.80
N ALA D 111 -2.35 -29.91 2.53
CA ALA D 111 -2.56 -28.64 1.83
C ALA D 111 -3.59 -27.78 2.55
N ALA D 112 -4.64 -28.40 3.08
CA ALA D 112 -5.61 -27.64 3.87
C ALA D 112 -4.98 -27.10 5.14
N GLY D 113 -4.11 -27.89 5.78
CA GLY D 113 -3.46 -27.45 7.00
C GLY D 113 -2.57 -26.24 6.77
N ALA D 114 -1.81 -26.25 5.67
CA ALA D 114 -0.93 -25.14 5.33
C ALA D 114 -1.66 -24.02 4.59
N HIS D 115 -2.96 -24.16 4.34
CA HIS D 115 -3.75 -23.15 3.65
C HIS D 115 -3.21 -22.92 2.24
N PHE D 116 -3.25 -23.99 1.44
CA PHE D 116 -2.97 -23.87 0.01
C PHE D 116 -4.02 -22.98 -0.65
N HIS D 117 -3.56 -22.01 -1.43
CA HIS D 117 -4.47 -20.98 -1.95
C HIS D 117 -3.84 -20.33 -3.17
N ILE D 118 -4.43 -20.56 -4.34
CA ILE D 118 -4.09 -19.82 -5.54
C ILE D 118 -5.02 -18.61 -5.61
N SER D 119 -4.46 -17.42 -5.56
CA SER D 119 -5.28 -16.22 -5.53
C SER D 119 -6.07 -16.11 -6.83
N PRO D 120 -7.39 -15.89 -6.78
CA PRO D 120 -8.14 -15.69 -8.03
C PRO D 120 -7.71 -14.46 -8.79
N GLU D 121 -7.17 -13.45 -8.10
CA GLU D 121 -6.69 -12.25 -8.76
C GLU D 121 -5.57 -12.55 -9.75
N TRP D 122 -4.90 -13.69 -9.63
CA TRP D 122 -3.82 -14.05 -10.55
C TRP D 122 -4.33 -14.52 -11.90
N ILE D 123 -5.60 -14.92 -12.00
CA ILE D 123 -6.10 -15.55 -13.21
C ILE D 123 -7.43 -14.95 -13.65
N THR D 124 -7.83 -13.85 -13.01
CA THR D 124 -9.10 -13.18 -13.31
C THR D 124 -8.79 -11.84 -13.96
N ALA D 125 -8.89 -11.80 -15.29
CA ALA D 125 -8.50 -10.60 -16.04
C ALA D 125 -9.40 -9.41 -15.72
N SER D 126 -10.65 -9.65 -15.33
CA SER D 126 -11.58 -8.56 -15.10
C SER D 126 -11.09 -7.61 -14.00
N GLN D 127 -10.35 -8.13 -13.02
CA GLN D 127 -9.84 -7.33 -11.92
C GLN D 127 -8.32 -7.19 -11.96
N MET D 128 -7.65 -7.79 -12.93
CA MET D 128 -6.19 -7.83 -12.93
C MET D 128 -5.62 -6.42 -13.06
N SER D 129 -4.49 -6.20 -12.40
CA SER D 129 -3.86 -4.89 -12.38
C SER D 129 -2.38 -5.06 -12.09
N LEU D 130 -1.64 -3.95 -12.09
CA LEU D 130 -0.21 -3.99 -11.80
C LEU D 130 0.06 -4.64 -10.45
N ASN D 131 -0.86 -4.52 -9.51
CA ASN D 131 -0.67 -4.99 -8.14
C ASN D 131 -1.25 -6.38 -7.89
N SER D 132 -1.75 -7.05 -8.92
CA SER D 132 -2.41 -8.33 -8.72
C SER D 132 -1.42 -9.40 -8.26
N PHE D 133 -0.19 -9.37 -8.79
CA PHE D 133 0.80 -10.41 -8.53
C PHE D 133 1.87 -9.98 -7.53
N ILE D 134 1.59 -8.94 -6.73
CA ILE D 134 2.56 -8.49 -5.74
C ILE D 134 2.90 -9.62 -4.77
N ASN D 135 1.92 -10.46 -4.45
CA ASN D 135 2.08 -11.53 -3.48
C ASN D 135 2.46 -12.86 -4.11
N LEU D 136 2.70 -12.89 -5.42
CA LEU D 136 2.95 -14.16 -6.10
C LEU D 136 4.32 -14.73 -5.72
N PRO D 137 5.38 -13.91 -5.70
CA PRO D 137 6.68 -14.47 -5.29
C PRO D 137 6.66 -15.07 -3.90
N THR D 138 6.04 -14.38 -2.94
CA THR D 138 5.92 -14.92 -1.59
C THR D 138 5.24 -16.29 -1.61
N ALA D 139 4.11 -16.39 -2.32
CA ALA D 139 3.34 -17.62 -2.31
C ALA D 139 4.11 -18.77 -2.97
N LEU D 140 4.88 -18.47 -4.01
CA LEU D 140 5.63 -19.52 -4.69
C LEU D 140 6.76 -20.04 -3.81
N THR D 141 7.41 -19.15 -3.07
CA THR D 141 8.46 -19.56 -2.13
C THR D 141 7.89 -20.18 -0.85
N ASN D 142 6.57 -20.10 -0.65
CA ASN D 142 5.87 -20.86 0.37
C ASN D 142 5.16 -22.08 -0.21
N GLU D 143 5.53 -22.49 -1.42
CA GLU D 143 4.94 -23.67 -2.04
C GLU D 143 3.43 -23.49 -2.23
N LEU D 144 3.03 -22.26 -2.53
CA LEU D 144 1.64 -21.88 -2.73
C LEU D 144 0.80 -22.07 -1.46
N ASP D 145 1.46 -22.17 -0.32
CA ASP D 145 0.79 -22.25 0.97
C ASP D 145 0.84 -20.89 1.66
N TRP D 146 -0.15 -20.65 2.52
CA TRP D 146 -0.25 -19.41 3.28
C TRP D 146 -0.41 -19.75 4.76
N PRO D 147 0.57 -20.44 5.36
CA PRO D 147 0.44 -20.80 6.77
C PRO D 147 0.32 -19.59 7.68
N GLN D 148 0.83 -18.44 7.27
CA GLN D 148 0.73 -17.21 8.05
C GLN D 148 -0.72 -16.73 8.17
N LEU D 149 -1.66 -17.36 7.48
CA LEU D 149 -3.08 -17.04 7.59
C LEU D 149 -3.92 -18.29 7.85
N SER D 150 -3.30 -19.41 8.19
CA SER D 150 -4.03 -20.66 8.34
C SER D 150 -4.87 -20.64 9.61
N GLY D 151 -5.75 -21.64 9.72
CA GLY D 151 -6.61 -21.74 10.88
C GLY D 151 -5.88 -22.20 12.12
N ALA D 152 -4.83 -23.00 11.95
CA ALA D 152 -4.09 -23.52 13.09
C ALA D 152 -3.04 -22.53 13.58
N THR D 153 -2.22 -22.00 12.67
CA THR D 153 -1.03 -21.23 13.05
C THR D 153 -1.02 -19.83 12.43
N GLY D 154 -2.15 -19.37 11.91
CA GLY D 154 -2.18 -18.03 11.34
C GLY D 154 -1.88 -16.98 12.38
N PHE D 155 -1.17 -15.93 11.97
CA PHE D 155 -0.82 -14.85 12.89
C PHE D 155 -0.88 -13.46 12.29
N LEU D 156 -1.14 -13.31 10.99
CA LEU D 156 -1.25 -12.00 10.38
C LEU D 156 -2.68 -11.48 10.48
N ASP D 157 -2.81 -10.16 10.36
CA ASP D 157 -4.14 -9.56 10.22
C ASP D 157 -4.71 -9.96 8.88
N SER D 158 -5.91 -10.53 8.90
CA SER D 158 -6.53 -11.07 7.69
C SER D 158 -7.54 -10.08 7.12
N THR D 159 -7.52 -9.95 5.80
CA THR D 159 -8.51 -9.12 5.11
C THR D 159 -9.87 -9.79 5.03
N VAL D 160 -9.96 -11.08 5.34
CA VAL D 160 -11.25 -11.77 5.34
C VAL D 160 -12.18 -11.09 6.33
N GLY D 161 -13.46 -11.02 5.98
CA GLY D 161 -14.43 -10.36 6.82
C GLY D 161 -15.03 -11.27 7.88
N ILE D 162 -14.19 -11.77 8.78
CA ILE D 162 -14.64 -12.64 9.86
C ILE D 162 -13.81 -12.35 11.10
N LYS D 163 -14.45 -12.45 12.26
CA LYS D 163 -13.82 -12.07 13.52
C LYS D 163 -12.77 -13.09 13.97
N GLU D 164 -13.00 -14.38 13.68
CA GLU D 164 -12.26 -15.44 14.33
C GLU D 164 -10.77 -15.36 14.02
N LYS D 165 -9.98 -15.86 14.96
CA LYS D 165 -8.53 -15.95 14.85
C LYS D 165 -8.10 -17.41 14.73
N SER D 166 -6.80 -17.61 14.56
CA SER D 166 -6.26 -18.96 14.48
C SER D 166 -6.15 -19.59 15.86
N ILE D 167 -5.94 -20.91 15.89
CA ILE D 167 -5.77 -21.60 17.16
C ILE D 167 -4.58 -21.02 17.92
N TYR D 168 -3.50 -20.71 17.20
CA TYR D 168 -2.32 -20.14 17.85
C TYR D 168 -2.67 -18.84 18.56
N LEU D 169 -3.34 -17.91 17.86
CA LEU D 169 -3.61 -16.60 18.46
C LEU D 169 -4.64 -16.70 19.57
N ARG D 170 -5.56 -17.67 19.50
CA ARG D 170 -6.41 -17.95 20.65
C ARG D 170 -5.57 -18.48 21.81
N LEU D 171 -4.63 -19.36 21.52
CA LEU D 171 -3.75 -19.89 22.56
C LEU D 171 -2.90 -18.79 23.17
N TRP D 172 -2.45 -17.84 22.35
CA TRP D 172 -1.71 -16.71 22.88
C TRP D 172 -2.61 -15.80 23.72
N LYS D 173 -3.82 -15.50 23.23
CA LYS D 173 -4.74 -14.68 24.00
C LYS D 173 -4.99 -15.27 25.37
N ARG D 174 -5.14 -16.60 25.45
CA ARG D 174 -5.39 -17.25 26.74
C ARG D 174 -4.16 -17.16 27.64
N ASN D 175 -2.97 -17.32 27.07
CA ASN D 175 -1.72 -17.27 27.83
C ASN D 175 -0.68 -16.58 26.95
N HIS D 176 -0.39 -15.31 27.26
CA HIS D 176 0.51 -14.52 26.42
C HIS D 176 1.93 -15.06 26.40
N CYS D 177 2.27 -15.99 27.30
CA CYS D 177 3.61 -16.58 27.27
C CYS D 177 3.82 -17.48 26.06
N ASN D 178 2.74 -17.88 25.38
CA ASN D 178 2.84 -18.72 24.20
C ASN D 178 3.21 -17.95 22.94
N HIS D 179 3.58 -16.67 23.07
CA HIS D 179 3.93 -15.86 21.92
C HIS D 179 4.98 -16.55 21.05
N ARG D 180 4.66 -16.73 19.78
CA ARG D 180 5.51 -17.29 18.73
C ARG D 180 5.63 -18.81 18.77
N ASP D 181 4.96 -19.48 19.71
CA ASP D 181 5.10 -20.94 19.83
C ASP D 181 4.06 -21.62 18.93
N TYR D 182 4.31 -21.54 17.62
CA TYR D 182 3.52 -22.24 16.63
C TYR D 182 4.45 -22.93 15.64
N GLN D 183 3.98 -24.03 15.07
CA GLN D 183 4.72 -24.76 14.05
C GLN D 183 3.73 -25.39 13.09
N ASN D 184 3.80 -24.99 11.81
CA ASN D 184 2.97 -25.58 10.77
C ASN D 184 3.84 -26.58 10.02
N ILE D 185 3.78 -27.84 10.46
CA ILE D 185 4.55 -28.92 9.85
C ILE D 185 3.66 -29.63 8.85
N SER D 186 3.50 -29.03 7.67
CA SER D 186 2.56 -29.53 6.67
C SER D 186 3.20 -29.50 5.29
N ARG D 187 2.74 -30.42 4.44
CA ARG D 187 3.09 -30.44 3.02
C ARG D 187 1.81 -30.62 2.21
N ASN D 188 1.77 -29.99 1.03
CA ASN D 188 0.59 -30.05 0.19
C ASN D 188 0.14 -31.48 -0.05
N GLY D 189 1.09 -32.39 -0.30
CA GLY D 189 0.76 -33.77 -0.58
C GLY D 189 0.93 -34.70 0.61
N ALA D 190 0.91 -34.12 1.81
CA ALA D 190 1.12 -34.91 3.02
C ALA D 190 -0.06 -35.85 3.26
N SER D 191 0.26 -37.11 3.55
CA SER D 191 -0.72 -38.11 3.95
C SER D 191 -0.17 -38.87 5.15
N SER D 192 -0.97 -39.84 5.64
CA SER D 192 -0.45 -40.75 6.64
C SER D 192 0.68 -41.61 6.10
N ARG D 193 0.75 -41.77 4.77
CA ARG D 193 1.76 -42.65 4.18
C ARG D 193 3.14 -42.02 4.17
N ASN D 194 3.23 -40.71 3.95
CA ASN D 194 4.49 -40.04 3.71
C ASN D 194 4.87 -39.04 4.81
N LEU D 195 4.08 -38.95 5.87
CA LEU D 195 4.43 -38.04 6.96
C LEU D 195 5.80 -38.37 7.53
N LYS D 196 6.23 -39.64 7.44
CA LYS D 196 7.53 -40.04 7.93
C LYS D 196 8.67 -39.35 7.21
N LYS D 197 8.46 -38.88 5.98
CA LYS D 197 9.54 -38.26 5.23
C LYS D 197 9.89 -36.86 5.72
N PHE D 198 9.05 -36.24 6.56
CA PHE D 198 9.35 -34.90 7.05
C PHE D 198 8.93 -34.68 8.50
N ILE D 199 8.56 -35.73 9.24
CA ILE D 199 8.18 -35.52 10.64
C ILE D 199 9.38 -35.07 11.46
N GLU D 200 10.60 -35.42 11.02
CA GLU D 200 11.80 -34.98 11.74
C GLU D 200 11.95 -33.47 11.72
N SER D 201 11.33 -32.78 10.76
CA SER D 201 11.39 -31.33 10.72
C SER D 201 10.72 -30.71 11.95
N LEU D 202 9.87 -31.47 12.63
CA LEU D 202 9.31 -31.03 13.91
C LEU D 202 10.43 -30.65 14.86
N SER D 203 10.24 -29.55 15.59
CA SER D 203 11.21 -29.08 16.56
C SER D 203 10.59 -29.15 17.95
N ARG D 204 11.05 -30.10 18.76
CA ARG D 204 10.63 -30.18 20.15
C ARG D 204 11.52 -31.16 20.91
N ASN D 205 12.21 -30.65 21.93
CA ASN D 205 13.08 -31.48 22.76
C ASN D 205 12.31 -31.94 24.00
N LYS D 206 12.49 -33.22 24.34
CA LYS D 206 11.68 -33.83 25.38
C LYS D 206 11.86 -33.13 26.73
N VAL D 207 13.06 -32.63 27.01
CA VAL D 207 13.39 -32.11 28.34
C VAL D 207 13.32 -30.60 28.39
N LEU D 208 13.84 -29.92 27.37
CA LEU D 208 14.07 -28.48 27.45
C LEU D 208 12.89 -27.64 26.96
N ASP D 209 11.89 -28.24 26.33
CA ASP D 209 10.80 -27.49 25.72
C ASP D 209 9.50 -27.72 26.48
N TYR D 210 8.56 -26.79 26.28
CA TYR D 210 7.24 -26.94 26.84
C TYR D 210 6.47 -28.02 26.10
N PRO D 211 5.43 -28.58 26.71
CA PRO D 211 4.54 -29.47 25.96
C PRO D 211 3.86 -28.73 24.83
N ALA D 212 3.32 -29.50 23.89
CA ALA D 212 2.69 -28.93 22.71
C ALA D 212 1.34 -29.56 22.49
N ILE D 213 0.46 -28.81 21.83
CA ILE D 213 -0.77 -29.35 21.26
C ILE D 213 -0.43 -29.73 19.82
N VAL D 214 -0.46 -31.02 19.52
CA VAL D 214 -0.14 -31.53 18.20
C VAL D 214 -1.44 -31.95 17.54
N ILE D 215 -1.83 -31.25 16.48
CA ILE D 215 -2.99 -31.60 15.69
C ILE D 215 -2.53 -32.46 14.51
N TYR D 216 -3.00 -33.71 14.48
CA TYR D 216 -2.76 -34.60 13.34
C TYR D 216 -3.95 -34.45 12.41
N ALA D 217 -3.74 -33.73 11.29
CA ALA D 217 -4.82 -33.39 10.36
C ALA D 217 -4.41 -33.82 8.94
N MET D 218 -4.39 -35.13 8.72
CA MET D 218 -4.23 -35.70 7.38
C MET D 218 -5.63 -35.92 6.83
N ILE D 219 -6.19 -34.87 6.24
CA ILE D 219 -7.62 -34.82 5.96
C ILE D 219 -7.90 -34.81 4.46
N GLY D 220 -7.30 -35.73 3.71
CA GLY D 220 -7.62 -35.82 2.29
C GLY D 220 -6.74 -36.74 1.48
N ASN D 221 -5.43 -36.56 1.54
CA ASN D 221 -4.52 -37.23 0.61
C ASN D 221 -4.52 -38.74 0.75
N ASP D 222 -5.07 -39.29 1.84
CA ASP D 222 -5.16 -40.74 1.95
C ASP D 222 -6.24 -41.31 1.05
N VAL D 223 -7.25 -40.50 0.71
CA VAL D 223 -8.31 -40.91 -0.21
C VAL D 223 -8.24 -40.17 -1.53
N CYS D 224 -7.44 -39.12 -1.65
CA CYS D 224 -7.43 -38.27 -2.82
C CYS D 224 -6.26 -38.64 -3.74
N SER D 225 -6.54 -38.69 -5.03
CA SER D 225 -5.55 -39.07 -6.03
C SER D 225 -6.01 -38.54 -7.38
N GLY D 226 -5.07 -38.47 -8.32
CA GLY D 226 -5.37 -37.99 -9.66
C GLY D 226 -5.49 -39.12 -10.67
N LYS D 227 -5.19 -40.34 -10.25
CA LYS D 227 -5.22 -41.47 -11.17
C LYS D 227 -6.63 -41.70 -11.72
N SER D 228 -6.70 -42.35 -12.88
CA SER D 228 -7.98 -42.60 -13.52
C SER D 228 -8.88 -43.46 -12.64
N ASP D 229 -8.31 -44.48 -12.00
CA ASP D 229 -9.02 -45.29 -11.02
C ASP D 229 -8.41 -45.01 -9.65
N PRO D 230 -8.93 -44.02 -8.91
CA PRO D 230 -8.29 -43.65 -7.63
C PRO D 230 -8.64 -44.57 -6.47
N VAL D 231 -9.71 -45.35 -6.57
CA VAL D 231 -10.10 -46.23 -5.45
C VAL D 231 -8.95 -47.11 -4.99
N PRO D 232 -8.28 -47.87 -5.87
CA PRO D 232 -7.23 -48.78 -5.38
C PRO D 232 -6.05 -48.08 -4.73
N ALA D 233 -5.82 -46.80 -5.02
CA ALA D 233 -4.70 -46.07 -4.44
C ALA D 233 -5.02 -45.51 -3.06
N MET D 234 -6.27 -45.55 -2.63
CA MET D 234 -6.63 -45.02 -1.33
C MET D 234 -6.07 -45.88 -0.21
N THR D 235 -5.63 -45.23 0.87
CA THR D 235 -5.07 -45.96 2.00
C THR D 235 -6.13 -46.85 2.63
N THR D 236 -5.72 -48.06 3.01
CA THR D 236 -6.61 -48.97 3.70
C THR D 236 -6.65 -48.61 5.19
N PRO D 237 -7.74 -48.96 5.88
CA PRO D 237 -7.78 -48.70 7.34
C PRO D 237 -6.68 -49.40 8.10
N GLU D 238 -6.22 -50.57 7.62
CA GLU D 238 -5.16 -51.28 8.32
C GLU D 238 -3.82 -50.56 8.17
N LYS D 239 -3.49 -50.13 6.95
CA LYS D 239 -2.22 -49.45 6.74
C LYS D 239 -2.20 -48.08 7.40
N LEU D 240 -3.34 -47.39 7.41
CA LEU D 240 -3.44 -46.12 8.12
C LEU D 240 -3.14 -46.32 9.60
N TYR D 241 -3.77 -47.32 10.23
CA TYR D 241 -3.49 -47.63 11.62
C TYR D 241 -2.00 -47.80 11.85
N SER D 242 -1.34 -48.60 11.00
CA SER D 242 0.09 -48.82 11.14
C SER D 242 0.87 -47.53 10.93
N ASN D 243 0.43 -46.68 10.00
CA ASN D 243 1.12 -45.42 9.76
C ASN D 243 0.97 -44.48 10.94
N VAL D 244 -0.25 -44.36 11.47
CA VAL D 244 -0.50 -43.43 12.57
C VAL D 244 0.23 -43.89 13.83
N MET D 245 0.28 -45.21 14.06
CA MET D 245 0.98 -45.71 15.24
C MET D 245 2.47 -45.40 15.17
N GLN D 246 3.07 -45.55 13.99
CA GLN D 246 4.47 -45.18 13.84
C GLN D 246 4.68 -43.70 14.14
N THR D 247 3.76 -42.85 13.69
CA THR D 247 3.87 -41.42 13.95
C THR D 247 3.73 -41.11 15.44
N LEU D 248 2.75 -41.72 16.10
CA LEU D 248 2.53 -41.44 17.51
C LEU D 248 3.67 -41.98 18.36
N LYS D 249 4.22 -43.14 17.98
CA LYS D 249 5.40 -43.66 18.68
C LYS D 249 6.57 -42.71 18.53
N HIS D 250 6.80 -42.20 17.31
CA HIS D 250 7.86 -41.22 17.10
C HIS D 250 7.63 -39.96 17.92
N LEU D 251 6.39 -39.47 17.94
CA LEU D 251 6.08 -38.28 18.72
C LEU D 251 6.33 -38.51 20.20
N ASN D 252 6.03 -39.71 20.70
CA ASN D 252 6.18 -39.98 22.12
C ASN D 252 7.63 -39.92 22.56
N SER D 253 8.58 -40.02 21.63
CA SER D 253 10.00 -39.90 21.94
C SER D 253 10.52 -38.49 21.70
N HIS D 254 9.63 -37.54 21.36
CA HIS D 254 10.02 -36.14 21.17
C HIS D 254 9.18 -35.16 21.95
N LEU D 255 7.96 -35.51 22.35
CA LEU D 255 7.07 -34.56 23.03
C LEU D 255 7.29 -34.63 24.54
N PRO D 256 7.44 -33.48 25.22
CA PRO D 256 7.51 -33.50 26.68
C PRO D 256 6.21 -34.03 27.27
N ASN D 257 6.30 -34.52 28.51
CA ASN D 257 5.09 -34.97 29.20
C ASN D 257 4.13 -33.79 29.34
N GLY D 258 2.84 -34.12 29.44
CA GLY D 258 1.82 -33.11 29.48
C GLY D 258 1.40 -32.59 28.12
N SER D 259 1.80 -33.26 27.04
CA SER D 259 1.41 -32.87 25.69
C SER D 259 0.05 -33.46 25.35
N HIS D 260 -0.53 -32.96 24.26
CA HIS D 260 -1.83 -33.42 23.80
C HIS D 260 -1.78 -33.60 22.29
N VAL D 261 -2.22 -34.77 21.83
CA VAL D 261 -2.30 -35.07 20.40
C VAL D 261 -3.76 -35.21 20.03
N ILE D 262 -4.19 -34.48 19.01
CA ILE D 262 -5.57 -34.46 18.55
C ILE D 262 -5.60 -34.99 17.13
N LEU D 263 -6.32 -36.09 16.92
CA LEU D 263 -6.48 -36.67 15.60
C LEU D 263 -7.73 -36.11 14.93
N TYR D 264 -7.57 -35.61 13.72
CA TYR D 264 -8.68 -35.07 12.94
C TYR D 264 -9.23 -36.13 12.01
N GLY D 265 -10.55 -36.31 12.02
CA GLY D 265 -11.17 -37.18 11.05
C GLY D 265 -11.20 -36.56 9.67
N LEU D 266 -11.44 -37.41 8.67
CA LEU D 266 -11.45 -36.94 7.29
C LEU D 266 -12.81 -36.33 6.94
N PRO D 267 -12.84 -35.43 5.95
CA PRO D 267 -14.11 -34.83 5.55
C PRO D 267 -14.98 -35.79 4.75
N ASP D 268 -16.28 -35.48 4.74
CA ASP D 268 -17.22 -36.08 3.79
C ASP D 268 -17.29 -35.13 2.60
N GLY D 269 -16.50 -35.43 1.57
CA GLY D 269 -16.26 -34.49 0.49
C GLY D 269 -17.30 -34.42 -0.60
N THR D 270 -18.47 -35.05 -0.44
CA THR D 270 -19.50 -34.93 -1.45
C THR D 270 -20.08 -33.53 -1.54
N PHE D 271 -19.92 -32.71 -0.49
CA PHE D 271 -20.46 -31.35 -0.54
C PHE D 271 -19.73 -30.50 -1.58
N LEU D 272 -18.56 -30.93 -2.06
CA LEU D 272 -17.88 -30.20 -3.12
C LEU D 272 -18.70 -30.22 -4.40
N TRP D 273 -18.93 -31.40 -4.95
CA TRP D 273 -19.72 -31.50 -6.18
C TRP D 273 -21.11 -30.89 -5.99
N ASP D 274 -21.76 -31.21 -4.88
CA ASP D 274 -23.14 -30.78 -4.68
C ASP D 274 -23.28 -29.25 -4.73
N ASN D 275 -22.25 -28.53 -4.31
CA ASN D 275 -22.34 -27.08 -4.18
C ASN D 275 -21.63 -26.31 -5.29
N LEU D 276 -20.82 -26.99 -6.11
CA LEU D 276 -19.98 -26.28 -7.08
C LEU D 276 -20.19 -26.72 -8.52
N HIS D 277 -20.65 -27.95 -8.77
CA HIS D 277 -20.60 -28.51 -10.12
C HIS D 277 -21.30 -27.61 -11.14
N ASN D 278 -22.30 -26.85 -10.71
CA ASN D 278 -23.01 -25.94 -11.60
C ASN D 278 -22.61 -24.49 -11.43
N ARG D 279 -21.71 -24.18 -10.51
CA ARG D 279 -21.23 -22.81 -10.36
C ARG D 279 -20.11 -22.54 -11.35
N TYR D 280 -19.83 -21.25 -11.57
CA TYR D 280 -18.84 -20.84 -12.55
C TYR D 280 -17.47 -20.66 -11.91
N HIS D 281 -16.46 -21.27 -12.52
CA HIS D 281 -15.08 -21.07 -12.11
C HIS D 281 -14.66 -19.62 -12.39
N PRO D 282 -13.73 -19.08 -11.60
CA PRO D 282 -13.25 -17.72 -11.89
C PRO D 282 -12.89 -17.49 -13.36
N LEU D 283 -12.29 -18.49 -14.01
CA LEU D 283 -11.97 -18.37 -15.43
C LEU D 283 -13.22 -18.38 -16.31
N GLY D 284 -14.35 -18.85 -15.79
CA GLY D 284 -15.59 -18.89 -16.55
C GLY D 284 -16.61 -17.86 -16.14
N GLN D 285 -16.23 -16.86 -15.34
CA GLN D 285 -17.17 -15.83 -14.90
C GLN D 285 -17.32 -14.69 -15.88
N LEU D 286 -16.34 -14.45 -16.74
CA LEU D 286 -16.42 -13.34 -17.68
C LEU D 286 -17.41 -13.64 -18.81
N ASN D 287 -17.41 -14.87 -19.31
CA ASN D 287 -18.26 -15.27 -20.42
C ASN D 287 -19.20 -16.42 -20.07
N LYS D 288 -19.27 -16.82 -18.80
CA LYS D 288 -20.20 -17.85 -18.35
C LYS D 288 -20.04 -19.13 -19.18
N ASP D 289 -18.79 -19.58 -19.30
CA ASP D 289 -18.47 -20.69 -20.20
C ASP D 289 -17.62 -21.78 -19.53
N MET D 290 -17.52 -21.79 -18.21
CA MET D 290 -16.77 -22.85 -17.53
C MET D 290 -17.30 -23.01 -16.12
N THR D 291 -17.80 -24.20 -15.81
CA THR D 291 -18.24 -24.57 -14.48
C THR D 291 -17.17 -25.42 -13.80
N TYR D 292 -17.34 -25.63 -12.50
CA TYR D 292 -16.46 -26.54 -11.79
C TYR D 292 -16.61 -27.97 -12.29
N ALA D 293 -17.82 -28.33 -12.75
CA ALA D 293 -18.00 -29.65 -13.35
C ALA D 293 -17.09 -29.83 -14.56
N GLN D 294 -17.04 -28.81 -15.44
CA GLN D 294 -16.13 -28.87 -16.57
C GLN D 294 -14.68 -28.92 -16.11
N LEU D 295 -14.34 -28.14 -15.07
CA LEU D 295 -12.99 -28.17 -14.53
C LEU D 295 -12.64 -29.57 -14.06
N TYR D 296 -13.48 -30.17 -13.21
CA TYR D 296 -13.23 -31.51 -12.71
C TYR D 296 -13.02 -32.49 -13.86
N SER D 297 -13.83 -32.38 -14.91
CA SER D 297 -13.73 -33.32 -16.03
C SER D 297 -12.44 -33.11 -16.81
N PHE D 298 -11.99 -31.85 -16.92
CA PHE D 298 -10.72 -31.58 -17.58
C PHE D 298 -9.55 -32.18 -16.81
N LEU D 299 -9.47 -31.90 -15.50
CA LEU D 299 -8.37 -32.43 -14.70
C LEU D 299 -8.37 -33.95 -14.69
N ASN D 300 -9.54 -34.57 -14.52
CA ASN D 300 -9.60 -36.03 -14.46
C ASN D 300 -9.18 -36.66 -15.78
N CYS D 301 -9.61 -36.07 -16.90
CA CYS D 301 -9.17 -36.56 -18.20
C CYS D 301 -7.65 -36.55 -18.31
N LEU D 302 -7.02 -35.48 -17.84
CA LEU D 302 -5.57 -35.37 -17.85
C LEU D 302 -4.91 -36.14 -16.71
N GLN D 303 -5.69 -36.61 -15.72
CA GLN D 303 -5.15 -37.36 -14.59
C GLN D 303 -4.23 -36.47 -13.75
N VAL D 304 -4.69 -35.27 -13.44
CA VAL D 304 -3.92 -34.30 -12.67
C VAL D 304 -4.78 -33.66 -11.60
N SER D 305 -5.96 -34.24 -11.35
CA SER D 305 -6.84 -33.70 -10.34
C SER D 305 -6.26 -33.94 -8.94
N PRO D 306 -6.33 -32.95 -8.04
CA PRO D 306 -5.86 -33.20 -6.67
C PRO D 306 -6.68 -34.23 -5.94
N CYS D 307 -7.97 -34.38 -6.27
CA CYS D 307 -8.82 -35.39 -5.63
C CYS D 307 -9.84 -35.85 -6.66
N HIS D 308 -9.47 -36.87 -7.43
CA HIS D 308 -10.38 -37.43 -8.44
C HIS D 308 -11.62 -38.01 -7.78
N GLY D 309 -11.45 -38.67 -6.63
CA GLY D 309 -12.59 -39.32 -5.98
C GLY D 309 -13.75 -38.39 -5.74
N TRP D 310 -13.47 -37.21 -5.19
CA TRP D 310 -14.52 -36.26 -4.83
C TRP D 310 -14.79 -35.23 -5.92
N MET D 311 -13.79 -34.91 -6.74
CA MET D 311 -13.96 -33.94 -7.83
C MET D 311 -14.35 -34.69 -9.11
N SER D 312 -15.56 -35.25 -9.08
CA SER D 312 -16.02 -36.11 -10.17
C SER D 312 -17.53 -36.05 -10.28
N SER D 313 -18.02 -36.01 -11.52
CA SER D 313 -19.45 -36.16 -11.80
C SER D 313 -19.96 -37.56 -11.48
N ASN D 314 -19.05 -38.51 -11.29
CA ASN D 314 -19.40 -39.92 -11.04
C ASN D 314 -19.81 -40.05 -9.58
N LYS D 315 -21.13 -40.10 -9.35
CA LYS D 315 -21.64 -40.18 -7.98
C LYS D 315 -21.18 -41.45 -7.28
N THR D 316 -21.12 -42.56 -8.02
CA THR D 316 -20.63 -43.81 -7.43
C THR D 316 -19.24 -43.65 -6.86
N LEU D 317 -18.35 -42.99 -7.60
CA LEU D 317 -16.99 -42.77 -7.12
C LEU D 317 -16.99 -41.81 -5.94
N ARG D 318 -17.80 -40.75 -5.99
CA ARG D 318 -17.90 -39.83 -4.87
C ARG D 318 -18.35 -40.54 -3.60
N THR D 319 -19.24 -41.53 -3.75
CA THR D 319 -19.71 -42.27 -2.58
C THR D 319 -18.63 -43.22 -2.06
N LEU D 320 -17.96 -43.94 -2.96
CA LEU D 320 -16.90 -44.83 -2.53
C LEU D 320 -15.77 -44.07 -1.82
N THR D 321 -15.52 -42.83 -2.24
CA THR D 321 -14.47 -42.04 -1.60
C THR D 321 -14.88 -41.64 -0.19
N SER D 322 -16.11 -41.14 -0.03
CA SER D 322 -16.59 -40.78 1.30
C SER D 322 -16.69 -42.00 2.20
N GLU D 323 -17.13 -43.14 1.64
CA GLU D 323 -17.18 -44.38 2.42
C GLU D 323 -15.80 -44.72 2.99
N ARG D 324 -14.76 -44.59 2.16
CA ARG D 324 -13.41 -44.87 2.64
C ARG D 324 -12.99 -43.86 3.70
N ALA D 325 -13.19 -42.57 3.43
CA ALA D 325 -12.84 -41.55 4.41
C ALA D 325 -13.53 -41.82 5.74
N GLU D 326 -14.76 -42.34 5.69
CA GLU D 326 -15.48 -42.66 6.91
C GLU D 326 -14.84 -43.84 7.64
N GLN D 327 -14.38 -44.84 6.88
CA GLN D 327 -13.65 -45.94 7.50
C GLN D 327 -12.37 -45.45 8.15
N LEU D 328 -11.61 -44.62 7.45
CA LEU D 328 -10.35 -44.11 8.00
C LEU D 328 -10.61 -43.21 9.21
N SER D 329 -11.65 -42.38 9.16
CA SER D 329 -11.99 -41.56 10.31
C SER D 329 -12.27 -42.41 11.54
N ASN D 330 -12.98 -43.54 11.34
CA ASN D 330 -13.26 -44.44 12.46
C ASN D 330 -12.00 -45.14 12.94
N THR D 331 -11.07 -45.45 12.04
CA THR D 331 -9.77 -45.98 12.45
C THR D 331 -9.04 -44.97 13.34
N LEU D 332 -9.07 -43.69 12.96
CA LEU D 332 -8.49 -42.66 13.81
C LEU D 332 -9.23 -42.55 15.14
N LYS D 333 -10.53 -42.82 15.13
CA LYS D 333 -11.32 -42.74 16.36
C LYS D 333 -10.96 -43.87 17.32
N LYS D 334 -10.71 -45.08 16.78
CA LYS D 334 -10.34 -46.20 17.64
C LYS D 334 -8.97 -45.98 18.28
N ILE D 335 -8.02 -45.45 17.51
CA ILE D 335 -6.68 -45.22 18.04
C ILE D 335 -6.74 -44.27 19.24
N ALA D 336 -7.45 -43.15 19.08
CA ALA D 336 -7.55 -42.16 20.14
C ALA D 336 -8.28 -42.69 21.36
N ALA D 337 -9.02 -43.79 21.21
CA ALA D 337 -9.84 -44.32 22.30
C ALA D 337 -9.20 -45.47 23.06
N SER D 338 -8.20 -46.15 22.47
CA SER D 338 -7.62 -47.34 23.08
C SER D 338 -6.10 -47.34 23.13
N GLU D 339 -5.42 -46.56 22.31
CA GLU D 339 -3.96 -46.51 22.32
C GLU D 339 -3.48 -45.47 23.33
N LYS D 340 -2.47 -45.86 24.11
CA LYS D 340 -1.98 -45.04 25.21
C LYS D 340 -0.50 -44.74 25.02
N PHE D 341 -0.10 -43.54 25.46
CA PHE D 341 1.27 -43.09 25.34
C PHE D 341 1.65 -42.29 26.59
N THR D 342 2.90 -42.45 27.02
CA THR D 342 3.31 -41.91 28.32
C THR D 342 3.34 -40.39 28.32
N ASN D 343 3.78 -39.78 27.22
CA ASN D 343 4.08 -38.36 27.20
C ASN D 343 2.93 -37.50 26.68
N PHE D 344 1.84 -38.09 26.22
CA PHE D 344 0.72 -37.28 25.75
C PHE D 344 -0.57 -38.08 25.82
N ASN D 345 -1.68 -37.35 25.98
CA ASN D 345 -3.01 -37.92 25.89
C ASN D 345 -3.55 -37.73 24.47
N LEU D 346 -4.32 -38.72 24.01
CA LEU D 346 -4.85 -38.73 22.66
C LEU D 346 -6.31 -38.32 22.64
N PHE D 347 -6.70 -37.64 21.57
CA PHE D 347 -8.08 -37.21 21.37
C PHE D 347 -8.41 -37.30 19.89
N TYR D 348 -9.70 -37.40 19.60
CA TYR D 348 -10.19 -37.47 18.23
C TYR D 348 -11.30 -36.45 18.04
N MET D 349 -11.37 -35.89 16.83
CA MET D 349 -12.35 -34.87 16.51
C MET D 349 -12.83 -35.08 15.07
N ASP D 350 -14.15 -35.04 14.88
CA ASP D 350 -14.71 -35.14 13.55
C ASP D 350 -14.49 -33.84 12.77
N PHE D 351 -14.23 -33.98 11.48
CA PHE D 351 -14.08 -32.80 10.63
C PHE D 351 -15.38 -31.99 10.60
N ALA D 352 -16.50 -32.66 10.43
CA ALA D 352 -17.83 -32.08 10.59
C ALA D 352 -17.94 -30.76 9.84
N PHE D 353 -17.72 -30.81 8.52
CA PHE D 353 -17.85 -29.62 7.71
C PHE D 353 -19.31 -29.19 7.56
N HIS D 354 -20.26 -30.11 7.73
CA HIS D 354 -21.67 -29.72 7.72
C HIS D 354 -21.98 -28.75 8.84
N GLU D 355 -21.33 -28.93 10.00
CA GLU D 355 -21.52 -27.99 11.09
C GLU D 355 -20.90 -26.64 10.78
N ILE D 356 -19.80 -26.63 10.02
CA ILE D 356 -19.23 -25.37 9.54
C ILE D 356 -20.21 -24.68 8.61
N ILE D 357 -20.81 -25.44 7.70
CA ILE D 357 -21.79 -24.88 6.77
C ILE D 357 -22.95 -24.26 7.53
N GLN D 358 -23.48 -24.98 8.50
CA GLN D 358 -24.60 -24.46 9.29
C GLN D 358 -24.22 -23.15 9.96
N GLU D 359 -23.12 -23.15 10.73
CA GLU D 359 -22.64 -21.90 11.32
C GLU D 359 -22.46 -20.83 10.25
N TRP D 360 -21.91 -21.20 9.09
CA TRP D 360 -21.69 -20.23 8.03
C TRP D 360 -23.02 -19.68 7.52
N GLN D 361 -24.05 -20.53 7.44
CA GLN D 361 -25.36 -20.07 6.99
C GLN D 361 -26.08 -19.27 8.08
N LYS D 362 -25.77 -19.52 9.35
CA LYS D 362 -26.26 -18.65 10.41
C LYS D 362 -25.75 -17.23 10.20
N ARG D 363 -24.52 -17.08 9.72
CA ARG D 363 -23.94 -15.77 9.44
C ARG D 363 -24.42 -15.19 8.12
N GLY D 364 -25.31 -15.87 7.40
CA GLY D 364 -25.85 -15.37 6.17
C GLY D 364 -25.11 -15.79 4.91
N GLY D 365 -24.19 -16.75 5.01
CA GLY D 365 -23.39 -17.17 3.88
C GLY D 365 -23.87 -18.47 3.27
N GLN D 366 -23.34 -18.76 2.06
CA GLN D 366 -23.61 -19.97 1.31
C GLN D 366 -22.44 -20.93 1.39
N PRO D 367 -22.69 -22.24 1.34
CA PRO D 367 -21.56 -23.19 1.46
C PRO D 367 -20.52 -23.04 0.36
N TRP D 368 -20.92 -22.71 -0.87
CA TRP D 368 -19.95 -22.60 -1.95
C TRP D 368 -18.90 -21.53 -1.67
N GLN D 369 -19.19 -20.60 -0.77
CA GLN D 369 -18.24 -19.55 -0.41
C GLN D 369 -17.16 -20.02 0.55
N LEU D 370 -17.16 -21.30 0.92
CA LEU D 370 -16.20 -21.85 1.85
C LEU D 370 -15.08 -22.63 1.16
N ILE D 371 -15.04 -22.61 -0.18
CA ILE D 371 -14.10 -23.41 -0.96
C ILE D 371 -13.19 -22.48 -1.74
N GLU D 372 -11.90 -22.84 -1.80
CA GLU D 372 -10.95 -22.14 -2.66
C GLU D 372 -11.50 -22.06 -4.07
N PRO D 373 -11.83 -20.86 -4.57
CA PRO D 373 -12.49 -20.77 -5.88
C PRO D 373 -11.63 -21.24 -7.05
N VAL D 374 -10.30 -21.23 -6.93
CA VAL D 374 -9.46 -21.59 -8.07
C VAL D 374 -9.37 -23.10 -8.22
N ASP D 375 -8.98 -23.80 -7.15
CA ASP D 375 -8.85 -25.26 -7.21
C ASP D 375 -10.16 -25.98 -6.94
N GLY D 376 -11.18 -25.26 -6.48
CA GLY D 376 -12.50 -25.88 -6.27
C GLY D 376 -12.46 -27.11 -5.40
N PHE D 377 -11.57 -27.14 -4.41
CA PHE D 377 -11.46 -28.32 -3.55
C PHE D 377 -11.16 -27.97 -2.10
N HIS D 378 -10.15 -27.12 -1.86
CA HIS D 378 -9.73 -26.89 -0.49
C HIS D 378 -10.67 -25.92 0.22
N PRO D 379 -10.80 -26.03 1.54
CA PRO D 379 -11.41 -24.94 2.30
C PRO D 379 -10.56 -23.69 2.20
N ASN D 380 -11.22 -22.54 2.11
CA ASN D 380 -10.51 -21.28 2.00
C ASN D 380 -10.27 -20.71 3.39
N GLU D 381 -9.79 -19.46 3.45
CA GLU D 381 -9.46 -18.85 4.73
C GLU D 381 -10.67 -18.81 5.65
N VAL D 382 -11.85 -18.49 5.11
CA VAL D 382 -13.06 -18.47 5.92
C VAL D 382 -13.30 -19.83 6.55
N ALA D 383 -13.30 -20.88 5.73
CA ALA D 383 -13.59 -22.23 6.22
C ALA D 383 -12.59 -22.65 7.29
N LEU D 384 -11.30 -22.40 7.05
CA LEU D 384 -10.29 -22.81 8.02
C LEU D 384 -10.42 -22.04 9.33
N LEU D 385 -10.84 -20.78 9.27
CA LEU D 385 -11.03 -20.01 10.49
C LEU D 385 -12.27 -20.45 11.25
N LEU D 386 -13.33 -20.86 10.54
CA LEU D 386 -14.48 -21.44 11.21
C LEU D 386 -14.15 -22.82 11.78
N LEU D 387 -13.29 -23.58 11.09
CA LEU D 387 -12.82 -24.84 11.64
C LEU D 387 -12.02 -24.62 12.91
N ALA D 388 -11.22 -23.55 12.94
CA ALA D 388 -10.51 -23.19 14.17
C ALA D 388 -11.49 -22.85 15.28
N ASP D 389 -12.55 -22.10 14.96
CA ASP D 389 -13.56 -21.79 15.95
C ASP D 389 -14.26 -23.05 16.45
N HIS D 390 -14.62 -23.94 15.53
CA HIS D 390 -15.23 -25.20 15.92
C HIS D 390 -14.29 -26.00 16.81
N PHE D 391 -13.01 -26.07 16.43
CA PHE D 391 -12.02 -26.77 17.25
C PHE D 391 -11.97 -26.18 18.65
N TRP D 392 -11.85 -24.85 18.76
CA TRP D 392 -11.72 -24.22 20.07
C TRP D 392 -12.93 -24.51 20.94
N LYS D 393 -14.13 -24.28 20.41
CA LYS D 393 -15.34 -24.43 21.21
C LYS D 393 -15.57 -25.88 21.62
N LYS D 394 -15.17 -26.85 20.80
CA LYS D 394 -15.36 -28.25 21.16
C LYS D 394 -14.31 -28.72 22.18
N VAL D 395 -13.10 -28.16 22.14
CA VAL D 395 -12.08 -28.51 23.11
C VAL D 395 -12.37 -27.86 24.45
N GLN D 396 -12.83 -26.61 24.45
CA GLN D 396 -13.29 -25.97 25.68
C GLN D 396 -14.37 -26.79 26.36
N LEU D 397 -15.37 -27.22 25.58
CA LEU D 397 -16.50 -27.96 26.14
C LEU D 397 -16.06 -29.31 26.69
N GLN D 398 -15.17 -30.01 26.00
CA GLN D 398 -14.89 -31.41 26.27
C GLN D 398 -13.55 -31.66 26.96
N TRP D 399 -12.49 -30.94 26.59
CA TRP D 399 -11.16 -31.15 27.17
C TRP D 399 -10.53 -29.80 27.47
N PRO D 400 -11.02 -29.10 28.49
CA PRO D 400 -10.41 -27.81 28.85
C PRO D 400 -8.94 -27.90 29.20
N GLN D 401 -8.46 -29.08 29.62
CA GLN D 401 -7.06 -29.21 30.02
C GLN D 401 -6.12 -29.05 28.84
N ILE D 402 -6.58 -29.36 27.62
CA ILE D 402 -5.72 -29.21 26.45
C ILE D 402 -5.28 -27.76 26.30
N LEU D 403 -6.21 -26.83 26.47
CA LEU D 403 -5.93 -25.42 26.24
C LEU D 403 -5.30 -24.74 27.45
N GLY D 404 -5.37 -25.35 28.63
CA GLY D 404 -4.83 -24.73 29.82
C GLY D 404 -5.77 -23.69 30.40
N LYS D 405 -5.22 -22.91 31.32
CA LYS D 405 -5.96 -21.87 32.02
C LYS D 405 -5.55 -20.49 31.51
N GLU D 406 -6.46 -19.53 31.68
CA GLU D 406 -6.14 -18.16 31.32
C GLU D 406 -5.12 -17.58 32.29
N ASN D 407 -4.03 -17.07 31.77
CA ASN D 407 -2.97 -16.51 32.60
C ASN D 407 -3.41 -15.17 33.19
N PRO D 408 -3.67 -15.07 34.49
CA PRO D 408 -4.12 -13.78 35.05
C PRO D 408 -3.08 -12.68 34.95
N PHE D 409 -1.83 -13.01 34.59
CA PHE D 409 -0.78 -12.02 34.41
C PHE D 409 -0.71 -11.49 32.98
N ASN D 410 -1.68 -11.84 32.12
CA ASN D 410 -1.68 -11.31 30.76
C ASN D 410 -1.67 -9.78 30.74
N PRO D 411 -2.52 -9.09 31.50
CA PRO D 411 -2.43 -7.61 31.50
C PRO D 411 -1.06 -7.11 31.91
N GLN D 412 -0.43 -7.71 32.92
CA GLN D 412 0.91 -7.30 33.32
C GLN D 412 1.91 -7.57 32.21
N ILE D 413 1.82 -8.75 31.58
CA ILE D 413 2.67 -9.06 30.43
C ILE D 413 2.54 -7.96 29.38
N LYS D 414 1.31 -7.58 29.06
CA LYS D 414 1.09 -6.55 28.05
C LYS D 414 1.58 -5.19 28.52
N GLN D 415 1.39 -4.88 29.81
CA GLN D 415 1.83 -3.59 30.33
C GLN D 415 3.35 -3.44 30.21
N VAL D 416 4.09 -4.51 30.49
CA VAL D 416 5.54 -4.45 30.51
C VAL D 416 6.14 -4.64 29.13
N PHE D 417 5.64 -5.61 28.36
CA PHE D 417 6.28 -6.01 27.11
C PHE D 417 5.46 -5.67 25.87
N GLY D 418 4.31 -5.02 26.02
CA GLY D 418 3.54 -4.62 24.87
C GLY D 418 3.19 -5.81 23.99
N ASP D 419 3.49 -5.69 22.70
CA ASP D 419 3.24 -6.77 21.74
C ASP D 419 4.29 -7.87 21.79
N GLN D 420 5.21 -7.81 22.76
CA GLN D 420 6.16 -8.89 23.01
C GLN D 420 7.08 -9.15 21.82
N GLY D 421 7.41 -8.09 21.08
CA GLY D 421 8.27 -8.20 19.92
C GLY D 421 7.56 -8.52 18.62
N GLY D 422 6.24 -8.64 18.64
CA GLY D 422 5.50 -8.96 17.43
C GLY D 422 5.90 -10.31 16.85
N HIS D 423 5.41 -10.54 15.64
CA HIS D 423 5.72 -11.77 14.91
C HIS D 423 6.72 -11.48 13.80
C1 NAG E . 14.39 37.75 24.52
C2 NAG E . 13.58 38.08 25.75
C3 NAG E . 13.97 39.47 26.24
C4 NAG E . 15.48 39.59 26.42
C5 NAG E . 16.30 38.93 25.29
C6 NAG E . 17.72 38.63 25.69
C7 NAG E . 11.29 37.34 26.20
C8 NAG E . 9.86 37.39 25.76
N2 NAG E . 12.16 38.03 25.46
O3 NAG E . 13.32 39.72 27.48
O4 NAG E . 15.76 40.99 26.42
O5 NAG E . 15.74 37.67 24.87
O6 NAG E . 18.44 37.99 24.64
O7 NAG E . 11.64 36.70 27.19
H1 NAG E . 14.26 38.45 23.85
H2 NAG E . 13.79 37.44 26.44
H3 NAG E . 13.68 40.13 25.59
H4 NAG E . 15.75 39.20 27.27
H5 NAG E . 16.31 39.53 24.51
H61 NAG E . 17.72 38.06 26.48
H62 NAG E . 18.17 39.48 25.91
H81 NAG E . 9.78 37.04 24.85
H82 NAG E . 9.55 38.32 25.77
H83 NAG E . 9.31 36.86 26.37
HN2 NAG E . 11.84 38.49 24.73
HO3 NAG E . 13.69 40.43 27.86
HO6 NAG E . 19.18 37.61 24.98
C1 NAG E . 16.77 41.61 27.28
C2 NAG E . 16.93 40.89 28.61
C3 NAG E . 18.10 41.50 29.39
C4 NAG E . 18.79 42.63 28.63
C5 NAG E . 19.04 42.31 27.15
C6 NAG E . 20.31 41.51 26.92
C7 NAG E . 15.47 40.17 30.45
C8 NAG E . 14.15 40.37 31.14
N2 NAG E . 15.71 40.96 29.39
O3 NAG E . 19.05 40.47 29.69
O4 NAG E . 18.00 43.81 28.72
O5 NAG E . 17.99 41.56 26.56
O6 NAG E . 20.44 41.14 25.56
O7 NAG E . 16.27 39.33 30.84
H1 NAG E . 16.53 42.53 27.44
H2 NAG E . 17.15 39.95 28.44
H3 NAG E . 17.77 41.84 30.24
H4 NAG E . 19.65 42.80 29.06
H5 NAG E . 19.13 43.15 26.66
H61 NAG E . 20.28 40.70 27.48
H62 NAG E . 21.08 42.05 27.18
H81 NAG E . 13.43 40.21 30.50
H82 NAG E . 14.10 41.29 31.46
H83 NAG E . 14.07 39.76 31.89
HN2 NAG E . 15.08 41.57 29.16
HO3 NAG E . 19.64 40.78 30.28
HO4 NAG E . 18.49 44.51 28.47
HO6 NAG E . 19.97 41.70 25.06
C1 NAG F . 1.33 11.52 -27.87
C2 NAG F . 1.76 12.37 -29.06
C3 NAG F . 2.86 11.65 -29.83
C4 NAG F . 4.00 11.22 -28.92
C5 NAG F . 3.47 10.49 -27.68
C6 NAG F . 4.54 10.28 -26.63
C7 NAG F . 0.37 13.93 -30.34
C8 NAG F . -0.82 14.07 -31.24
N2 NAG F . 0.64 12.68 -29.92
O3 NAG F . 3.36 12.53 -30.83
O4 NAG F . 4.80 10.29 -29.64
O5 NAG F . 2.43 11.25 -27.04
O6 NAG F . 5.11 11.51 -26.20
O7 NAG F . 1.05 14.89 -30.01
H1 NAG F . 0.96 10.67 -28.21
H2 NAG F . 2.14 13.20 -28.70
H3 NAG F . 2.48 10.86 -30.27
H4 NAG F . 4.53 11.99 -28.65
H5 NAG F . 3.11 9.62 -27.94
H61 NAG F . 5.24 9.71 -27.00
H62 NAG F . 4.14 9.82 -25.86
H81 NAG F . -0.68 13.53 -32.04
H82 NAG F . -0.93 15.01 -31.49
H83 NAG F . -1.62 13.76 -30.78
HN2 NAG F . 0.10 12.01 -30.20
HO3 NAG F . 2.69 12.96 -31.22
HO6 NAG F . 5.96 11.38 -26.02
C1 NAG F . 6.15 10.61 -30.09
C2 NAG F . 6.68 12.02 -29.73
C3 NAG F . 8.15 12.14 -30.12
C4 NAG F . 8.96 10.98 -29.52
C5 NAG F . 8.35 9.66 -29.92
C6 NAG F . 9.04 8.46 -29.30
C7 NAG F . 5.87 14.32 -29.95
C8 NAG F . 5.02 15.27 -30.75
N2 NAG F . 5.91 13.06 -30.39
O3 NAG F . 8.67 13.38 -29.66
O4 NAG F . 10.31 11.05 -29.98
O5 NAG F . 6.99 9.60 -29.49
O6 NAG F . 8.09 7.52 -28.80
O7 NAG F . 6.48 14.68 -28.95
H1 NAG F . 6.18 10.50 -31.07
H2 NAG F . 6.61 12.13 -28.77
H3 NAG F . 8.24 12.10 -31.09
H4 NAG F . 8.95 11.07 -28.54
H5 NAG F . 8.38 9.57 -30.90
H61 NAG F . 9.60 8.77 -28.57
H62 NAG F . 9.60 8.03 -29.98
H81 NAG F . 5.36 15.31 -31.67
H82 NAG F . 5.05 16.16 -30.35
H83 NAG F . 4.10 14.96 -30.76
HN2 NAG F . 5.43 12.84 -31.14
HO3 NAG F . 8.20 13.66 -28.95
HO4 NAG F . 10.82 10.52 -29.46
HO6 NAG F . 7.46 7.95 -28.35
C1 NAG G . 22.09 -14.04 20.74
C2 NAG G . 22.24 -12.74 21.52
C3 NAG G . 23.71 -12.40 21.68
C4 NAG G . 24.43 -13.57 22.36
C5 NAG G . 24.21 -14.85 21.56
C6 NAG G . 24.79 -16.06 22.22
C7 NAG G . 20.45 -11.06 21.43
C8 NAG G . 19.84 -9.95 20.64
N2 NAG G . 21.52 -11.64 20.88
O3 NAG G . 23.85 -11.21 22.45
O4 NAG G . 25.81 -13.29 22.48
O5 NAG G . 22.80 -15.09 21.41
O6 NAG G . 25.49 -16.89 21.30
O7 NAG G . 20.01 -11.41 22.52
H1 NAG G . 22.45 -13.92 19.84
H2 NAG G . 21.86 -12.88 22.41
H3 NAG G . 24.10 -12.26 20.79
H4 NAG G . 24.05 -13.68 23.25
H5 NAG G . 24.61 -14.74 20.67
H61 NAG G . 24.06 -16.59 22.63
H62 NAG G . 25.41 -15.79 22.93
H81 NAG G . 20.49 -9.25 20.51
H82 NAG G . 19.06 -9.59 21.12
H83 NAG G . 19.54 -10.30 19.77
HN2 NAG G . 21.82 -11.36 20.08
HO3 NAG G . 23.49 -11.34 23.26
HO6 NAG G . 25.17 -17.72 21.34
C1 NAG G . 26.09 -12.88 23.83
C2 NAG G . 27.58 -13.07 24.09
C3 NAG G . 27.90 -12.68 25.53
C4 NAG G . 27.46 -11.25 25.78
C5 NAG G . 25.99 -11.03 25.39
C6 NAG G . 25.59 -9.58 25.42
C7 NAG G . 28.51 -14.82 22.64
C8 NAG G . 28.88 -16.26 22.51
N2 NAG G . 27.98 -14.44 23.81
O3 NAG G . 29.29 -12.82 25.76
O4 NAG G . 27.63 -10.92 27.16
O5 NAG G . 25.75 -11.50 24.04
O6 NAG G . 24.57 -9.34 26.37
O7 NAG G . 28.66 -14.01 21.72
H1 NAG G . 25.59 -13.43 24.45
H2 NAG G . 28.08 -12.47 23.49
H3 NAG G . 27.40 -13.28 26.13
H4 NAG G . 28.02 -10.64 25.24
H5 NAG G . 25.43 -11.53 26.01
H61 NAG G . 25.27 -9.32 24.53
H62 NAG G . 26.37 -9.04 25.64
H81 NAG G . 28.09 -16.81 22.64
H82 NAG G . 29.55 -16.48 23.18
H83 NAG G . 29.24 -16.42 21.62
HN2 NAG G . 27.89 -15.06 24.46
HO3 NAG G . 29.47 -12.60 26.60
HO4 NAG G . 28.49 -10.94 27.36
HO6 NAG G . 24.20 -8.55 26.21
C1 NAG H . -17.58 -44.49 -11.54
C2 NAG H . -17.39 -45.14 -12.93
C3 NAG H . -17.17 -46.63 -12.80
C4 NAG H . -16.04 -46.93 -11.82
C5 NAG H . -16.32 -46.25 -10.49
C6 NAG H . -15.19 -46.41 -9.50
C7 NAG H . -18.44 -44.14 -14.92
C8 NAG H . -19.72 -43.96 -15.68
N2 NAG H . -18.52 -44.86 -13.79
O3 NAG H . -16.87 -47.18 -14.07
O4 NAG H . -15.92 -48.34 -11.63
O5 NAG H . -16.49 -44.84 -10.70
O6 NAG H . -15.54 -45.89 -8.22
O7 NAG H . -17.38 -43.67 -15.31
H1 NAG H . -18.42 -44.82 -11.16
H2 NAG H . -16.59 -44.75 -13.34
H3 NAG H . -18.00 -47.05 -12.46
H4 NAG H . -15.20 -46.59 -12.20
H5 NAG H . -17.13 -46.63 -10.10
H61 NAG H . -14.41 -45.93 -9.83
H62 NAG H . -14.97 -47.35 -9.41
H81 NAG H . -20.08 -44.84 -15.93
H82 NAG H . -19.55 -43.44 -16.48
H83 NAG H . -20.37 -43.51 -15.11
HN2 NAG H . -19.34 -45.19 -13.55
HO3 NAG H . -16.17 -46.76 -14.42
HO6 NAG H . -15.71 -45.02 -8.29
C1 NAG H . -14.54 -48.74 -11.74
C2 NAG H . -14.48 -50.21 -11.34
C3 NAG H . -13.05 -50.71 -11.43
C4 NAG H . -12.51 -50.47 -12.83
C5 NAG H . -12.66 -49.00 -13.21
C6 NAG H . -12.26 -48.72 -14.64
C7 NAG H . -16.23 -50.88 -9.76
C8 NAG H . -16.62 -51.01 -8.31
N2 NAG H . -15.01 -50.40 -9.99
O3 NAG H . -13.01 -52.09 -11.12
O4 NAG H . -11.13 -50.84 -12.89
O5 NAG H . -14.03 -48.60 -13.08
O6 NAG H . -11.05 -47.99 -14.70
O7 NAG H . -17.00 -51.19 -10.66
H1 NAG H . -14.01 -48.21 -11.13
H2 NAG H . -15.02 -50.72 -11.96
H3 NAG H . -12.50 -50.22 -10.79
H4 NAG H . -13.01 -51.01 -13.46
H5 NAG H . -12.11 -48.46 -12.61
H61 NAG H . -12.96 -48.19 -15.07
H62 NAG H . -12.15 -49.55 -15.11
H81 NAG H . -16.59 -50.14 -7.88
H82 NAG H . -16.00 -51.61 -7.87
H83 NAG H . -17.53 -51.36 -8.24
HN2 NAG H . -14.48 -50.18 -9.28
HO3 NAG H . -12.19 -52.32 -10.83
HO4 NAG H . -11.06 -51.65 -13.25
HO6 NAG H . -10.37 -48.51 -14.43
C1 NAG I . -30.39 43.51 -18.34
C2 NAG I . -31.87 43.16 -18.33
C3 NAG I . -32.62 43.95 -19.40
C4 NAG I . -32.33 45.44 -19.28
C5 NAG I . -30.81 45.68 -19.25
C6 NAG I . -30.44 47.12 -19.01
C7 NAG I . -32.12 40.84 -17.54
C8 NAG I . -32.32 39.41 -17.94
N2 NAG I . -32.07 41.73 -18.54
O3 NAG I . -34.02 43.73 -19.26
O4 NAG I . -32.88 46.15 -20.38
O5 NAG I . -30.23 44.91 -18.19
O6 NAG I . -29.14 47.41 -19.52
O7 NAG I . -32.01 41.18 -16.37
H1 NAG I . -30.00 43.24 -19.20
H2 NAG I . -32.25 43.40 -17.47
H3 NAG I . -32.34 43.65 -20.28
H4 NAG I . -32.71 45.78 -18.45
H5 NAG I . -30.43 45.39 -20.10
H61 NAG I . -30.45 47.29 -18.05
H62 NAG I . -31.09 47.70 -19.44
H81 NAG I . -31.57 39.13 -18.51
H82 NAG I . -33.15 39.33 -18.43
H83 NAG I . -32.34 38.85 -17.13
HN2 NAG I . -32.15 41.43 -19.39
HO3 NAG I . -34.46 44.46 -19.51
HO4 NAG I . -33.77 46.14 -20.32
HO6 NAG I . -29.18 48.15 -20.02
C1 FTT J . 6.06 34.40 -15.37
C2 FTT J . 5.97 35.74 -14.64
C3 FTT J . 5.24 36.78 -15.50
C4 FTT J . 3.76 36.40 -15.66
C5 FTT J . 3.11 37.36 -16.66
C6 FTT J . 1.59 37.36 -16.47
C7 FTT J . 0.99 38.62 -17.07
C8 FTT J . -0.42 38.83 -16.54
C9 FTT J . -1.36 39.26 -17.67
C10 FTT J . -2.38 40.27 -17.16
C11 FTT J . -3.62 40.26 -18.05
C12 FTT J . -4.06 41.67 -18.39
C13 FTT J . -5.55 41.68 -18.72
C14 FTT J . -5.78 42.32 -20.10
O2 FTT J . 5.31 33.45 -15.03
O3 FTT J . 5.34 38.02 -14.88
O1 FTT J . 6.89 34.25 -16.31
H21 FTT J . 6.86 36.06 -14.44
H22 FTT J . 5.48 35.62 -13.81
H3 FTT J . 5.66 36.81 -16.38
H41 FTT J . 3.33 36.48 -14.80
H42 FTT J . 3.70 35.50 -15.99
H51 FTT J . 3.33 37.08 -17.56
H52 FTT J . 3.45 38.26 -16.50
H61 FTT J . 1.38 37.31 -15.53
H62 FTT J . 1.22 36.57 -16.91
H71 FTT J . 0.96 38.53 -18.04
H72 FTT J . 1.54 39.38 -16.84
H81 FTT J . -0.41 39.51 -15.86
H82 FTT J . -0.74 38.00 -16.15
H91 FTT J . -1.82 38.48 -18.02
H92 FTT J . -0.84 39.66 -18.38
H101 FTT J . -1.98 41.16 -17.17
H102 FTT J . -2.63 40.04 -16.24
H111 FTT J . -4.34 39.79 -17.58
H112 FTT J . -3.42 39.78 -18.86
H121 FTT J . -3.55 42.00 -19.15
H122 FTT J . -3.90 42.26 -17.62
H131 FTT J . -6.03 42.20 -18.05
H132 FTT J . -5.88 40.78 -18.73
H141 FTT J . -5.20 41.89 -20.75
H142 FTT J . -5.59 43.27 -20.06
H143 FTT J . -6.70 42.19 -20.36
HO3 FTT J . 5.34 37.93 -14.04
CA CA K . 14.05 34.80 14.29
CA CA L . 14.77 33.61 17.97
CA CA M . 10.20 25.45 26.54
C1 NAG N . 22.84 8.01 18.11
C2 NAG N . 22.58 6.57 18.67
C3 NAG N . 23.75 6.12 19.56
C4 NAG N . 25.07 6.33 18.84
C5 NAG N . 25.17 7.80 18.47
C6 NAG N . 26.45 8.23 17.79
C7 NAG N . 20.19 7.08 18.99
C8 NAG N . 18.99 6.89 19.87
N2 NAG N . 21.33 6.50 19.40
O3 NAG N . 23.59 4.74 19.92
O4 NAG N . 26.17 5.91 19.63
O5 NAG N . 24.11 8.09 17.56
O6 NAG N . 26.26 9.49 17.17
O7 NAG N . 20.13 7.70 17.93
H1 NAG N . 22.75 8.66 18.84
H2 NAG N . 22.54 5.96 17.91
H3 NAG N . 23.75 6.65 20.38
H4 NAG N . 25.06 5.81 18.01
H5 NAG N . 25.04 8.34 19.29
H61 NAG N . 26.68 7.56 17.11
H62 NAG N . 27.16 8.29 18.45
H81 NAG N . 18.22 7.36 19.47
H82 NAG N . 19.17 7.27 20.75
H83 NAG N . 18.79 5.95 19.95
HN2 NAG N . 21.31 6.04 20.19
HO3 NAG N . 22.77 4.61 20.20
HO4 NAG N . 26.47 5.13 19.34
HO6 NAG N . 25.92 10.07 17.75
O1 DAO O . 2.54 22.94 -9.12
C1 DAO O . 3.65 23.02 -9.70
C2 DAO O . 4.53 21.79 -9.85
C3 DAO O . 3.64 20.62 -10.28
C4 DAO O . 4.31 19.31 -9.89
C5 DAO O . 4.21 19.09 -8.38
C6 DAO O . 2.79 18.67 -8.05
C7 DAO O . 2.77 17.81 -6.80
C8 DAO O . 1.39 17.16 -6.66
C9 DAO O . 1.14 16.16 -7.80
C10 DAO O . -0.10 15.34 -7.49
C11 DAO O . -0.56 14.60 -8.74
C12 DAO O . -2.08 14.47 -8.69
H21 DAO O . 4.96 21.59 -9.01
H22 DAO O . 5.20 21.95 -10.54
H31 DAO O . 3.51 20.64 -11.24
H32 DAO O . 2.79 20.69 -9.83
H41 DAO O . 5.26 19.34 -10.15
H42 DAO O . 3.89 18.57 -10.35
H51 DAO O . 4.42 19.92 -7.92
H52 DAO O . 4.82 18.39 -8.11
H61 DAO O . 2.43 18.17 -8.80
H62 DAO O . 2.25 19.46 -7.91
H71 DAO O . 2.94 18.36 -6.02
H72 DAO O . 3.44 17.12 -6.87
H81 DAO O . 0.71 17.84 -6.68
H82 DAO O . 1.35 16.68 -5.81
H91 DAO O . 1.91 15.58 -7.89
H92 DAO O . 1.01 16.66 -8.63
H101 DAO O . -0.81 15.92 -7.17
H102 DAO O . 0.12 14.69 -6.79
H111 DAO O . -0.15 13.72 -8.77
H112 DAO O . -0.30 15.11 -9.53
H121 DAO O . -2.33 13.96 -7.90
H122 DAO O . -2.48 15.35 -8.65
H123 DAO O . -2.39 14.01 -9.49
C1 FTT P . 5.98 26.79 -10.06
C2 FTT P . 5.56 25.37 -10.42
C3 FTT P . 4.14 25.00 -9.95
C4 FTT P . 3.11 26.12 -10.19
C5 FTT P . 1.71 25.55 -10.41
C6 FTT P . 0.98 26.52 -11.34
C7 FTT P . -0.35 25.95 -11.82
C8 FTT P . -1.05 27.08 -12.61
C9 FTT P . -1.84 26.50 -13.78
C10 FTT P . -1.81 27.46 -14.97
C11 FTT P . -2.28 28.89 -14.66
C12 FTT P . -3.53 28.94 -13.76
C13 FTT P . -4.68 29.69 -14.45
C14 FTT P . -5.64 28.67 -15.06
O2 FTT P . 7.04 26.96 -9.39
O3 FTT P . 3.78 23.90 -10.71
O1 FTT P . 5.31 27.79 -10.44
H21 FTT P . 6.19 24.75 -10.02
H22 FTT P . 5.60 25.27 -11.40
H3 FTT P . 4.17 24.77 -9.01
H41 FTT P . 3.38 26.63 -10.96
H42 FTT P . 3.10 26.70 -9.41
H51 FTT P . 1.23 25.48 -9.57
H52 FTT P . 1.76 24.68 -10.84
H61 FTT P . 1.53 26.71 -12.10
H62 FTT P . 0.80 27.35 -10.86
H71 FTT P . -0.90 25.69 -11.07
H72 FTT P . -0.20 25.20 -12.41
H81 FTT P . -0.38 27.69 -12.94
H82 FTT P . -1.65 27.55 -12.01
H91 FTT P . -2.76 26.36 -13.51
H92 FTT P . -1.46 25.65 -14.04
H101 FTT P . -2.37 27.10 -15.68
H102 FTT P . -0.89 27.51 -15.30
H111 FTT P . -2.48 29.34 -15.49
H112 FTT P . -1.56 29.36 -14.21
H121 FTT P . -3.32 29.40 -12.94
H122 FTT P . -3.83 28.03 -13.56
H131 FTT P . -4.31 30.25 -15.16
H132 FTT P . -5.14 30.24 -13.81
H141 FTT P . -5.89 28.03 -14.38
H142 FTT P . -5.22 28.22 -15.80
H143 FTT P . -6.44 29.14 -15.37
C1 FTT Q . 3.19 30.54 -10.31
C2 FTT Q . 1.76 30.02 -10.26
C3 FTT Q . 0.89 30.69 -11.33
C4 FTT Q . -0.49 31.03 -10.73
C5 FTT Q . -1.00 32.37 -11.24
C6 FTT Q . -2.38 32.63 -10.63
C7 FTT Q . -2.72 34.12 -10.68
C8 FTT Q . -3.75 34.47 -9.60
C9 FTT Q . -5.12 34.78 -10.21
C10 FTT Q . -5.69 36.07 -9.62
C11 FTT Q . -6.85 36.53 -10.50
C12 FTT Q . -7.48 37.81 -9.94
C13 FTT Q . -8.27 38.53 -11.03
C14 FTT Q . -9.25 37.58 -11.69
O2 FTT Q . 3.53 31.51 -9.58
O3 FTT Q . 1.51 31.87 -11.78
O1 FTT Q . 4.04 30.00 -11.08
H21 FTT Q . 1.39 30.20 -9.38
H22 FTT Q . 1.77 29.06 -10.42
H3 FTT Q . 0.77 30.08 -12.08
H41 FTT Q . -0.42 31.05 -9.77
H42 FTT Q . -1.12 30.34 -10.99
H51 FTT Q . -1.07 32.36 -12.20
H52 FTT Q . -0.39 33.08 -10.97
H61 FTT Q . -2.39 32.33 -9.71
H62 FTT Q . -3.05 32.14 -11.14
H71 FTT Q . -3.08 34.35 -11.55
H72 FTT Q . -1.91 34.64 -10.53
H81 FTT Q . -3.44 35.24 -9.10
H82 FTT Q . -3.84 33.71 -8.99
H91 FTT Q . -5.73 34.04 -10.04
H92 FTT Q . -5.02 34.89 -11.17
H101 FTT Q . -5.00 36.75 -9.61
H102 FTT Q . -6.00 35.90 -8.72
H111 FTT Q . -7.52 35.84 -10.54
H112 FTT Q . -6.52 36.71 -11.39
H121 FTT Q . -6.78 38.40 -9.60
H122 FTT Q . -8.07 37.58 -9.21
H131 FTT Q . -7.65 38.87 -11.70
H132 FTT Q . -8.75 39.28 -10.64
H141 FTT Q . -9.84 38.08 -12.28
H142 FTT Q . -9.78 37.13 -11.01
H143 FTT Q . -8.77 36.92 -12.21
HO3 FTT Q . 1.63 32.39 -11.11
C1 NAG R . -13.33 -2.04 -29.38
C2 NAG R . -14.83 -1.79 -29.56
C3 NAG R . -15.14 -1.54 -31.04
C4 NAG R . -14.27 -0.42 -31.58
C5 NAG R . -12.80 -0.71 -31.32
C6 NAG R . -11.89 0.43 -31.72
C7 NAG R . -16.51 -2.79 -28.07
C8 NAG R . -17.23 -4.04 -27.69
N2 NAG R . -15.61 -2.90 -29.06
O3 NAG R . -16.52 -1.22 -31.19
O4 NAG R . -14.48 -0.27 -32.99
O5 NAG R . -12.59 -0.93 -29.92
O6 NAG R . -10.53 0.11 -31.46
O7 NAG R . -16.73 -1.71 -27.53
H1 NAG R . -13.08 -2.86 -29.85
H2 NAG R . -15.07 -0.98 -29.07
H3 NAG R . -14.95 -2.36 -31.55
H4 NAG R . -14.52 0.42 -31.14
H5 NAG R . -12.54 -1.52 -31.81
H61 NAG R . -12.12 1.23 -31.21
H62 NAG R . -12.00 0.60 -32.68
H81 NAG R . -16.59 -4.71 -27.38
H82 NAG R . -17.72 -4.39 -28.45
H83 NAG R . -17.86 -3.85 -26.96
HN2 NAG R . -15.49 -3.72 -29.44
HO3 NAG R . -16.82 -1.56 -31.97
HO4 NAG R . -14.46 0.59 -33.20
HO6 NAG R . -10.06 0.86 -31.35
C1 FTT S . 5.14 -31.21 -14.12
C2 FTT S . 5.75 -30.15 -15.05
C3 FTT S . 5.33 -28.74 -14.62
C4 FTT S . 5.26 -27.85 -15.86
C5 FTT S . 4.46 -26.57 -15.64
C6 FTT S . 3.56 -26.29 -16.86
C7 FTT S . 4.36 -25.62 -17.99
C8 FTT S . 3.80 -24.23 -18.32
C9 FTT S . 3.05 -24.22 -19.66
C10 FTT S . 3.44 -22.99 -20.49
C11 FTT S . 2.21 -22.33 -21.12
C12 FTT S . 2.54 -21.92 -22.56
C13 FTT S . 1.61 -20.78 -23.00
C14 FTT S . 1.55 -20.74 -24.53
O2 FTT S . 4.92 -30.93 -12.91
O3 FTT S . 4.09 -28.80 -13.98
O1 FTT S . 4.83 -32.35 -14.56
H21 FTT S . 5.45 -30.32 -15.96
H22 FTT S . 6.72 -30.23 -15.02
H3 FTT S . 5.99 -28.39 -14.01
H41 FTT S . 4.85 -28.36 -16.58
H42 FTT S . 6.16 -27.61 -16.12
H51 FTT S . 5.06 -25.82 -15.51
H52 FTT S . 3.90 -26.67 -14.86
H61 FTT S . 2.84 -25.70 -16.59
H62 FTT S . 3.20 -27.13 -17.19
H71 FTT S . 4.33 -26.17 -18.78
H72 FTT S . 5.29 -25.52 -17.71
H81 FTT S . 4.54 -23.59 -18.37
H82 FTT S . 3.19 -23.95 -17.62
H91 FTT S . 2.10 -24.19 -19.50
H92 FTT S . 3.28 -25.02 -20.15
H101 FTT S . 4.06 -23.26 -21.19
H102 FTT S . 3.88 -22.34 -19.92
H111 FTT S . 1.97 -21.54 -20.61
H112 FTT S . 1.47 -22.96 -21.12
H121 FTT S . 2.40 -22.68 -23.15
H122 FTT S . 3.46 -21.62 -22.62
H131 FTT S . 1.96 -19.93 -22.66
H132 FTT S . 0.72 -20.93 -22.64
H141 FTT S . 1.34 -21.62 -24.86
H142 FTT S . 2.40 -20.45 -24.87
H143 FTT S . 0.86 -20.11 -24.80
HO3 FTT S . 4.05 -28.18 -13.39
CA CA T . 17.58 -20.22 13.63
CA CA U . 18.01 -19.43 17.49
CA CA V . 11.02 -15.45 27.50
C1 NAG W . 4.51 -35.67 33.44
C2 NAG W . 3.41 -35.25 34.44
C3 NAG W . 3.47 -36.10 35.71
C4 NAG W . 3.82 -37.53 35.34
C5 NAG W . 5.26 -37.58 34.84
C6 NAG W . 5.52 -38.72 33.88
C7 NAG W . 2.88 -33.26 35.79
C8 NAG W . 3.13 -31.79 35.98
N2 NAG W . 3.54 -33.83 34.77
O3 NAG W . 2.21 -36.06 36.37
O4 NAG W . 3.70 -38.37 36.48
O5 NAG W . 5.60 -36.36 34.16
O6 NAG W . 6.91 -39.03 33.80
O7 NAG W . 2.13 -33.88 36.53
H1 NAG W . 4.87 -34.88 33.01
H2 NAG W . 2.54 -35.40 34.02
H3 NAG W . 4.17 -35.74 36.30
H4 NAG W . 3.23 -37.85 34.64
H5 NAG W . 5.85 -37.68 35.61
H61 NAG W . 5.20 -38.47 32.99
H62 NAG W . 5.04 -39.51 34.18
H81 NAG W . 2.86 -31.31 35.18
H82 NAG W . 4.08 -31.63 36.15
H83 NAG W . 2.61 -31.47 36.74
HN2 NAG W . 4.08 -33.32 34.26
HO3 NAG W . 2.33 -36.29 37.22
HO4 NAG W . 3.08 -38.04 37.03
HO6 NAG W . 7.05 -39.59 33.13
O1 DAO X . -4.52 -30.15 -2.50
C1 DAO X . -3.73 -31.13 -2.51
C2 DAO X . -4.03 -32.31 -1.60
C3 DAO X . -5.54 -32.49 -1.52
C4 DAO X . -5.95 -33.37 -0.33
C5 DAO X . -5.55 -32.73 1.01
C6 DAO X . -6.42 -31.51 1.31
C7 DAO X . -7.59 -31.96 2.16
C8 DAO X . -8.68 -30.89 2.16
C9 DAO X . -10.02 -31.56 1.89
C10 DAO X . -11.07 -30.48 1.61
C11 DAO X . -12.36 -31.15 1.12
C12 DAO X . -13.45 -30.10 1.02
H21 DAO X . -3.67 -32.13 -0.71
H22 DAO X . -3.62 -33.11 -1.97
H31 DAO X . -5.86 -32.91 -2.33
H32 DAO X . -5.97 -31.62 -1.43
H41 DAO X . -5.51 -34.22 -0.41
H42 DAO X . -6.91 -33.49 -0.34
H51 DAO X . -4.62 -32.46 0.98
H52 DAO X . -5.67 -33.38 1.72
H61 DAO X . -6.73 -31.11 0.48
H62 DAO X . -5.89 -30.85 1.80
H71 DAO X . -7.30 -32.12 3.06
H72 DAO X . -7.96 -32.77 1.78
H81 DAO X . -8.50 -30.23 1.47
H82 DAO X . -8.71 -30.45 3.03
H91 DAO X . -10.29 -32.07 2.66
H92 DAO X . -9.94 -32.14 1.11
H101 DAO X . -10.74 -29.88 0.93
H102 DAO X . -11.25 -29.99 2.42
H111 DAO X . -12.63 -31.85 1.74
H112 DAO X . -12.21 -31.55 0.24
H121 DAO X . -13.60 -29.72 1.90
H122 DAO X . -13.17 -29.40 0.40
H123 DAO X . -14.27 -30.51 0.70
C1 FTT Y . 0.54 -30.85 -4.23
C2 FTT Y . -0.90 -31.04 -4.67
C3 FTT Y . -1.86 -30.56 -3.58
C4 FTT Y . -2.21 -29.07 -3.74
C5 FTT Y . -3.35 -28.85 -4.74
C6 FTT Y . -2.82 -28.75 -6.17
C7 FTT Y . -3.86 -28.09 -7.05
C8 FTT Y . -3.71 -28.65 -8.47
C9 FTT Y . -4.82 -28.10 -9.35
C10 FTT Y . -4.22 -27.67 -10.69
C11 FTT Y . -5.32 -27.20 -11.64
C12 FTT Y . -5.92 -25.89 -11.12
C13 FTT Y . -5.60 -24.72 -12.05
C14 FTT Y . -6.88 -24.26 -12.73
O2 FTT Y . 1.02 -31.55 -3.30
O3 FTT Y . -3.02 -31.34 -3.65
O1 FTT Y . 1.27 -29.98 -4.80
H21 FTT Y . -1.06 -31.97 -4.85
H22 FTT Y . -1.05 -30.52 -5.48
H3 FTT Y . -1.44 -30.69 -2.71
H41 FTT Y . -1.42 -28.60 -4.07
H42 FTT Y . -2.47 -28.71 -2.88
H51 FTT Y . -3.80 -28.02 -4.52
H52 FTT Y . -3.98 -29.58 -4.69
H61 FTT Y . -2.63 -29.64 -6.49
H62 FTT Y . -2.00 -28.23 -6.17
H71 FTT Y . -3.71 -27.13 -7.07
H72 FTT Y . -4.74 -28.28 -6.72
H81 FTT Y . -3.77 -29.62 -8.43
H82 FTT Y . -2.84 -28.39 -8.83
H91 FTT Y . -5.23 -27.33 -8.92
H92 FTT Y . -5.49 -28.78 -9.49
H101 FTT Y . -3.74 -28.42 -11.08
H102 FTT Y . -3.58 -26.94 -10.53
H111 FTT Y . -6.00 -27.88 -11.69
H112 FTT Y . -4.93 -27.05 -12.52
H121 FTT Y . -5.57 -25.71 -10.24
H122 FTT Y . -6.88 -25.99 -11.06
H131 FTT Y . -4.96 -25.01 -12.71
H132 FTT Y . -5.21 -24.00 -11.53
H141 FTT Y . -6.70 -23.43 -13.21
H142 FTT Y . -7.56 -24.10 -12.07
H143 FTT Y . -7.17 -24.93 -13.36
C1 FTT Z . 0.90 -27.69 -7.98
C2 FTT Z . -0.07 -26.52 -8.02
C3 FTT Z . -0.22 -26.02 -9.46
C4 FTT Z . -0.93 -24.66 -9.43
C5 FTT Z . -0.45 -23.71 -10.54
C6 FTT Z . -0.02 -22.38 -9.94
C7 FTT Z . -0.46 -21.23 -10.84
C8 FTT Z . 0.17 -19.93 -10.35
C9 FTT Z . -0.56 -18.74 -10.95
C10 FTT Z . 0.39 -17.91 -11.82
C11 FTT Z . -0.42 -17.10 -12.83
C12 FTT Z . 0.53 -16.41 -13.80
C13 FTT Z . -0.05 -16.45 -15.22
C14 FTT Z . -1.40 -15.75 -15.27
O2 FTT Z . 1.05 -28.33 -6.90
O3 FTT Z . 1.05 -25.94 -10.04
O1 FTT Z . 1.56 -28.01 -9.00
H21 FTT Z . 0.26 -25.80 -7.46
H22 FTT Z . -0.94 -26.82 -7.69
H3 FTT Z . -0.76 -26.65 -9.96
H41 FTT Z . -0.78 -24.24 -8.58
H42 FTT Z . -1.88 -24.80 -9.55
H51 FTT Z . -1.17 -23.57 -11.18
H52 FTT Z . 0.30 -24.11 -11.00
H61 FTT Z . 0.94 -22.36 -9.83
H62 FTT Z . -0.44 -22.27 -9.06
H71 FTT Z . -1.43 -21.15 -10.81
H72 FTT Z . -0.18 -21.41 -11.75
H81 FTT Z . 1.10 -19.91 -10.61
H82 FTT Z . 0.12 -19.89 -9.38
H91 FTT Z . -0.91 -18.18 -10.24
H92 FTT Z . -1.30 -19.05 -11.49
H101 FTT Z . 1.00 -18.51 -12.29
H102 FTT Z . 0.91 -17.31 -11.26
H111 FTT Z . -0.95 -16.45 -12.36
H112 FTT Z . -1.00 -17.71 -13.32
H121 FTT Z . 1.39 -16.85 -13.80
H122 FTT Z . 0.64 -15.48 -13.54
H131 FTT Z . -0.16 -17.38 -15.49
H132 FTT Z . 0.56 -16.02 -15.83
H141 FTT Z . -1.70 -15.66 -16.18
H142 FTT Z . -1.32 -14.87 -14.87
H143 FTT Z . -2.06 -16.26 -14.76
HO3 FTT Z . 1.49 -25.32 -9.66
#